data_5SXA
#
_entry.id   5SXA
#
_cell.length_a   115.225
_cell.length_b   117.367
_cell.length_c   152.057
_cell.angle_alpha   90.000
_cell.angle_beta   90.000
_cell.angle_gamma   90.000
#
_symmetry.space_group_name_H-M   'P 21 21 21'
#
loop_
_entity.id
_entity.type
_entity.pdbx_description
1 polymer 'Phosphatidylinositol 4,5-bisphosphate 3-kinase catalytic subunit alpha isoform'
2 polymer 'Phosphatidylinositol 3-kinase regulatory subunit alpha'
3 non-polymer 2-(trifluoromethyl)-1H-benzimidazol-5-amine
#
loop_
_entity_poly.entity_id
_entity_poly.type
_entity_poly.pdbx_seq_one_letter_code
_entity_poly.pdbx_strand_id
1 'polypeptide(L)'
;MSYYHHHHHHDYDIPTTENLYFQGAMGSMPPRPS(SEP)GELWGIHLMPPRILVECLLPNGMIVTLECLREATLITIKHE
LFKEARKYPLHQLLQDESSYIFVSVTQEAEREEFFDETRRLCDLRLFQPFLKVIEPVGNREEKILNREIGFAIGMPVCEF
DMVKDPEVQDFRRNILNVCKEAVDLRDLN(SEP)PHSRAMYVYPPNVESSPELPKHIYNKLDKGQIIVVIWVIVSPNNDK
QKYTLKINHDCVPEQVIAEAIRKKTRSMLLSSEQLKLCVLEYQGKYILKVCGCDEYFLEKYPLSQYKYIRSCIMLGRMPN
LMLMAKESLYSQLPMDCFTMPSYSRRISTATPYMNGETSTKSLWVINSALRIKILCATYVNVNIRDIDKIYVRTGIYHGG
EPLCDNVNTQRVPCSNPRWNEWLNYDIYIPDLPRAARLCLSICSVKGRKGAKEEHCPLAWGNINLFDYTDTLVSGKMALN
LWPVPHGLEDLLNPIGVTGSNPNKETPCLELEFDWFSSVVKFPDMSVIEEHANWSVSREAGFSYSHAGLSNRLARDNELR
ENDKEQLKAISTRDPLSEITEQEKDFLWSHRHYCVTIPEILPKLLLSVKWNSRDEVAQMYCLVKDWPPIKPEQAMELLDC
NYPDPMVRGFAVRCLEKYLTDDKLSQYLIQLVQVLKYEQYLDNLLVRFLLKKALTNQRIGHFFFWHLKSEMHNKTVSQRF
GLLLESYCRACGMYLKHLNRQVEAMEKLINLTDILKQEKKDETQKVQMKFLVEQMRRPDFMDALQGFLSPLNPAHQLGNL
RLEECRIMSSAKRPLWLNWENPDIM(SEP)ELLFQNNEIIFKNGDDLRQDMLTLQIIRIMENIWQNQGLDLRMLPYGCLS
IGDCVGLIEVVRNSHTIMQIQCKGGLKGALQFNSHTLHQWLKDKNKGEIYDAAIDLFTRSCAGYCVATFILGIGDRHNSN
IMVKDDGQLFHIDFGHFLDHKKKKFGYKRERVPFVLTQDFLIVISKGAQECTKTREFERFQEMCYKAYLAIRQHANLFIN
LFSMMLGSGMPELQSFDDIAYIRKTLALDKTEQEALEYFMKQMNDAHHGGWTTKMDWIFHTIKQHALN
;
A
2 'polypeptide(L)'
;MNNNMSLQDAEWYWGDISREEVNEKLRDTADGTFLVRDASTKMHGDYTLTLRKGGNNKLIKIFHRDGKYGFSDPLTFSSV
VELINHYRNESLAQYNPKLDVKLLYPVSKYQQDQVVKEDNIEAVGKKLHEYNTQFQEKSREYDRLYEEYTRTSQEIQMKR
TAIEAFNETIKIFEEQCQTQERYSKEYIEKFKREGNEKEIQRIMHNYDKLKSRISEIIDSRRRLEEDLKKQAAEYREIDK
RMNSIKPDLIQLRKTRDQYLMWLTQKGVRQKKLNEWLGN
;
B
#
loop_
_chem_comp.id
_chem_comp.type
_chem_comp.name
_chem_comp.formula
71N non-polymer 2-(trifluoromethyl)-1H-benzimidazol-5-amine 'C8 H6 F3 N3'
#
# COMPACT_ATOMS: atom_id res chain seq x y z
N SER A 2 16.08 3.27 51.28
CA SER A 2 17.52 3.37 50.90
C SER A 2 17.80 3.22 49.40
N TYR A 3 16.74 3.07 48.59
CA TYR A 3 16.85 2.64 47.20
C TYR A 3 16.98 3.85 46.28
N TYR A 4 16.11 4.83 46.47
CA TYR A 4 16.02 5.99 45.60
C TYR A 4 16.52 7.28 46.28
N HIS A 5 17.48 7.15 47.20
CA HIS A 5 17.92 8.26 48.06
C HIS A 5 16.72 9.10 48.59
N HIS A 6 15.65 8.40 48.95
CA HIS A 6 14.42 8.98 49.51
C HIS A 6 13.78 10.12 48.70
N HIS A 7 14.10 10.21 47.41
CA HIS A 7 13.61 11.31 46.58
C HIS A 7 12.20 10.99 46.07
N HIS A 8 11.23 11.81 46.51
CA HIS A 8 9.85 11.68 46.10
C HIS A 8 9.66 12.16 44.67
N HIS A 9 8.73 11.53 43.97
CA HIS A 9 8.24 12.00 42.67
C HIS A 9 6.83 12.49 42.93
N HIS A 10 6.67 13.80 42.95
CA HIS A 10 5.38 14.42 43.25
C HIS A 10 4.48 14.38 42.01
N ASP A 11 5.07 14.72 40.86
CA ASP A 11 4.40 14.68 39.55
C ASP A 11 3.69 13.36 39.25
N TYR A 12 4.26 12.23 39.68
CA TYR A 12 3.66 10.90 39.52
C TYR A 12 2.36 10.75 40.32
N ASP A 13 1.41 10.04 39.73
CA ASP A 13 0.15 9.69 40.36
C ASP A 13 -0.41 8.53 39.53
N ILE A 14 -0.90 7.48 40.18
CA ILE A 14 -1.45 6.32 39.46
C ILE A 14 -2.82 6.50 38.76
N PRO A 15 -3.73 7.39 39.27
CA PRO A 15 -5.11 7.29 38.76
C PRO A 15 -5.27 7.77 37.31
N THR A 16 -5.57 6.83 36.41
CA THR A 16 -5.51 7.01 34.93
C THR A 16 -4.15 7.60 34.48
N THR A 17 -3.10 7.26 35.23
CA THR A 17 -1.76 7.88 35.14
C THR A 17 -1.73 9.31 34.56
N LEU A 20 -3.82 11.27 30.56
CA LEU A 20 -4.63 10.20 30.00
C LEU A 20 -3.76 9.01 29.55
N TYR A 21 -2.77 8.66 30.36
CA TYR A 21 -1.78 7.61 30.02
C TYR A 21 -2.40 6.22 30.04
N GLN A 23 -2.82 2.91 28.01
CA GLN A 23 -2.60 1.78 27.11
C GLN A 23 -1.40 0.91 27.52
N GLY A 24 -0.44 1.49 28.25
CA GLY A 24 0.76 0.77 28.69
C GLY A 24 0.50 -0.03 29.95
N PRO A 31 -5.39 2.22 16.67
CA PRO A 31 -5.53 3.36 15.75
C PRO A 31 -6.91 4.03 15.84
N ARG A 32 -7.98 3.23 15.74
CA ARG A 32 -9.38 3.65 15.92
C ARG A 32 -9.67 5.16 15.89
N SEP A 35 -17.52 4.66 12.95
CA SEP A 35 -18.36 4.17 14.03
CB SEP A 35 -19.22 5.32 14.57
OG SEP A 35 -18.54 5.98 15.65
C SEP A 35 -19.17 2.99 13.55
O SEP A 35 -19.04 2.57 12.38
P SEP A 35 -18.23 5.30 17.09
O1P SEP A 35 -16.82 4.78 16.96
O2P SEP A 35 -18.33 6.45 18.06
O3P SEP A 35 -19.28 4.23 17.27
N GLY A 36 -19.99 2.44 14.45
CA GLY A 36 -20.71 1.20 14.18
C GLY A 36 -22.06 1.30 13.51
N GLU A 37 -23.10 0.82 14.19
CA GLU A 37 -24.46 0.66 13.61
C GLU A 37 -25.36 1.87 13.77
N LEU A 38 -25.15 2.61 14.85
CA LEU A 38 -25.69 3.96 15.02
C LEU A 38 -24.56 4.90 15.38
N TRP A 39 -24.83 6.19 15.36
CA TRP A 39 -23.82 7.17 15.74
C TRP A 39 -23.50 7.03 17.23
N GLY A 40 -22.21 6.97 17.55
CA GLY A 40 -21.74 6.90 18.93
C GLY A 40 -21.90 5.58 19.65
N ILE A 41 -22.58 4.61 19.03
CA ILE A 41 -22.90 3.34 19.68
C ILE A 41 -22.76 2.21 18.66
N HIS A 42 -21.95 1.20 18.99
CA HIS A 42 -21.50 0.16 18.04
C HIS A 42 -22.62 -0.79 17.62
N LEU A 43 -23.31 -1.30 18.63
CA LEU A 43 -24.27 -2.36 18.47
C LEU A 43 -25.61 -1.82 18.93
N MET A 44 -26.57 -1.73 18.01
CA MET A 44 -27.88 -1.19 18.39
C MET A 44 -28.62 -2.25 19.20
N PRO A 45 -29.24 -1.83 20.33
CA PRO A 45 -30.07 -2.72 21.14
C PRO A 45 -31.12 -3.48 20.36
N PRO A 46 -31.42 -4.72 20.80
CA PRO A 46 -32.19 -5.70 20.01
C PRO A 46 -33.60 -5.26 19.60
N ARG A 47 -34.30 -4.55 20.49
CA ARG A 47 -35.49 -3.78 20.14
C ARG A 47 -35.05 -2.33 20.19
N ILE A 48 -35.57 -1.52 19.28
CA ILE A 48 -35.21 -0.10 19.22
C ILE A 48 -36.40 0.73 18.73
N LEU A 49 -36.46 1.99 19.18
CA LEU A 49 -37.50 2.94 18.78
C LEU A 49 -37.10 3.73 17.54
N VAL A 50 -37.86 3.55 16.45
CA VAL A 50 -37.55 4.13 15.15
C VAL A 50 -38.70 5.05 14.68
N GLU A 51 -38.45 6.36 14.72
CA GLU A 51 -39.41 7.35 14.21
C GLU A 51 -39.63 7.16 12.72
N CYS A 52 -40.89 7.04 12.31
CA CYS A 52 -41.26 6.90 10.90
C CYS A 52 -42.04 8.13 10.43
N LEU A 53 -41.40 8.90 9.55
CA LEU A 53 -41.95 10.15 9.02
C LEU A 53 -42.67 9.81 7.70
N LEU A 54 -43.90 10.32 7.53
CA LEU A 54 -44.71 10.04 6.32
C LEU A 54 -45.07 11.30 5.48
N PRO A 55 -45.65 11.10 4.26
CA PRO A 55 -46.30 12.22 3.54
C PRO A 55 -47.47 12.91 4.30
N ASN A 56 -48.00 12.26 5.33
CA ASN A 56 -49.01 12.84 6.22
C ASN A 56 -48.47 14.01 7.04
N GLY A 57 -47.24 13.88 7.53
CA GLY A 57 -46.68 14.78 8.54
C GLY A 57 -46.73 14.17 9.93
N MET A 58 -47.18 12.92 10.03
CA MET A 58 -47.30 12.19 11.30
C MET A 58 -46.03 11.37 11.54
N ILE A 59 -45.40 11.56 12.72
CA ILE A 59 -44.15 10.85 13.07
C ILE A 59 -44.39 9.70 14.06
N VAL A 60 -44.87 8.58 13.52
CA VAL A 60 -45.31 7.43 14.33
C VAL A 60 -44.08 6.61 14.74
N THR A 61 -43.81 6.54 16.05
CA THR A 61 -42.60 5.89 16.55
C THR A 61 -42.82 4.37 16.69
N LEU A 62 -42.26 3.57 15.79
CA LEU A 62 -42.30 2.09 15.90
C LEU A 62 -41.15 1.55 16.75
N GLU A 63 -41.41 0.44 17.44
CA GLU A 63 -40.35 -0.35 18.07
C GLU A 63 -40.17 -1.62 17.27
N CYS A 64 -39.15 -1.62 16.43
CA CYS A 64 -38.83 -2.77 15.60
C CYS A 64 -37.54 -3.41 16.11
N LEU A 65 -37.19 -4.56 15.53
CA LEU A 65 -36.01 -5.30 15.92
C LEU A 65 -34.79 -4.87 15.12
N ARG A 66 -33.66 -4.75 15.82
CA ARG A 66 -32.34 -4.48 15.23
C ARG A 66 -32.15 -5.18 13.87
N GLU A 67 -32.53 -6.45 13.81
CA GLU A 67 -32.25 -7.32 12.66
C GLU A 67 -33.44 -7.48 11.72
N ALA A 68 -34.44 -6.60 11.83
CA ALA A 68 -35.64 -6.72 11.03
C ALA A 68 -35.43 -6.02 9.69
N THR A 69 -35.95 -6.64 8.63
CA THR A 69 -35.86 -6.12 7.26
C THR A 69 -36.68 -4.84 7.09
N LEU A 70 -36.42 -4.07 6.02
CA LEU A 70 -37.31 -2.95 5.66
C LEU A 70 -38.69 -3.46 5.19
N ILE A 71 -38.73 -4.63 4.53
CA ILE A 71 -40.02 -5.28 4.17
C ILE A 71 -40.90 -5.46 5.40
N THR A 72 -40.28 -5.88 6.50
CA THR A 72 -41.00 -6.13 7.74
C THR A 72 -41.49 -4.82 8.36
N ILE A 73 -40.63 -3.81 8.47
CA ILE A 73 -41.02 -2.56 9.16
C ILE A 73 -42.00 -1.77 8.27
N LYS A 74 -41.89 -1.92 6.95
CA LYS A 74 -42.88 -1.35 6.02
C LYS A 74 -44.26 -2.01 6.24
N HIS A 75 -44.35 -3.33 6.07
CA HIS A 75 -45.63 -4.05 6.21
C HIS A 75 -46.20 -4.07 7.65
N GLU A 76 -45.43 -3.55 8.61
CA GLU A 76 -45.93 -3.20 9.95
C GLU A 76 -46.24 -1.70 10.08
N LEU A 77 -45.50 -0.83 9.38
CA LEU A 77 -45.85 0.61 9.35
C LEU A 77 -47.09 0.87 8.50
N PHE A 78 -47.35 0.02 7.50
CA PHE A 78 -48.62 0.01 6.75
C PHE A 78 -49.80 -0.22 7.69
N LYS A 79 -49.71 -1.27 8.51
CA LYS A 79 -50.79 -1.64 9.43
C LYS A 79 -50.99 -0.65 10.59
N GLU A 80 -49.90 -0.09 11.11
CA GLU A 80 -49.95 0.80 12.28
C GLU A 80 -50.11 2.28 11.90
N ALA A 81 -50.19 2.57 10.60
CA ALA A 81 -50.65 3.88 10.09
C ALA A 81 -52.18 3.92 9.98
N ARG A 82 -52.83 2.74 9.95
CA ARG A 82 -54.30 2.63 10.02
C ARG A 82 -54.81 3.06 11.41
N LYS A 83 -53.92 3.10 12.40
CA LYS A 83 -54.23 3.59 13.76
C LYS A 83 -53.92 5.08 14.01
N TYR A 84 -53.41 5.79 12.99
CA TYR A 84 -53.07 7.22 13.10
C TYR A 84 -53.91 8.03 12.09
N PRO A 85 -54.02 9.37 12.27
CA PRO A 85 -54.89 10.17 11.38
C PRO A 85 -54.45 10.27 9.90
N LEU A 86 -55.32 10.88 9.09
CA LEU A 86 -55.05 11.19 7.67
C LEU A 86 -54.75 9.96 6.79
N HIS A 87 -55.36 8.82 7.10
CA HIS A 87 -55.00 7.54 6.48
C HIS A 87 -55.23 7.46 4.97
N GLN A 88 -56.41 7.88 4.50
CA GLN A 88 -56.72 7.79 3.05
C GLN A 88 -55.84 8.69 2.18
N LEU A 89 -55.13 9.64 2.79
CA LEU A 89 -54.09 10.43 2.09
C LEU A 89 -52.73 9.73 1.96
N LEU A 90 -52.57 8.57 2.58
CA LEU A 90 -51.41 7.69 2.35
C LEU A 90 -51.74 6.72 1.22
N GLN A 91 -50.92 6.69 0.19
CA GLN A 91 -51.10 5.77 -0.96
C GLN A 91 -50.90 4.30 -0.56
N ASP A 92 -51.15 3.41 -1.52
CA ASP A 92 -50.77 2.00 -1.41
C ASP A 92 -49.27 1.91 -1.08
N GLU A 93 -48.92 1.08 -0.10
CA GLU A 93 -47.51 0.96 0.35
C GLU A 93 -46.57 0.51 -0.77
N SER A 94 -47.06 -0.36 -1.66
CA SER A 94 -46.29 -0.79 -2.85
C SER A 94 -45.84 0.37 -3.77
N SER A 95 -46.39 1.56 -3.55
CA SER A 95 -45.92 2.80 -4.18
C SER A 95 -45.08 3.67 -3.24
N TYR A 96 -44.23 3.06 -2.41
CA TYR A 96 -43.36 3.81 -1.48
C TYR A 96 -42.01 3.16 -1.19
N ILE A 97 -41.08 3.98 -0.69
CA ILE A 97 -39.70 3.58 -0.37
C ILE A 97 -39.16 4.41 0.80
N PHE A 98 -38.23 3.83 1.57
CA PHE A 98 -37.67 4.51 2.76
C PHE A 98 -36.47 5.36 2.40
N VAL A 99 -36.13 6.31 3.27
CA VAL A 99 -34.86 7.06 3.15
C VAL A 99 -34.48 7.73 4.47
N SER A 100 -33.18 7.84 4.73
CA SER A 100 -32.67 8.51 5.91
C SER A 100 -31.26 9.03 5.69
N VAL A 101 -30.76 9.76 6.69
CA VAL A 101 -29.38 10.24 6.72
C VAL A 101 -28.51 9.15 7.33
N THR A 102 -27.36 8.87 6.69
CA THR A 102 -26.34 7.90 7.17
C THR A 102 -25.23 8.60 7.98
N GLN A 103 -24.25 7.83 8.43
CA GLN A 103 -23.11 8.38 9.20
C GLN A 103 -22.11 9.10 8.29
N GLU A 104 -21.97 8.63 7.05
CA GLU A 104 -21.23 9.37 6.04
C GLU A 104 -21.91 10.71 5.71
N ALA A 105 -23.21 10.81 6.03
CA ALA A 105 -23.97 12.07 6.08
C ALA A 105 -24.60 12.38 4.73
N GLU A 106 -25.37 11.43 4.22
CA GLU A 106 -26.10 11.60 2.97
C GLU A 106 -27.49 10.99 3.03
N ARG A 107 -28.36 11.44 2.14
CA ARG A 107 -29.73 10.94 2.07
C ARG A 107 -29.73 9.67 1.22
N GLU A 108 -29.65 8.51 1.87
CA GLU A 108 -29.58 7.23 1.17
C GLU A 108 -30.98 6.59 1.03
N GLU A 109 -31.58 6.73 -0.15
CA GLU A 109 -32.84 6.03 -0.48
C GLU A 109 -32.60 4.51 -0.34
N PHE A 110 -33.57 3.79 0.23
CA PHE A 110 -33.39 2.37 0.64
C PHE A 110 -34.13 1.35 -0.25
N PHE A 111 -33.47 0.98 -1.36
CA PHE A 111 -34.11 0.22 -2.45
C PHE A 111 -34.20 -1.26 -2.16
N ASP A 112 -33.06 -1.89 -1.84
CA ASP A 112 -33.04 -3.31 -1.50
C ASP A 112 -33.64 -3.48 -0.10
N GLU A 113 -34.96 -3.59 -0.03
CA GLU A 113 -35.66 -3.62 1.25
C GLU A 113 -35.62 -4.98 1.95
N THR A 114 -34.88 -5.95 1.39
CA THR A 114 -34.45 -7.12 2.17
C THR A 114 -33.36 -6.75 3.19
N ARG A 115 -32.69 -5.61 3.00
CA ARG A 115 -31.69 -5.10 3.96
C ARG A 115 -32.27 -4.92 5.38
N ARG A 116 -31.46 -5.24 6.38
CA ARG A 116 -31.87 -5.17 7.79
C ARG A 116 -31.49 -3.83 8.37
N LEU A 117 -32.24 -3.40 9.39
CA LEU A 117 -32.03 -2.12 10.05
C LEU A 117 -30.57 -1.87 10.50
N CYS A 118 -29.93 -2.91 11.05
CA CYS A 118 -28.55 -2.77 11.57
C CYS A 118 -27.47 -2.56 10.50
N ASP A 119 -27.78 -2.92 9.24
CA ASP A 119 -26.81 -2.86 8.14
C ASP A 119 -26.82 -1.53 7.38
N LEU A 120 -27.68 -0.59 7.78
CA LEU A 120 -27.94 0.64 7.01
C LEU A 120 -27.03 1.80 7.38
N ARG A 121 -26.41 1.73 8.57
CA ARG A 121 -25.44 2.73 9.05
C ARG A 121 -26.10 4.10 9.30
N LEU A 122 -27.11 4.10 10.18
CA LEU A 122 -28.14 5.13 10.18
C LEU A 122 -27.90 6.42 10.91
N PHE A 123 -26.87 6.51 11.75
CA PHE A 123 -26.62 7.76 12.51
C PHE A 123 -27.71 8.09 13.58
N GLN A 124 -28.94 8.38 13.14
CA GLN A 124 -30.10 8.58 14.04
C GLN A 124 -31.22 7.61 13.70
N PRO A 125 -31.83 6.99 14.73
CA PRO A 125 -32.81 5.93 14.48
C PRO A 125 -34.15 6.44 13.95
N PHE A 126 -34.21 6.66 12.63
CA PHE A 126 -35.46 7.08 12.00
C PHE A 126 -35.52 6.75 10.51
N LEU A 127 -36.74 6.68 10.00
CA LEU A 127 -37.01 6.53 8.58
C LEU A 127 -37.91 7.67 8.10
N LYS A 128 -37.86 7.94 6.79
CA LYS A 128 -38.83 8.79 6.12
C LYS A 128 -39.36 8.00 4.92
N VAL A 129 -40.64 8.20 4.62
CA VAL A 129 -41.29 7.61 3.45
C VAL A 129 -41.23 8.61 2.30
N ILE A 130 -40.96 8.10 1.09
CA ILE A 130 -41.06 8.89 -0.16
C ILE A 130 -41.36 7.94 -1.32
N GLU A 131 -41.55 8.51 -2.52
CA GLU A 131 -41.83 7.74 -3.74
C GLU A 131 -40.57 7.63 -4.63
N PRO A 132 -40.56 6.64 -5.56
CA PRO A 132 -39.32 6.36 -6.31
C PRO A 132 -38.96 7.49 -7.29
N VAL A 133 -38.25 8.49 -6.76
CA VAL A 133 -37.79 9.64 -7.55
C VAL A 133 -36.59 9.16 -8.35
N GLY A 134 -36.55 9.53 -9.63
CA GLY A 134 -35.62 8.92 -10.57
C GLY A 134 -36.14 7.53 -10.82
N ASN A 135 -37.10 7.43 -11.74
CA ASN A 135 -37.77 6.15 -12.01
C ASN A 135 -36.83 5.10 -12.61
N ARG A 136 -35.71 5.53 -13.19
CA ARG A 136 -34.60 4.62 -13.51
C ARG A 136 -33.91 4.26 -12.20
N GLU A 137 -34.52 3.32 -11.49
CA GLU A 137 -34.11 2.94 -10.14
C GLU A 137 -32.93 1.99 -10.21
N GLU A 138 -32.81 1.27 -11.34
CA GLU A 138 -31.67 0.36 -11.57
C GLU A 138 -30.39 1.15 -11.77
N LYS A 139 -30.51 2.39 -12.26
CA LYS A 139 -29.38 3.32 -12.34
C LYS A 139 -28.89 3.72 -10.96
N ILE A 140 -29.79 3.83 -9.99
CA ILE A 140 -29.39 4.27 -8.64
C ILE A 140 -28.88 3.07 -7.80
N LEU A 141 -28.44 2.00 -8.48
CA LEU A 141 -27.44 1.07 -7.94
C LEU A 141 -26.02 1.51 -8.39
N ASN A 142 -25.77 2.80 -8.17
CA ASN A 142 -24.47 3.33 -7.81
C ASN A 142 -24.24 3.06 -6.34
N ARG A 143 -25.34 2.93 -5.57
CA ARG A 143 -25.29 2.51 -4.16
C ARG A 143 -24.32 1.34 -3.93
N GLU A 144 -24.46 0.30 -4.74
CA GLU A 144 -23.51 -0.81 -4.80
C GLU A 144 -22.07 -0.30 -4.88
N ILE A 145 -21.81 0.55 -5.88
CA ILE A 145 -20.47 1.15 -6.09
C ILE A 145 -20.02 1.97 -4.88
N GLY A 146 -20.91 2.77 -4.33
CA GLY A 146 -20.60 3.58 -3.18
C GLY A 146 -20.23 2.75 -1.98
N PHE A 147 -21.01 1.69 -1.75
CA PHE A 147 -20.71 0.71 -0.70
C PHE A 147 -19.35 0.08 -0.92
N ALA A 148 -19.10 -0.32 -2.16
CA ALA A 148 -17.85 -0.97 -2.52
C ALA A 148 -16.67 -0.03 -2.35
N ILE A 149 -16.81 1.20 -2.81
CA ILE A 149 -15.74 2.19 -2.73
C ILE A 149 -15.47 2.67 -1.31
N GLY A 150 -16.54 2.80 -0.53
CA GLY A 150 -16.42 3.34 0.81
C GLY A 150 -16.58 4.85 0.83
N MET A 151 -17.32 5.38 -0.14
CA MET A 151 -17.82 6.75 -0.09
C MET A 151 -18.92 6.84 -1.13
N PRO A 152 -19.78 7.88 -1.04
CA PRO A 152 -20.87 7.96 -2.03
C PRO A 152 -20.37 8.38 -3.41
N VAL A 153 -21.06 7.96 -4.46
CA VAL A 153 -20.68 8.30 -5.83
C VAL A 153 -21.04 9.77 -6.11
N CYS A 154 -22.25 10.17 -5.66
CA CYS A 154 -22.72 11.55 -5.79
C CYS A 154 -21.76 12.59 -5.19
N GLU A 155 -20.92 12.19 -4.23
CA GLU A 155 -19.82 13.03 -3.75
C GLU A 155 -18.82 13.43 -4.86
N PHE A 156 -18.65 12.60 -5.88
CA PHE A 156 -17.86 12.97 -7.07
C PHE A 156 -18.60 13.93 -8.01
N ASP A 157 -19.90 13.67 -8.20
CA ASP A 157 -20.73 14.50 -9.08
C ASP A 157 -20.73 15.98 -8.74
N MET A 158 -20.56 16.30 -7.46
CA MET A 158 -20.44 17.67 -6.99
C MET A 158 -18.99 17.94 -6.63
N VAL A 159 -18.12 17.82 -7.64
CA VAL A 159 -16.73 18.26 -7.54
C VAL A 159 -16.48 19.23 -8.70
N LYS A 160 -15.90 20.38 -8.37
CA LYS A 160 -15.76 21.48 -9.32
C LYS A 160 -14.62 21.21 -10.30
N ASP A 161 -13.42 21.03 -9.75
CA ASP A 161 -12.20 20.66 -10.49
C ASP A 161 -12.52 19.93 -11.81
N PRO A 162 -12.20 20.53 -12.97
CA PRO A 162 -12.50 19.85 -14.24
C PRO A 162 -11.66 18.59 -14.44
N GLU A 163 -10.40 18.60 -14.02
CA GLU A 163 -9.58 17.38 -14.09
C GLU A 163 -10.32 16.13 -13.61
N VAL A 164 -11.05 16.26 -12.50
CA VAL A 164 -11.80 15.16 -11.93
C VAL A 164 -12.93 14.77 -12.87
N GLN A 165 -13.70 15.77 -13.28
CA GLN A 165 -14.80 15.55 -14.22
C GLN A 165 -14.30 14.94 -15.54
N ASP A 166 -13.12 15.38 -15.98
CA ASP A 166 -12.50 14.89 -17.21
C ASP A 166 -11.98 13.46 -17.03
N PHE A 167 -11.40 13.17 -15.86
CA PHE A 167 -10.99 11.79 -15.54
C PHE A 167 -12.14 10.81 -15.61
N ARG A 168 -13.25 11.14 -14.95
CA ARG A 168 -14.40 10.23 -14.91
C ARG A 168 -14.92 9.91 -16.30
N ARG A 169 -15.02 10.95 -17.14
CA ARG A 169 -15.61 10.84 -18.47
C ARG A 169 -14.68 10.18 -19.47
N ASN A 170 -13.40 10.55 -19.43
CA ASN A 170 -12.40 10.01 -20.36
C ASN A 170 -11.88 8.62 -20.01
N ILE A 171 -11.91 8.23 -18.73
CA ILE A 171 -11.39 6.92 -18.33
C ILE A 171 -12.32 5.77 -18.74
N LEU A 172 -13.56 6.09 -19.13
CA LEU A 172 -14.49 5.10 -19.68
C LEU A 172 -14.05 4.53 -21.03
N ASN A 173 -13.11 5.20 -21.72
CA ASN A 173 -12.42 4.61 -22.89
C ASN A 173 -11.97 3.20 -22.55
N VAL A 174 -11.19 3.11 -21.47
CA VAL A 174 -10.55 1.84 -21.10
C VAL A 174 -11.63 0.84 -20.68
N CYS A 175 -12.57 1.28 -19.86
CA CYS A 175 -13.65 0.41 -19.40
C CYS A 175 -14.40 -0.24 -20.56
N LYS A 176 -14.80 0.57 -21.54
CA LYS A 176 -15.61 0.10 -22.66
C LYS A 176 -14.77 -0.84 -23.53
N GLU A 177 -13.59 -0.39 -23.91
CA GLU A 177 -12.62 -1.22 -24.65
C GLU A 177 -12.40 -2.59 -23.99
N ALA A 178 -12.16 -2.57 -22.68
CA ALA A 178 -11.90 -3.78 -21.90
C ALA A 178 -13.11 -4.72 -21.82
N VAL A 179 -14.32 -4.16 -21.72
CA VAL A 179 -15.55 -4.96 -21.76
C VAL A 179 -15.75 -5.65 -23.12
N ASP A 180 -15.35 -4.98 -24.20
CA ASP A 180 -15.41 -5.56 -25.55
C ASP A 180 -14.48 -6.77 -25.69
N LEU A 181 -13.27 -6.62 -25.14
CA LEU A 181 -12.28 -7.70 -25.13
C LEU A 181 -12.77 -8.97 -24.38
N ARG A 182 -13.56 -8.78 -23.33
CA ARG A 182 -14.15 -9.89 -22.57
C ARG A 182 -15.21 -10.68 -23.33
N ASP A 183 -15.88 -10.05 -24.29
CA ASP A 183 -16.96 -10.69 -25.03
C ASP A 183 -16.57 -10.80 -26.50
N LEU A 184 -15.32 -11.23 -26.71
CA LEU A 184 -14.75 -11.38 -28.05
C LEU A 184 -15.05 -12.80 -28.55
N ASN A 185 -14.64 -13.80 -27.76
CA ASN A 185 -14.80 -15.23 -28.09
C ASN A 185 -15.69 -15.94 -27.07
N SEP A 186 -16.76 -15.27 -26.66
CA SEP A 186 -17.55 -15.70 -25.50
CB SEP A 186 -18.51 -14.58 -25.10
OG SEP A 186 -19.69 -14.55 -25.91
C SEP A 186 -18.28 -17.01 -25.79
O SEP A 186 -18.55 -17.30 -26.95
P SEP A 186 -20.61 -13.23 -25.93
O1P SEP A 186 -19.90 -12.31 -26.90
O2P SEP A 186 -21.94 -13.75 -26.43
O3P SEP A 186 -20.64 -12.72 -24.51
N PRO A 187 -18.61 -17.80 -24.76
CA PRO A 187 -18.35 -17.53 -23.36
C PRO A 187 -16.95 -17.92 -22.84
N HIS A 188 -16.04 -18.30 -23.74
CA HIS A 188 -14.67 -18.66 -23.35
C HIS A 188 -13.92 -17.46 -22.78
N SER A 189 -13.91 -16.36 -23.53
CA SER A 189 -13.19 -15.16 -23.11
C SER A 189 -13.75 -14.57 -21.81
N ARG A 190 -15.04 -14.74 -21.56
CA ARG A 190 -15.62 -14.39 -20.26
C ARG A 190 -15.02 -15.24 -19.15
N ALA A 191 -14.90 -16.55 -19.38
CA ALA A 191 -14.30 -17.45 -18.39
C ALA A 191 -12.79 -17.25 -18.22
N MET A 192 -12.11 -16.77 -19.25
CA MET A 192 -10.73 -16.32 -19.09
C MET A 192 -10.65 -15.09 -18.13
N TYR A 193 -11.57 -14.14 -18.28
CA TYR A 193 -11.68 -12.99 -17.35
C TYR A 193 -11.97 -13.50 -15.96
N VAL A 194 -13.03 -14.28 -15.81
CA VAL A 194 -13.45 -14.74 -14.48
C VAL A 194 -12.47 -15.73 -13.84
N TYR A 195 -12.00 -16.72 -14.60
CA TYR A 195 -11.16 -17.80 -14.04
C TYR A 195 -9.84 -17.90 -14.77
N PRO A 196 -9.08 -16.81 -14.81
CA PRO A 196 -7.82 -16.83 -15.55
C PRO A 196 -6.93 -17.96 -15.07
N PRO A 197 -6.23 -18.64 -16.01
CA PRO A 197 -5.35 -19.72 -15.60
C PRO A 197 -4.23 -19.20 -14.68
N ASN A 198 -3.88 -20.01 -13.66
CA ASN A 198 -2.91 -19.64 -12.63
C ASN A 198 -1.56 -20.36 -12.85
N VAL A 199 -0.71 -19.75 -13.69
CA VAL A 199 0.49 -20.40 -14.22
C VAL A 199 1.78 -19.59 -14.00
N GLU A 200 2.91 -20.28 -13.90
CA GLU A 200 4.22 -19.64 -13.70
C GLU A 200 4.67 -18.97 -14.99
N SER A 201 5.74 -18.17 -14.92
CA SER A 201 6.21 -17.38 -16.06
C SER A 201 7.07 -18.19 -17.05
N SER A 202 7.82 -19.18 -16.54
CA SER A 202 8.59 -20.11 -17.39
C SER A 202 7.82 -21.41 -17.59
N PRO A 203 7.77 -21.91 -18.85
CA PRO A 203 7.17 -23.22 -19.09
C PRO A 203 8.06 -24.40 -18.70
N GLU A 204 9.39 -24.23 -18.80
CA GLU A 204 10.32 -25.27 -18.34
C GLU A 204 10.43 -25.26 -16.81
N LEU A 205 10.78 -26.42 -16.24
CA LEU A 205 10.93 -26.58 -14.78
C LEU A 205 12.40 -26.41 -14.37
N PRO A 206 12.65 -26.10 -13.07
CA PRO A 206 14.00 -26.27 -12.56
C PRO A 206 14.26 -27.75 -12.34
N LYS A 207 15.53 -28.12 -12.32
CA LYS A 207 15.94 -29.52 -12.43
C LYS A 207 15.58 -30.36 -11.21
N HIS A 208 15.63 -29.74 -10.03
CA HIS A 208 15.24 -30.41 -8.77
C HIS A 208 13.74 -30.80 -8.70
N ILE A 209 12.89 -30.12 -9.48
CA ILE A 209 11.47 -30.48 -9.56
C ILE A 209 11.31 -31.64 -10.52
N TYR A 210 11.93 -31.50 -11.70
CA TYR A 210 11.93 -32.55 -12.73
C TYR A 210 12.22 -33.91 -12.12
N ASN A 211 13.25 -33.96 -11.28
CA ASN A 211 13.74 -35.22 -10.72
C ASN A 211 12.82 -35.90 -9.70
N LYS A 212 11.63 -35.35 -9.48
CA LYS A 212 10.57 -36.08 -8.79
C LYS A 212 9.52 -36.63 -9.78
N LEU A 213 9.95 -37.06 -10.97
CA LEU A 213 9.00 -37.47 -12.04
C LEU A 213 9.31 -38.74 -12.88
N ASP A 214 10.38 -39.47 -12.57
CA ASP A 214 10.98 -40.49 -13.49
C ASP A 214 10.90 -40.13 -15.00
N LYS A 215 11.89 -39.37 -15.45
CA LYS A 215 11.97 -38.81 -16.82
C LYS A 215 10.66 -38.19 -17.29
N GLY A 216 10.19 -37.21 -16.53
CA GLY A 216 9.08 -36.34 -16.94
C GLY A 216 7.70 -36.95 -17.08
N GLN A 217 7.21 -37.61 -16.03
CA GLN A 217 5.83 -38.04 -15.95
C GLN A 217 5.21 -37.82 -14.56
N ILE A 218 4.01 -37.23 -14.52
CA ILE A 218 3.25 -37.04 -13.29
C ILE A 218 2.14 -38.08 -13.26
N ILE A 219 1.86 -38.59 -12.07
CA ILE A 219 0.68 -39.40 -11.82
C ILE A 219 -0.41 -38.45 -11.38
N VAL A 220 -1.46 -38.34 -12.19
CA VAL A 220 -2.62 -37.45 -11.97
C VAL A 220 -3.76 -38.29 -11.41
N VAL A 221 -4.88 -37.65 -11.08
CA VAL A 221 -6.16 -38.32 -10.87
C VAL A 221 -7.30 -37.43 -11.39
N ILE A 222 -8.06 -37.90 -12.38
CA ILE A 222 -9.23 -37.17 -12.85
C ILE A 222 -10.49 -37.74 -12.17
N TRP A 223 -11.42 -36.86 -11.81
CA TRP A 223 -12.65 -37.26 -11.14
C TRP A 223 -13.83 -36.88 -12.02
N VAL A 224 -14.86 -37.72 -12.01
CA VAL A 224 -16.05 -37.53 -12.83
C VAL A 224 -17.25 -37.66 -11.91
N ILE A 225 -18.37 -37.08 -12.33
CA ILE A 225 -19.64 -37.24 -11.63
C ILE A 225 -20.76 -37.42 -12.67
N VAL A 226 -21.27 -38.65 -12.79
CA VAL A 226 -22.46 -38.96 -13.62
C VAL A 226 -23.61 -39.27 -12.67
N SER A 227 -24.86 -39.01 -13.10
CA SER A 227 -26.06 -39.25 -12.25
C SER A 227 -26.12 -40.72 -11.78
N PRO A 228 -26.47 -41.01 -10.51
CA PRO A 228 -27.18 -40.12 -9.57
C PRO A 228 -26.44 -38.93 -8.95
N ASN A 229 -25.15 -38.75 -9.27
CA ASN A 229 -24.28 -37.65 -8.82
C ASN A 229 -23.64 -38.02 -7.50
N ASN A 230 -24.46 -38.46 -6.56
CA ASN A 230 -24.03 -39.17 -5.34
C ASN A 230 -22.64 -39.78 -5.40
N ASP A 231 -22.32 -40.49 -6.48
CA ASP A 231 -21.00 -41.10 -6.67
C ASP A 231 -20.02 -40.30 -7.55
N LYS A 232 -18.73 -40.47 -7.26
CA LYS A 232 -17.62 -39.90 -8.04
C LYS A 232 -16.66 -41.02 -8.42
N GLN A 233 -15.73 -40.74 -9.34
CA GLN A 233 -14.86 -41.79 -9.89
C GLN A 233 -13.43 -41.36 -10.21
N LYS A 234 -12.48 -41.92 -9.47
CA LYS A 234 -11.06 -41.79 -9.82
C LYS A 234 -10.81 -42.29 -11.25
N TYR A 235 -9.91 -41.61 -11.95
CA TYR A 235 -9.31 -42.11 -13.18
C TYR A 235 -7.84 -41.72 -13.17
N THR A 236 -7.03 -42.57 -12.52
CA THR A 236 -5.62 -42.26 -12.28
C THR A 236 -4.82 -42.44 -13.57
N LEU A 237 -4.25 -41.37 -14.11
CA LEU A 237 -3.43 -41.43 -15.32
C LEU A 237 -1.96 -41.31 -14.96
N LYS A 238 -1.11 -41.54 -15.94
CA LYS A 238 0.33 -41.30 -15.77
C LYS A 238 0.82 -40.72 -17.08
N ILE A 239 0.91 -39.39 -17.11
CA ILE A 239 1.13 -38.66 -18.36
C ILE A 239 2.27 -37.67 -18.19
N ASN A 240 2.67 -37.02 -19.28
CA ASN A 240 3.85 -36.15 -19.27
C ASN A 240 3.53 -34.87 -18.53
N HIS A 241 4.49 -34.41 -17.73
CA HIS A 241 4.35 -33.11 -17.05
C HIS A 241 4.02 -31.98 -18.04
N ASP A 242 4.58 -32.05 -19.26
CA ASP A 242 4.40 -31.00 -20.26
C ASP A 242 3.18 -31.16 -21.20
N CYS A 243 2.33 -32.14 -20.95
CA CYS A 243 1.15 -32.32 -21.80
C CYS A 243 0.04 -31.37 -21.35
N VAL A 244 -0.75 -30.87 -22.30
CA VAL A 244 -1.76 -29.81 -22.03
C VAL A 244 -3.07 -30.39 -21.48
N PRO A 245 -3.98 -29.53 -20.96
CA PRO A 245 -5.24 -30.05 -20.39
C PRO A 245 -6.10 -30.81 -21.39
N GLU A 246 -6.12 -30.32 -22.63
CA GLU A 246 -6.80 -30.97 -23.75
C GLU A 246 -6.45 -32.47 -23.88
N GLN A 247 -5.15 -32.77 -23.84
CA GLN A 247 -4.64 -34.15 -23.86
C GLN A 247 -5.08 -34.92 -22.62
N VAL A 248 -4.91 -34.31 -21.44
CA VAL A 248 -5.28 -34.95 -20.18
C VAL A 248 -6.79 -35.22 -20.13
N ILE A 249 -7.58 -34.34 -20.73
CA ILE A 249 -9.03 -34.55 -20.87
C ILE A 249 -9.28 -35.81 -21.71
N ALA A 250 -8.54 -35.93 -22.81
CA ALA A 250 -8.61 -37.13 -23.68
C ALA A 250 -8.30 -38.41 -22.91
N GLU A 251 -7.05 -38.59 -22.47
CA GLU A 251 -6.65 -39.83 -21.77
C GLU A 251 -7.59 -40.21 -20.61
N ALA A 252 -8.20 -39.21 -19.99
CA ALA A 252 -9.20 -39.44 -18.95
C ALA A 252 -10.48 -40.10 -19.47
N ILE A 253 -10.90 -39.72 -20.68
CA ILE A 253 -12.11 -40.30 -21.32
C ILE A 253 -11.79 -41.62 -22.03
N ARG A 254 -10.57 -41.75 -22.56
CA ARG A 254 -10.11 -43.04 -23.06
C ARG A 254 -10.40 -44.07 -21.97
N LYS A 255 -9.77 -43.92 -20.80
CA LYS A 255 -10.00 -44.82 -19.65
C LYS A 255 -11.48 -45.05 -19.30
N LYS A 256 -12.27 -43.98 -19.26
CA LYS A 256 -13.68 -44.05 -18.87
C LYS A 256 -14.45 -45.02 -19.76
N THR A 257 -14.23 -44.90 -21.07
CA THR A 257 -15.04 -45.56 -22.10
C THR A 257 -14.44 -46.83 -22.71
N ARG A 258 -13.15 -47.09 -22.51
CA ARG A 258 -12.53 -48.37 -22.90
C ARG A 258 -13.38 -49.57 -22.48
N SER A 259 -13.55 -50.53 -23.40
CA SER A 259 -14.47 -51.66 -23.25
C SER A 259 -14.11 -52.84 -24.16
N MET A 260 -14.61 -54.03 -23.81
CA MET A 260 -14.50 -55.21 -24.69
C MET A 260 -15.44 -55.13 -25.89
N LEU A 261 -16.39 -54.20 -25.87
CA LEU A 261 -17.31 -53.99 -26.98
C LEU A 261 -16.98 -52.80 -27.87
N LEU A 262 -16.00 -51.97 -27.49
CA LEU A 262 -15.46 -50.96 -28.40
C LEU A 262 -14.17 -51.45 -29.00
N SER A 263 -14.05 -51.30 -30.32
CA SER A 263 -12.78 -51.49 -31.01
C SER A 263 -11.88 -50.31 -30.73
N SER A 264 -10.65 -50.35 -31.24
CA SER A 264 -9.76 -49.19 -31.19
C SER A 264 -10.30 -48.03 -32.01
N GLU A 265 -10.87 -48.32 -33.17
CA GLU A 265 -11.41 -47.30 -34.06
C GLU A 265 -12.67 -46.68 -33.46
N GLN A 266 -13.58 -47.50 -32.95
CA GLN A 266 -14.83 -47.01 -32.37
C GLN A 266 -14.64 -46.25 -31.06
N LEU A 267 -13.52 -46.50 -30.38
CA LEU A 267 -13.13 -45.75 -29.18
C LEU A 267 -12.75 -44.33 -29.55
N LYS A 268 -11.84 -44.20 -30.50
CA LYS A 268 -11.32 -42.89 -30.91
C LYS A 268 -12.38 -41.90 -31.39
N LEU A 269 -13.49 -42.40 -31.96
CA LEU A 269 -14.60 -41.53 -32.37
C LEU A 269 -15.44 -41.07 -31.18
N CYS A 270 -15.63 -41.94 -30.18
CA CYS A 270 -16.27 -41.55 -28.92
C CYS A 270 -15.45 -40.51 -28.15
N VAL A 271 -14.13 -40.72 -28.12
CA VAL A 271 -13.19 -39.78 -27.50
C VAL A 271 -13.31 -38.39 -28.10
N LEU A 272 -13.24 -38.30 -29.43
CA LEU A 272 -13.24 -37.01 -30.12
C LEU A 272 -14.50 -36.17 -29.84
N GLU A 273 -15.66 -36.82 -29.75
CA GLU A 273 -16.92 -36.13 -29.45
C GLU A 273 -16.93 -35.58 -28.01
N TYR A 274 -16.54 -36.43 -27.06
CA TYR A 274 -16.52 -36.06 -25.65
C TYR A 274 -15.39 -35.05 -25.28
N GLN A 275 -14.22 -35.15 -25.92
CA GLN A 275 -13.08 -34.24 -25.66
C GLN A 275 -13.45 -32.78 -25.48
N GLY A 276 -14.00 -32.17 -26.53
CA GLY A 276 -14.25 -30.72 -26.57
C GLY A 276 -15.50 -30.24 -25.85
N LYS A 277 -15.98 -31.02 -24.87
CA LYS A 277 -17.14 -30.66 -24.06
C LYS A 277 -16.78 -30.46 -22.59
N TYR A 278 -15.51 -30.63 -22.24
CA TYR A 278 -15.08 -30.55 -20.86
C TYR A 278 -13.86 -29.66 -20.70
N ILE A 279 -13.62 -29.24 -19.47
CA ILE A 279 -12.39 -28.54 -19.06
C ILE A 279 -12.01 -28.98 -17.66
N LEU A 280 -10.75 -28.76 -17.31
CA LEU A 280 -10.22 -29.22 -16.02
C LEU A 280 -10.34 -28.17 -14.93
N LYS A 281 -10.80 -28.62 -13.77
CA LYS A 281 -10.93 -27.79 -12.57
C LYS A 281 -10.15 -28.47 -11.45
N VAL A 282 -9.47 -27.68 -10.62
CA VAL A 282 -8.83 -28.19 -9.42
C VAL A 282 -9.93 -28.56 -8.41
N CYS A 283 -9.74 -29.68 -7.72
CA CYS A 283 -10.72 -30.18 -6.76
C CYS A 283 -10.65 -29.35 -5.50
N GLY A 284 -11.80 -28.93 -4.99
CA GLY A 284 -11.87 -28.26 -3.69
C GLY A 284 -11.65 -26.75 -3.65
N CYS A 285 -11.48 -26.14 -4.83
CA CYS A 285 -11.42 -24.68 -4.97
C CYS A 285 -11.66 -24.27 -6.42
N ASP A 286 -12.05 -23.02 -6.66
CA ASP A 286 -12.42 -22.57 -8.01
C ASP A 286 -11.22 -22.06 -8.79
N GLU A 287 -10.24 -22.95 -9.00
CA GLU A 287 -9.19 -22.74 -9.98
C GLU A 287 -9.58 -23.58 -11.20
N TYR A 288 -9.09 -23.22 -12.39
CA TYR A 288 -9.46 -23.89 -13.65
C TYR A 288 -8.33 -23.80 -14.67
N PHE A 289 -8.13 -24.91 -15.40
CA PHE A 289 -7.11 -25.01 -16.45
C PHE A 289 -7.79 -24.75 -17.79
N LEU A 290 -7.75 -23.51 -18.26
CA LEU A 290 -8.56 -23.10 -19.39
C LEU A 290 -7.81 -22.85 -20.69
N GLU A 291 -6.48 -22.92 -20.70
CA GLU A 291 -5.76 -22.76 -21.98
C GLU A 291 -4.52 -23.62 -22.11
N LYS A 292 -4.05 -23.72 -23.36
CA LYS A 292 -2.86 -24.49 -23.72
C LYS A 292 -1.67 -24.03 -22.92
N TYR A 293 -1.39 -24.77 -21.86
CA TYR A 293 -0.12 -24.70 -21.19
C TYR A 293 0.22 -26.12 -20.77
N PRO A 294 1.52 -26.43 -20.63
CA PRO A 294 2.00 -27.60 -19.91
C PRO A 294 1.34 -27.72 -18.53
N LEU A 295 0.81 -28.88 -18.18
CA LEU A 295 0.21 -29.06 -16.85
C LEU A 295 1.07 -28.52 -15.70
N SER A 296 2.38 -28.77 -15.76
CA SER A 296 3.32 -28.34 -14.72
C SER A 296 3.54 -26.81 -14.65
N GLN A 297 3.26 -26.10 -15.73
CA GLN A 297 3.30 -24.63 -15.72
C GLN A 297 2.21 -24.03 -14.81
N TYR A 298 1.04 -24.67 -14.75
CA TYR A 298 0.00 -24.29 -13.77
C TYR A 298 0.53 -24.52 -12.36
N LYS A 299 0.27 -23.58 -11.45
CA LYS A 299 0.91 -23.58 -10.12
C LYS A 299 0.45 -24.73 -9.23
N TYR A 300 -0.83 -25.12 -9.32
CA TYR A 300 -1.37 -26.23 -8.52
C TYR A 300 -0.64 -27.54 -8.75
N ILE A 301 -0.32 -27.81 -10.01
CA ILE A 301 0.42 -29.01 -10.36
C ILE A 301 1.79 -28.89 -9.73
N ARG A 302 2.51 -27.83 -10.08
CA ARG A 302 3.87 -27.64 -9.54
C ARG A 302 3.91 -27.62 -7.98
N SER A 303 2.83 -27.18 -7.32
CA SER A 303 2.69 -27.37 -5.85
C SER A 303 2.55 -28.84 -5.48
N CYS A 304 1.72 -29.57 -6.24
CA CYS A 304 1.50 -30.99 -6.00
C CYS A 304 2.78 -31.80 -6.19
N ILE A 305 3.56 -31.46 -7.21
CA ILE A 305 4.85 -32.13 -7.49
C ILE A 305 5.74 -32.00 -6.26
N MET A 306 6.02 -30.76 -5.85
CA MET A 306 6.95 -30.48 -4.74
C MET A 306 6.46 -31.01 -3.41
N LEU A 307 5.19 -30.78 -3.07
CA LEU A 307 4.64 -31.22 -1.78
C LEU A 307 4.54 -32.73 -1.61
N GLY A 308 4.56 -33.48 -2.72
CA GLY A 308 4.43 -34.94 -2.68
C GLY A 308 2.97 -35.34 -2.71
N ARG A 309 2.24 -34.73 -3.63
CA ARG A 309 0.80 -34.89 -3.75
C ARG A 309 0.44 -35.32 -5.17
N MET A 310 -0.70 -35.99 -5.27
CA MET A 310 -1.19 -36.51 -6.53
C MET A 310 -2.29 -35.55 -6.98
N PRO A 311 -2.09 -34.83 -8.10
CA PRO A 311 -3.11 -33.83 -8.49
C PRO A 311 -4.52 -34.40 -8.54
N ASN A 312 -5.47 -33.76 -7.88
CA ASN A 312 -6.89 -34.13 -8.01
C ASN A 312 -7.61 -33.07 -8.82
N LEU A 313 -7.81 -33.36 -10.10
CA LEU A 313 -8.56 -32.49 -10.98
C LEU A 313 -10.00 -33.02 -11.08
N MET A 314 -10.83 -32.37 -11.89
CA MET A 314 -12.21 -32.79 -12.09
C MET A 314 -12.63 -32.44 -13.53
N LEU A 315 -13.34 -33.37 -14.17
CA LEU A 315 -13.95 -33.08 -15.47
C LEU A 315 -15.21 -32.31 -15.20
N MET A 316 -15.16 -31.00 -15.45
CA MET A 316 -16.33 -30.17 -15.38
C MET A 316 -16.88 -30.03 -16.80
N ALA A 317 -18.19 -30.23 -16.92
CA ALA A 317 -18.89 -30.03 -18.18
C ALA A 317 -18.90 -28.54 -18.46
N LYS A 318 -18.49 -28.15 -19.68
CA LYS A 318 -18.51 -26.73 -20.09
C LYS A 318 -19.88 -26.07 -19.97
N GLU A 319 -20.94 -26.81 -20.22
CA GLU A 319 -22.29 -26.34 -19.95
C GLU A 319 -22.37 -25.77 -18.54
N SER A 320 -22.05 -26.61 -17.55
CA SER A 320 -22.21 -26.22 -16.14
C SER A 320 -21.22 -25.15 -15.62
N LEU A 321 -20.15 -24.88 -16.35
CA LEU A 321 -19.24 -23.75 -16.03
C LEU A 321 -19.71 -22.49 -16.71
N TYR A 322 -20.01 -22.56 -18.00
CA TYR A 322 -20.60 -21.43 -18.73
C TYR A 322 -22.01 -21.13 -18.18
N SER A 323 -22.62 -22.10 -17.51
CA SER A 323 -23.84 -21.88 -16.73
C SER A 323 -23.63 -20.88 -15.58
N GLN A 324 -22.50 -20.96 -14.89
CA GLN A 324 -22.20 -20.08 -13.74
C GLN A 324 -21.84 -18.62 -14.09
N LEU A 325 -21.34 -18.37 -15.30
CA LEU A 325 -20.82 -17.03 -15.66
C LEU A 325 -21.92 -16.12 -16.22
N PRO A 326 -22.27 -15.06 -15.48
CA PRO A 326 -23.37 -14.19 -15.90
C PRO A 326 -22.92 -13.10 -16.86
N MET A 327 -23.88 -12.49 -17.56
CA MET A 327 -23.59 -11.40 -18.49
C MET A 327 -23.14 -10.17 -17.71
N ASP A 328 -22.01 -9.60 -18.10
CA ASP A 328 -21.46 -8.40 -17.45
C ASP A 328 -22.25 -7.13 -17.80
N CYS A 329 -22.60 -6.99 -19.09
CA CYS A 329 -23.38 -5.84 -19.62
C CYS A 329 -23.12 -4.48 -18.95
N PHE A 330 -21.95 -3.92 -19.26
CA PHE A 330 -21.58 -2.56 -18.90
C PHE A 330 -22.45 -1.54 -19.67
N THR A 331 -22.72 -0.40 -19.03
CA THR A 331 -23.37 0.74 -19.66
C THR A 331 -22.78 2.04 -19.12
N MET A 332 -22.69 3.04 -20.00
CA MET A 332 -22.11 4.35 -19.65
C MET A 332 -23.10 5.09 -18.74
N PRO A 333 -22.58 5.81 -17.74
CA PRO A 333 -23.44 6.58 -16.83
C PRO A 333 -23.89 7.95 -17.37
N SER A 334 -24.59 8.73 -16.54
CA SER A 334 -25.06 10.09 -16.88
C SER A 334 -23.94 10.99 -17.39
N TYR A 335 -22.77 10.90 -16.76
CA TYR A 335 -21.55 11.44 -17.33
C TYR A 335 -21.23 10.62 -18.61
N SER A 336 -21.51 11.22 -19.77
CA SER A 336 -21.65 10.49 -21.04
C SER A 336 -20.33 9.94 -21.58
N TYR A 345 -4.84 28.57 -36.07
CA TYR A 345 -5.31 27.79 -34.92
C TYR A 345 -6.83 27.90 -34.75
N MET A 346 -7.44 26.89 -34.12
CA MET A 346 -8.89 26.60 -34.27
C MET A 346 -9.76 26.60 -32.98
N ASN A 347 -9.25 27.07 -31.84
CA ASN A 347 -10.00 27.07 -30.56
C ASN A 347 -9.87 28.41 -29.83
N GLY A 348 -10.70 28.62 -28.81
CA GLY A 348 -10.58 29.78 -27.90
C GLY A 348 -9.24 29.85 -27.17
N GLU A 349 -8.59 28.71 -26.99
CA GLU A 349 -7.19 28.66 -26.52
C GLU A 349 -6.29 29.44 -27.50
N THR A 350 -6.46 29.16 -28.79
CA THR A 350 -5.59 29.68 -29.89
C THR A 350 -4.13 29.22 -29.73
N SER A 351 -3.93 28.11 -28.99
CA SER A 351 -2.64 27.73 -28.37
C SER A 351 -1.84 28.95 -27.89
N THR A 352 -2.58 29.90 -27.31
CA THR A 352 -2.22 31.32 -27.23
C THR A 352 -0.72 31.66 -27.32
N LYS A 353 0.09 31.05 -26.44
CA LYS A 353 1.55 31.20 -26.48
C LYS A 353 2.26 29.89 -26.11
N SER A 354 3.30 29.53 -26.85
CA SER A 354 4.18 28.40 -26.50
C SER A 354 5.11 28.86 -25.37
N LEU A 355 5.43 27.95 -24.47
CA LEU A 355 6.25 28.25 -23.30
C LEU A 355 7.58 28.89 -23.67
N TRP A 356 8.13 28.45 -24.81
CA TRP A 356 9.47 28.85 -25.26
C TRP A 356 9.56 30.30 -25.84
N VAL A 357 8.40 30.87 -26.19
CA VAL A 357 8.29 32.26 -26.63
C VAL A 357 8.53 33.25 -25.48
N ILE A 358 8.16 32.87 -24.25
CA ILE A 358 8.16 33.80 -23.11
C ILE A 358 9.59 34.27 -22.76
N ASN A 359 9.71 35.59 -22.53
CA ASN A 359 10.97 36.21 -22.16
C ASN A 359 10.93 36.87 -20.76
N SER A 360 11.06 36.02 -19.74
CA SER A 360 11.55 36.42 -18.40
C SER A 360 11.90 35.15 -17.60
N ALA A 361 12.60 35.34 -16.48
CA ALA A 361 12.82 34.24 -15.54
C ALA A 361 11.53 33.99 -14.79
N LEU A 362 11.42 32.82 -14.17
CA LEU A 362 10.29 32.56 -13.31
C LEU A 362 10.38 33.47 -12.11
N ARG A 363 9.25 34.06 -11.77
CA ARG A 363 9.06 34.62 -10.45
C ARG A 363 7.65 34.29 -9.98
N ILE A 364 7.51 34.12 -8.66
CA ILE A 364 6.25 33.73 -8.03
C ILE A 364 6.04 34.61 -6.80
N LYS A 365 4.84 35.19 -6.69
CA LYS A 365 4.47 36.04 -5.56
C LYS A 365 3.93 35.18 -4.42
N ILE A 366 4.56 35.29 -3.25
CA ILE A 366 4.05 34.68 -2.02
C ILE A 366 3.47 35.86 -1.24
N LEU A 367 2.29 35.71 -0.64
CA LEU A 367 1.77 36.79 0.22
C LEU A 367 1.36 36.40 1.65
N CYS A 368 0.28 35.67 1.89
CA CYS A 368 -0.23 35.59 3.27
C CYS A 368 -0.72 34.23 3.75
N ALA A 369 0.00 33.68 4.73
CA ALA A 369 -0.45 32.51 5.47
C ALA A 369 -1.51 32.96 6.47
N THR A 370 -2.70 32.35 6.41
CA THR A 370 -3.84 32.78 7.23
C THR A 370 -3.59 32.54 8.71
N TYR A 371 -3.04 31.38 9.06
CA TYR A 371 -2.59 31.12 10.43
C TYR A 371 -1.54 30.02 10.49
N VAL A 372 -0.73 30.05 11.54
CA VAL A 372 0.23 28.99 11.86
C VAL A 372 0.22 28.81 13.37
N ASN A 373 0.31 27.56 13.84
CA ASN A 373 0.32 27.25 15.28
C ASN A 373 1.77 27.22 15.83
N VAL A 374 2.26 28.37 16.30
CA VAL A 374 3.62 28.49 16.90
C VAL A 374 3.58 29.35 18.16
N ASN A 375 4.51 29.09 19.07
CA ASN A 375 4.67 29.90 20.28
C ASN A 375 5.38 31.23 19.99
N ILE A 376 4.80 32.33 20.49
CA ILE A 376 5.39 33.67 20.36
C ILE A 376 6.73 33.72 21.10
N ARG A 377 6.77 33.08 22.27
CA ARG A 377 7.96 33.01 23.13
C ARG A 377 9.09 32.20 22.50
N ASP A 378 8.87 30.90 22.36
CA ASP A 378 9.97 29.93 22.13
C ASP A 378 10.64 30.13 20.77
N ILE A 379 9.83 30.19 19.70
CA ILE A 379 10.35 30.41 18.35
C ILE A 379 10.60 31.91 18.14
N ASP A 380 11.76 32.24 17.55
CA ASP A 380 12.19 33.63 17.36
C ASP A 380 11.54 34.28 16.14
N LYS A 381 11.62 33.61 14.99
CA LYS A 381 11.10 34.13 13.70
C LYS A 381 10.67 33.03 12.73
N ILE A 382 9.90 33.42 11.70
CA ILE A 382 9.41 32.48 10.65
C ILE A 382 9.38 33.06 9.22
N TYR A 383 9.48 32.16 8.23
CA TYR A 383 9.51 32.53 6.81
C TYR A 383 9.06 31.39 5.89
N VAL A 384 8.49 31.75 4.74
CA VAL A 384 8.10 30.77 3.71
C VAL A 384 9.28 30.47 2.78
N ARG A 385 9.84 29.26 2.89
CA ARG A 385 10.90 28.80 1.97
C ARG A 385 10.27 28.24 0.71
N THR A 386 10.94 28.42 -0.44
CA THR A 386 10.48 27.89 -1.73
C THR A 386 11.63 27.37 -2.58
N GLY A 387 11.27 26.65 -3.63
CA GLY A 387 12.20 26.09 -4.59
C GLY A 387 11.41 25.44 -5.70
N ILE A 388 11.96 25.45 -6.92
CA ILE A 388 11.36 24.75 -8.07
C ILE A 388 12.03 23.38 -8.18
N TYR A 389 11.26 22.35 -8.55
CA TYR A 389 11.73 20.96 -8.49
C TYR A 389 11.32 20.08 -9.69
N HIS A 390 12.02 18.95 -9.81
CA HIS A 390 11.72 17.88 -10.77
C HIS A 390 12.00 16.50 -10.12
N GLY A 391 11.64 16.33 -8.84
CA GLY A 391 12.19 15.27 -7.97
C GLY A 391 13.39 15.83 -7.19
N GLY A 392 14.55 15.91 -7.86
CA GLY A 392 15.73 16.69 -7.41
C GLY A 392 15.80 18.03 -8.15
N GLU A 393 16.49 19.02 -7.55
CA GLU A 393 16.22 20.45 -7.83
C GLU A 393 16.91 21.10 -9.07
N PRO A 394 16.18 21.93 -9.89
CA PRO A 394 16.79 22.75 -10.96
C PRO A 394 17.11 24.25 -10.69
N LEU A 395 17.38 24.64 -9.44
CA LEU A 395 17.98 25.97 -9.09
C LEU A 395 18.13 26.16 -7.59
N CYS A 396 18.84 27.22 -7.16
CA CYS A 396 19.00 27.53 -5.73
C CYS A 396 17.65 27.74 -5.04
N ASP A 397 17.51 27.21 -3.83
CA ASP A 397 16.29 27.41 -3.04
C ASP A 397 16.17 28.88 -2.69
N ASN A 398 15.00 29.45 -2.96
CA ASN A 398 14.75 30.86 -2.72
C ASN A 398 13.93 31.04 -1.45
N VAL A 399 14.59 31.38 -0.35
CA VAL A 399 13.90 31.70 0.90
C VAL A 399 13.26 33.08 0.76
N ASN A 400 12.11 33.29 1.41
CA ASN A 400 11.52 34.61 1.51
C ASN A 400 12.01 35.28 2.79
N THR A 401 11.93 36.61 2.84
CA THR A 401 12.34 37.38 4.02
C THR A 401 11.45 37.05 5.25
N GLN A 402 12.03 37.21 6.45
CA GLN A 402 11.31 37.02 7.72
C GLN A 402 10.31 38.17 7.90
N ARG A 403 9.09 37.86 8.33
CA ARG A 403 8.10 38.91 8.62
C ARG A 403 7.12 38.48 9.71
N VAL A 404 6.68 39.50 10.47
CA VAL A 404 5.62 39.38 11.47
C VAL A 404 5.73 38.05 12.23
N PRO A 405 6.91 37.81 12.83
CA PRO A 405 7.30 36.49 13.33
C PRO A 405 6.38 35.96 14.43
N CYS A 406 5.76 34.81 14.16
CA CYS A 406 4.96 34.07 15.12
C CYS A 406 3.66 34.78 15.52
N SER A 407 3.15 35.70 14.70
CA SER A 407 1.98 36.50 15.09
C SER A 407 1.30 37.20 13.93
N ASN A 408 0.45 36.46 13.22
CA ASN A 408 -0.29 36.97 12.05
C ASN A 408 0.64 37.34 10.89
N PRO A 409 1.44 36.37 10.40
CA PRO A 409 2.45 36.63 9.38
C PRO A 409 1.93 36.74 7.96
N ARG A 410 2.15 37.90 7.34
CA ARG A 410 1.92 38.07 5.92
C ARG A 410 3.14 38.75 5.26
N TRP A 411 3.40 38.32 4.03
CA TRP A 411 4.45 38.84 3.15
C TRP A 411 3.70 39.55 2.01
N ASN A 412 4.43 40.08 1.04
CA ASN A 412 3.85 40.50 -0.25
C ASN A 412 4.91 40.53 -1.35
N GLU A 413 5.84 39.57 -1.29
CA GLU A 413 7.07 39.59 -2.09
C GLU A 413 6.94 38.69 -3.33
N TRP A 414 7.73 39.02 -4.35
CA TRP A 414 8.01 38.08 -5.43
C TRP A 414 9.42 37.55 -5.20
N LEU A 415 9.59 36.23 -5.32
CA LEU A 415 10.92 35.65 -5.37
C LEU A 415 11.24 35.40 -6.83
N ASN A 416 12.48 35.69 -7.22
CA ASN A 416 12.92 35.56 -8.61
C ASN A 416 13.83 34.34 -8.76
N TYR A 417 13.31 33.32 -9.43
CA TYR A 417 13.97 32.02 -9.51
C TYR A 417 14.83 32.00 -10.76
N ASP A 418 16.13 31.74 -10.61
CA ASP A 418 17.06 31.70 -11.75
C ASP A 418 16.85 30.46 -12.63
N ILE A 419 15.82 30.54 -13.48
CA ILE A 419 15.62 29.60 -14.57
C ILE A 419 14.71 30.33 -15.57
N TYR A 420 15.10 30.33 -16.84
CA TYR A 420 14.33 31.07 -17.84
C TYR A 420 13.11 30.20 -18.17
N ILE A 421 11.93 30.82 -18.17
CA ILE A 421 10.66 30.09 -18.31
C ILE A 421 10.67 29.00 -19.39
N PRO A 422 11.31 29.24 -20.55
CA PRO A 422 11.45 28.17 -21.54
C PRO A 422 12.21 26.90 -21.10
N ASP A 423 13.11 27.02 -20.12
CA ASP A 423 13.82 25.84 -19.60
C ASP A 423 12.98 24.89 -18.73
N LEU A 424 11.93 25.42 -18.09
CA LEU A 424 11.07 24.62 -17.18
C LEU A 424 10.62 23.29 -17.84
N PRO A 425 11.07 22.15 -17.27
CA PRO A 425 10.70 20.85 -17.85
C PRO A 425 9.24 20.53 -17.56
N ARG A 426 8.64 19.67 -18.38
CA ARG A 426 7.17 19.41 -18.34
C ARG A 426 6.62 19.06 -16.96
N ALA A 427 7.43 18.41 -16.14
CA ALA A 427 7.01 17.96 -14.81
C ALA A 427 7.56 18.84 -13.66
N ALA A 428 7.74 20.13 -13.91
CA ALA A 428 8.36 20.99 -12.90
C ALA A 428 7.34 21.33 -11.81
N ARG A 429 7.80 21.43 -10.58
CA ARG A 429 6.90 21.65 -9.43
C ARG A 429 7.48 22.67 -8.44
N LEU A 430 6.66 23.64 -8.02
CA LEU A 430 6.99 24.47 -6.86
C LEU A 430 6.87 23.64 -5.58
N CYS A 431 7.95 23.58 -4.80
CA CYS A 431 7.90 22.96 -3.50
C CYS A 431 8.16 24.02 -2.48
N LEU A 432 7.24 24.17 -1.54
CA LEU A 432 7.38 25.15 -0.48
C LEU A 432 7.08 24.57 0.89
N SER A 433 7.45 25.36 1.90
CA SER A 433 7.20 25.06 3.31
C SER A 433 7.17 26.38 4.10
N ILE A 434 7.08 26.29 5.42
CA ILE A 434 7.18 27.44 6.31
C ILE A 434 8.05 27.01 7.47
N CYS A 435 9.15 27.74 7.72
CA CYS A 435 10.16 27.29 8.68
C CYS A 435 10.27 28.21 9.91
N SER A 436 11.08 27.79 10.89
CA SER A 436 11.27 28.50 12.16
C SER A 436 12.71 28.97 12.35
N VAL A 437 12.94 29.76 13.41
CA VAL A 437 14.28 30.14 13.86
C VAL A 437 14.41 29.91 15.37
N GLU A 446 19.22 26.45 14.04
CA GLU A 446 17.99 26.60 14.81
C GLU A 446 16.72 26.54 13.93
N HIS A 447 16.82 25.93 12.75
CA HIS A 447 15.70 25.86 11.79
C HIS A 447 14.87 24.57 11.92
N CYS A 448 13.55 24.68 11.82
CA CYS A 448 12.67 23.52 11.66
C CYS A 448 11.39 23.89 10.90
N PRO A 449 10.84 22.96 10.08
CA PRO A 449 9.64 23.22 9.28
C PRO A 449 8.33 23.12 10.06
N LEU A 450 7.34 23.94 9.69
CA LEU A 450 6.06 24.04 10.40
C LEU A 450 4.95 23.35 9.62
N ALA A 451 4.82 23.73 8.36
CA ALA A 451 3.88 23.10 7.42
C ALA A 451 4.50 23.08 6.01
N TRP A 452 3.89 22.36 5.07
CA TRP A 452 4.40 22.26 3.70
C TRP A 452 3.31 21.97 2.68
N GLY A 453 3.65 22.19 1.42
CA GLY A 453 2.80 21.86 0.27
C GLY A 453 3.60 21.99 -1.01
N ASN A 454 3.14 21.33 -2.09
CA ASN A 454 3.75 21.50 -3.43
C ASN A 454 2.69 21.77 -4.50
N ILE A 455 3.09 22.38 -5.61
CA ILE A 455 2.19 22.61 -6.75
C ILE A 455 2.84 22.26 -8.09
N ASN A 456 2.07 21.61 -8.96
CA ASN A 456 2.46 21.37 -10.35
C ASN A 456 2.53 22.69 -11.08
N LEU A 457 3.72 23.04 -11.59
CA LEU A 457 3.87 24.30 -12.32
C LEU A 457 3.07 24.31 -13.62
N PHE A 458 2.81 23.13 -14.17
CA PHE A 458 1.93 22.99 -15.33
C PHE A 458 0.66 22.25 -14.91
N ASP A 459 -0.49 22.68 -15.41
CA ASP A 459 -1.73 21.97 -15.11
C ASP A 459 -1.83 20.74 -16.00
N TYR A 460 -2.88 19.96 -15.80
CA TYR A 460 -3.02 18.70 -16.48
C TYR A 460 -3.21 18.84 -18.00
N THR A 461 -3.71 19.98 -18.46
CA THR A 461 -3.85 20.29 -19.90
C THR A 461 -2.61 20.96 -20.55
N ASP A 462 -1.42 20.67 -20.03
CA ASP A 462 -0.15 21.23 -20.51
C ASP A 462 0.01 22.76 -20.33
N THR A 463 -0.94 23.40 -19.63
CA THR A 463 -0.97 24.84 -19.46
C THR A 463 -0.08 25.24 -18.29
N LEU A 464 0.85 26.17 -18.53
CA LEU A 464 1.71 26.72 -17.46
C LEU A 464 0.85 27.63 -16.60
N VAL A 465 0.85 27.36 -15.29
CA VAL A 465 -0.14 27.95 -14.39
C VAL A 465 0.03 29.46 -14.19
N SER A 466 -1.10 30.15 -14.08
CA SER A 466 -1.16 31.61 -13.89
C SER A 466 -2.38 32.00 -13.07
N GLY A 467 -2.31 33.19 -12.48
CA GLY A 467 -3.32 33.68 -11.56
C GLY A 467 -2.92 33.44 -10.12
N LYS A 468 -3.91 33.46 -9.22
CA LYS A 468 -3.68 33.25 -7.79
C LYS A 468 -4.12 31.84 -7.42
N MET A 469 -3.45 31.23 -6.44
CA MET A 469 -3.80 29.90 -5.94
C MET A 469 -3.74 29.87 -4.42
N ALA A 470 -4.58 29.01 -3.83
CA ALA A 470 -4.71 28.87 -2.38
C ALA A 470 -4.25 27.48 -1.96
N LEU A 471 -3.03 27.42 -1.45
CA LEU A 471 -2.39 26.15 -1.11
C LEU A 471 -2.51 25.85 0.39
N ASN A 472 -3.53 25.07 0.74
CA ASN A 472 -3.70 24.53 2.10
C ASN A 472 -2.57 23.55 2.39
N LEU A 473 -1.94 23.66 3.55
CA LEU A 473 -0.72 22.87 3.81
C LEU A 473 -0.94 21.61 4.64
N TRP A 474 0.02 20.71 4.50
CA TRP A 474 0.08 19.46 5.26
C TRP A 474 0.97 19.65 6.48
N PRO A 475 0.82 18.77 7.48
CA PRO A 475 1.84 18.67 8.54
C PRO A 475 3.04 17.87 8.04
N VAL A 476 4.17 17.91 8.75
CA VAL A 476 5.44 17.34 8.23
C VAL A 476 5.59 15.81 7.99
N PRO A 477 4.74 14.93 8.53
CA PRO A 477 4.06 15.09 9.81
C PRO A 477 5.02 14.67 10.91
N HIS A 478 5.70 13.54 10.70
CA HIS A 478 6.63 13.01 11.68
C HIS A 478 7.97 12.79 10.99
N GLY A 479 9.02 12.63 11.79
CA GLY A 479 10.33 12.27 11.29
C GLY A 479 10.94 13.44 10.54
N LEU A 480 10.88 13.36 9.21
CA LEU A 480 11.24 14.44 8.27
C LEU A 480 11.73 15.76 8.91
N GLU A 481 13.03 15.81 9.18
CA GLU A 481 13.70 17.02 9.70
C GLU A 481 14.06 18.00 8.57
N ASP A 482 14.08 17.51 7.32
CA ASP A 482 14.36 18.34 6.14
C ASP A 482 13.31 19.47 5.99
N LEU A 483 13.77 20.64 5.55
CA LEU A 483 12.93 21.85 5.56
C LEU A 483 11.79 21.86 4.54
N LEU A 484 12.01 21.24 3.38
CA LEU A 484 11.13 21.47 2.23
C LEU A 484 10.20 20.32 1.83
N ASN A 485 10.71 19.09 1.82
CA ASN A 485 9.94 17.90 1.42
C ASN A 485 9.30 17.98 0.01
N PRO A 486 10.09 17.65 -1.03
CA PRO A 486 9.59 17.50 -2.39
C PRO A 486 9.12 16.08 -2.74
N ILE A 487 9.56 15.06 -2.00
CA ILE A 487 9.12 13.67 -2.23
C ILE A 487 7.62 13.49 -1.85
N GLY A 488 7.09 14.38 -1.02
CA GLY A 488 5.67 14.39 -0.69
C GLY A 488 4.71 14.66 -1.85
N VAL A 489 3.43 14.55 -1.57
CA VAL A 489 2.40 14.68 -2.59
C VAL A 489 2.17 16.13 -3.05
N THR A 490 1.83 16.26 -4.34
CA THR A 490 1.49 17.53 -4.96
C THR A 490 0.00 17.83 -4.81
N GLY A 491 -0.33 19.13 -4.84
CA GLY A 491 -1.69 19.59 -4.58
C GLY A 491 -1.89 19.98 -3.13
N SER A 492 -3.02 20.65 -2.88
CA SER A 492 -3.34 21.18 -1.54
C SER A 492 -4.02 20.15 -0.67
N ASN A 493 -3.93 20.37 0.64
CA ASN A 493 -4.64 19.57 1.63
C ASN A 493 -6.16 19.81 1.52
N PRO A 494 -6.96 18.74 1.35
CA PRO A 494 -8.42 18.89 1.27
C PRO A 494 -9.10 19.18 2.62
N ASN A 495 -8.33 19.15 3.72
CA ASN A 495 -8.75 19.76 4.98
C ASN A 495 -8.59 21.27 4.87
N LYS A 496 -9.70 22.00 4.91
CA LYS A 496 -9.67 23.46 4.90
C LYS A 496 -9.02 24.02 6.18
N GLU A 497 -9.27 23.37 7.33
CA GLU A 497 -8.73 23.81 8.61
C GLU A 497 -7.27 23.42 8.74
N THR A 498 -6.42 24.11 7.96
CA THR A 498 -4.96 23.96 8.01
C THR A 498 -4.34 25.30 7.64
N PRO A 499 -3.02 25.45 7.90
CA PRO A 499 -2.32 26.59 7.32
C PRO A 499 -2.62 26.72 5.81
N CYS A 500 -3.42 27.71 5.45
CA CYS A 500 -3.56 28.13 4.05
C CYS A 500 -2.38 29.04 3.72
N LEU A 501 -2.10 29.21 2.42
CA LEU A 501 -1.01 30.08 1.97
C LEU A 501 -1.29 30.58 0.56
N GLU A 502 -1.83 31.80 0.46
CA GLU A 502 -2.22 32.37 -0.83
C GLU A 502 -0.97 32.79 -1.60
N LEU A 503 -1.03 32.66 -2.92
CA LEU A 503 0.09 33.04 -3.79
C LEU A 503 -0.34 33.36 -5.22
N GLU A 504 0.36 34.30 -5.86
CA GLU A 504 0.10 34.72 -7.23
C GLU A 504 1.18 34.16 -8.15
N PHE A 505 0.72 33.51 -9.23
CA PHE A 505 1.57 33.01 -10.29
C PHE A 505 1.56 33.99 -11.45
N ASP A 506 2.75 34.43 -11.82
CA ASP A 506 2.99 35.37 -12.92
C ASP A 506 2.10 35.14 -14.16
N TRP A 507 1.64 36.23 -14.77
CA TRP A 507 0.75 36.20 -15.94
C TRP A 507 1.43 36.90 -17.12
N PHE A 508 1.55 36.19 -18.25
CA PHE A 508 2.30 36.71 -19.41
C PHE A 508 1.37 37.19 -20.52
N SER A 509 0.53 38.16 -20.17
CA SER A 509 -0.45 38.80 -21.07
C SER A 509 -1.47 37.88 -21.78
N SER A 510 -1.34 36.56 -21.61
CA SER A 510 -2.00 35.58 -22.49
C SER A 510 -1.73 34.16 -21.95
N VAL A 511 -2.66 33.22 -22.18
CA VAL A 511 -2.52 31.84 -21.64
C VAL A 511 -1.40 31.02 -22.30
N VAL A 512 -0.49 30.51 -21.47
CA VAL A 512 0.75 29.84 -21.92
C VAL A 512 0.53 28.31 -22.00
N LYS A 513 1.22 27.65 -22.95
CA LYS A 513 1.21 26.18 -23.05
C LYS A 513 2.60 25.58 -23.33
N PHE A 514 2.78 24.34 -22.90
CA PHE A 514 4.01 23.59 -23.15
C PHE A 514 4.02 23.26 -24.64
N PRO A 515 5.19 23.38 -25.31
CA PRO A 515 5.25 23.17 -26.75
C PRO A 515 4.90 21.77 -27.20
N ASP A 516 4.42 21.68 -28.44
CA ASP A 516 3.98 20.43 -29.08
C ASP A 516 5.20 19.54 -29.37
N MET A 517 4.98 18.27 -29.72
CA MET A 517 6.12 17.36 -29.99
C MET A 517 6.86 17.78 -31.26
N SER A 518 6.11 18.29 -32.24
CA SER A 518 6.67 18.96 -33.42
C SER A 518 7.73 20.00 -33.05
N VAL A 519 7.37 20.93 -32.18
CA VAL A 519 8.28 21.98 -31.72
C VAL A 519 9.57 21.41 -31.09
N ILE A 520 9.44 20.36 -30.29
CA ILE A 520 10.56 19.90 -29.46
C ILE A 520 11.57 19.12 -30.32
N GLU A 521 11.04 18.29 -31.22
CA GLU A 521 11.89 17.55 -32.17
C GLU A 521 12.68 18.48 -33.07
N GLU A 522 12.02 19.52 -33.57
CA GLU A 522 12.67 20.55 -34.38
C GLU A 522 13.88 21.10 -33.62
N HIS A 523 13.67 21.54 -32.37
CA HIS A 523 14.75 22.13 -31.56
C HIS A 523 15.84 21.13 -31.23
N ALA A 524 15.45 19.86 -31.10
CA ALA A 524 16.43 18.78 -30.93
C ALA A 524 17.43 18.74 -32.08
N ASN A 525 16.92 18.56 -33.31
CA ASN A 525 17.74 18.50 -34.53
C ASN A 525 18.62 19.73 -34.74
N TRP A 526 18.12 20.89 -34.31
CA TRP A 526 18.91 22.12 -34.31
C TRP A 526 20.13 21.99 -33.39
N SER A 527 19.92 21.84 -32.07
CA SER A 527 21.04 21.73 -31.10
C SER A 527 21.97 20.53 -31.36
N VAL A 528 21.42 19.48 -32.00
CA VAL A 528 22.16 18.34 -32.56
C VAL A 528 23.13 18.78 -33.67
N SER A 529 22.62 19.54 -34.65
CA SER A 529 23.47 20.07 -35.74
C SER A 529 24.39 21.19 -35.24
N ARG A 530 23.92 22.00 -34.29
CA ARG A 530 24.75 23.00 -33.62
C ARG A 530 25.95 22.39 -32.87
N GLU A 531 25.77 21.19 -32.31
CA GLU A 531 26.89 20.41 -31.74
C GLU A 531 27.98 20.17 -32.80
N ALA A 532 27.57 19.54 -33.91
CA ALA A 532 28.46 19.07 -34.98
C ALA A 532 29.61 20.00 -35.41
N GLY A 533 29.34 21.31 -35.53
CA GLY A 533 30.33 22.30 -36.00
C GLY A 533 31.04 23.15 -34.94
N PHE A 534 31.05 22.68 -33.69
CA PHE A 534 31.71 23.41 -32.59
C PHE A 534 33.24 23.24 -32.66
N SER A 535 33.95 24.08 -31.91
CA SER A 535 35.41 24.20 -32.02
C SER A 535 36.20 22.99 -31.53
N TYR A 536 37.41 22.88 -32.07
CA TYR A 536 38.49 22.06 -31.53
C TYR A 536 38.57 22.01 -29.99
N SER A 537 38.49 23.17 -29.36
CA SER A 537 38.58 23.29 -27.89
C SER A 537 37.20 23.60 -27.33
N HIS A 538 36.90 23.03 -26.15
CA HIS A 538 35.66 23.31 -25.43
C HIS A 538 35.69 22.89 -23.96
N ALA A 539 36.37 23.71 -23.13
CA ALA A 539 36.71 23.35 -21.75
C ALA A 539 37.23 21.90 -21.72
N GLY A 540 38.12 21.62 -22.67
CA GLY A 540 38.44 20.26 -23.10
C GLY A 540 37.21 19.61 -23.73
N LEU A 541 36.54 18.79 -22.92
CA LEU A 541 35.35 18.03 -23.33
C LEU A 541 34.34 18.01 -22.17
N SER A 542 34.13 19.18 -21.55
CA SER A 542 33.46 19.28 -20.25
C SER A 542 32.09 18.61 -20.22
N ASN A 543 31.26 18.86 -21.23
CA ASN A 543 29.99 18.13 -21.44
C ASN A 543 29.89 17.44 -22.82
N ARG A 544 30.98 17.43 -23.57
CA ARG A 544 31.07 16.73 -24.87
C ARG A 544 32.53 16.61 -25.30
N ASP A 548 34.19 13.48 -30.30
CA ASP A 548 33.33 13.21 -31.47
C ASP A 548 33.13 11.69 -31.64
N ASN A 549 32.66 11.25 -32.82
CA ASN A 549 32.43 9.82 -33.11
C ASN A 549 33.62 8.87 -32.92
N GLU A 550 34.82 9.43 -32.74
CA GLU A 550 35.97 8.70 -32.18
C GLU A 550 35.55 7.94 -30.91
N LEU A 551 35.31 6.64 -31.08
CA LEU A 551 34.73 5.77 -30.03
C LEU A 551 35.83 5.12 -29.17
N ARG A 552 36.24 5.83 -28.11
CA ARG A 552 37.31 5.37 -27.21
C ARG A 552 36.98 4.01 -26.60
N GLU A 553 37.99 3.15 -26.46
CA GLU A 553 37.80 1.75 -26.07
C GLU A 553 37.87 1.48 -24.56
N ASN A 554 38.63 2.28 -23.82
CA ASN A 554 38.59 2.28 -22.35
C ASN A 554 37.29 2.88 -21.84
N ASP A 555 36.88 3.98 -22.46
CA ASP A 555 35.61 4.65 -22.17
C ASP A 555 34.40 3.77 -22.49
N LYS A 556 34.42 3.10 -23.66
CA LYS A 556 33.34 2.20 -24.10
C LYS A 556 33.07 1.00 -23.18
N GLU A 557 34.05 0.64 -22.35
CA GLU A 557 33.85 -0.34 -21.26
C GLU A 557 33.38 0.33 -19.94
N GLN A 558 33.79 1.58 -19.71
CA GLN A 558 33.31 2.36 -18.53
C GLN A 558 31.79 2.56 -18.51
N LEU A 559 31.15 2.60 -19.68
CA LEU A 559 29.68 2.73 -19.78
C LEU A 559 28.97 1.48 -19.25
N LYS A 560 29.37 0.31 -19.73
CA LYS A 560 28.81 -0.96 -19.25
C LYS A 560 29.08 -1.25 -17.78
N ALA A 561 30.21 -0.75 -17.25
CA ALA A 561 30.54 -0.88 -15.83
C ALA A 561 29.57 -0.08 -14.96
N ILE A 562 29.25 1.12 -15.43
CA ILE A 562 28.26 1.97 -14.78
C ILE A 562 26.85 1.43 -15.01
N SER A 563 26.60 0.87 -16.20
CA SER A 563 25.31 0.24 -16.55
C SER A 563 24.81 -0.79 -15.54
N THR A 564 25.73 -1.59 -14.99
CA THR A 564 25.36 -2.69 -14.08
C THR A 564 25.24 -2.30 -12.59
N ARG A 565 25.53 -1.05 -12.25
CA ARG A 565 25.48 -0.59 -10.84
C ARG A 565 24.03 -0.51 -10.33
N ASP A 566 23.88 -0.51 -9.00
CA ASP A 566 22.55 -0.45 -8.38
C ASP A 566 22.00 0.97 -8.40
N PRO A 567 20.66 1.12 -8.50
CA PRO A 567 20.01 2.42 -8.52
C PRO A 567 20.44 3.46 -7.48
N LEU A 568 20.85 3.03 -6.29
CA LEU A 568 21.30 3.97 -5.26
C LEU A 568 22.81 4.28 -5.23
N SER A 569 23.58 3.68 -6.15
CA SER A 569 25.02 4.00 -6.29
C SER A 569 25.16 5.41 -6.84
N GLU A 570 25.30 6.37 -5.92
CA GLU A 570 25.26 7.78 -6.27
C GLU A 570 26.34 8.12 -7.28
N ILE A 571 25.94 8.81 -8.34
CA ILE A 571 26.76 9.06 -9.53
C ILE A 571 27.42 10.43 -9.44
N THR A 572 28.66 10.52 -9.91
CA THR A 572 29.44 11.76 -9.88
C THR A 572 29.16 12.56 -11.13
N GLU A 573 29.16 13.90 -11.01
CA GLU A 573 28.80 14.73 -12.15
C GLU A 573 29.82 14.60 -13.31
N GLN A 574 31.04 14.17 -13.00
CA GLN A 574 32.00 13.73 -14.04
C GLN A 574 31.39 12.61 -14.88
N GLU A 575 30.84 11.62 -14.19
CA GLU A 575 30.15 10.51 -14.85
C GLU A 575 28.86 10.94 -15.56
N LYS A 576 28.16 11.91 -14.99
CA LYS A 576 26.97 12.47 -15.64
C LYS A 576 27.31 13.08 -16.99
N ASP A 577 28.39 13.86 -17.05
CA ASP A 577 28.86 14.45 -18.30
C ASP A 577 29.35 13.36 -19.26
N PHE A 578 30.22 12.51 -18.74
CA PHE A 578 30.72 11.34 -19.45
C PHE A 578 29.57 10.59 -20.15
N LEU A 579 28.54 10.28 -19.38
CA LEU A 579 27.34 9.59 -19.88
C LEU A 579 26.58 10.45 -20.89
N TRP A 580 26.28 11.67 -20.45
CA TRP A 580 25.52 12.64 -21.23
C TRP A 580 26.16 12.88 -22.60
N SER A 581 27.49 12.91 -22.65
CA SER A 581 28.23 13.11 -23.90
C SER A 581 28.07 11.97 -24.92
N HIS A 582 28.19 10.72 -24.46
CA HIS A 582 28.00 9.57 -25.34
C HIS A 582 26.54 9.06 -25.38
N ARG A 583 25.58 9.92 -25.02
CA ARG A 583 24.13 9.62 -25.09
C ARG A 583 23.70 8.82 -26.32
N HIS A 584 24.27 9.14 -27.48
CA HIS A 584 23.88 8.46 -28.71
C HIS A 584 24.45 7.04 -28.74
N TYR A 585 25.62 6.82 -28.14
CA TYR A 585 26.16 5.46 -28.00
C TYR A 585 25.31 4.63 -27.03
N CYS A 586 24.97 5.21 -25.87
CA CYS A 586 24.19 4.51 -24.82
C CYS A 586 22.97 3.71 -25.31
N VAL A 587 22.37 4.14 -26.43
CA VAL A 587 21.23 3.45 -27.05
C VAL A 587 21.51 1.97 -27.45
N THR A 588 22.77 1.61 -27.66
CA THR A 588 23.14 0.20 -27.86
C THR A 588 23.09 -0.64 -26.57
N ILE A 589 23.32 0.00 -25.41
CA ILE A 589 23.14 -0.63 -24.09
C ILE A 589 21.84 -0.09 -23.46
N PRO A 590 20.66 -0.51 -23.99
CA PRO A 590 19.42 0.13 -23.52
C PRO A 590 19.24 0.15 -22.00
N GLU A 591 19.80 -0.84 -21.32
CA GLU A 591 19.75 -0.98 -19.86
C GLU A 591 20.30 0.23 -19.08
N ILE A 592 21.18 1.01 -19.69
CA ILE A 592 21.82 2.18 -19.04
C ILE A 592 20.89 3.41 -18.79
N LEU A 593 19.73 3.44 -19.45
CA LEU A 593 18.82 4.60 -19.47
C LEU A 593 18.49 5.28 -18.12
N PRO A 594 18.23 4.51 -17.05
CA PRO A 594 18.02 5.14 -15.74
C PRO A 594 19.18 5.99 -15.29
N LYS A 595 20.41 5.56 -15.60
CA LYS A 595 21.61 6.32 -15.24
C LYS A 595 21.73 7.58 -16.11
N LEU A 596 21.47 7.41 -17.40
CA LEU A 596 21.45 8.50 -18.37
C LEU A 596 20.47 9.61 -17.99
N LEU A 597 19.21 9.23 -17.74
CA LEU A 597 18.14 10.18 -17.42
C LEU A 597 18.42 11.02 -16.17
N LEU A 598 19.02 10.41 -15.16
CA LEU A 598 19.43 11.15 -13.95
C LEU A 598 20.63 12.07 -14.22
N SER A 599 21.40 11.75 -15.25
CA SER A 599 22.55 12.57 -15.68
C SER A 599 22.15 13.82 -16.46
N VAL A 600 21.02 13.79 -17.16
CA VAL A 600 20.52 14.94 -17.90
C VAL A 600 20.22 16.12 -16.95
N LYS A 601 20.52 17.32 -17.43
CA LYS A 601 20.11 18.55 -16.76
C LYS A 601 18.70 18.90 -17.25
N TRP A 602 17.74 18.95 -16.32
CA TRP A 602 16.34 19.16 -16.66
C TRP A 602 15.99 20.65 -16.74
N ASN A 603 16.77 21.48 -16.05
CA ASN A 603 16.83 22.94 -16.31
C ASN A 603 17.54 23.39 -17.60
N SER A 604 17.88 22.45 -18.49
CA SER A 604 18.27 22.77 -19.86
C SER A 604 17.19 22.26 -20.82
N ARG A 605 16.47 23.20 -21.42
CA ARG A 605 15.53 22.95 -22.51
C ARG A 605 16.18 22.21 -23.67
N ASP A 606 17.44 22.57 -23.95
CA ASP A 606 18.26 21.99 -25.00
C ASP A 606 18.50 20.49 -24.77
N GLU A 607 19.04 20.16 -23.59
CA GLU A 607 19.40 18.77 -23.25
C GLU A 607 18.16 17.85 -23.20
N VAL A 608 17.08 18.37 -22.62
CA VAL A 608 15.85 17.60 -22.42
C VAL A 608 15.18 17.29 -23.77
N ALA A 609 15.10 18.30 -24.66
CA ALA A 609 14.54 18.11 -26.00
C ALA A 609 15.22 16.98 -26.76
N GLN A 610 16.54 16.87 -26.62
CA GLN A 610 17.30 15.78 -27.23
C GLN A 610 17.04 14.44 -26.53
N MET A 611 16.94 14.48 -25.19
CA MET A 611 16.58 13.30 -24.42
C MET A 611 15.21 12.75 -24.83
N TYR A 612 14.21 13.63 -24.89
CA TYR A 612 12.85 13.29 -25.39
C TYR A 612 12.86 12.48 -26.70
N CYS A 613 13.79 12.84 -27.60
CA CYS A 613 13.91 12.21 -28.90
C CYS A 613 14.65 10.88 -28.85
N LEU A 614 15.56 10.73 -27.89
CA LEU A 614 16.18 9.42 -27.62
C LEU A 614 15.17 8.45 -27.05
N VAL A 615 14.42 8.92 -26.04
CA VAL A 615 13.38 8.11 -25.40
C VAL A 615 12.30 7.70 -26.39
N LYS A 616 12.05 8.55 -27.40
CA LYS A 616 11.10 8.24 -28.47
C LYS A 616 11.47 6.93 -29.16
N ASP A 617 12.69 6.86 -29.70
CA ASP A 617 13.16 5.67 -30.45
C ASP A 617 13.73 4.55 -29.54
N TRP A 618 14.11 4.91 -28.31
CA TRP A 618 14.80 3.99 -27.38
C TRP A 618 14.17 2.61 -27.34
N PRO A 619 14.99 1.55 -27.38
CA PRO A 619 14.37 0.24 -27.47
C PRO A 619 13.97 -0.29 -26.09
N PRO A 620 13.01 -1.23 -26.04
CA PRO A 620 12.46 -1.61 -24.73
C PRO A 620 13.50 -2.27 -23.81
N ILE A 621 13.24 -2.18 -22.52
CA ILE A 621 14.06 -2.81 -21.49
C ILE A 621 13.22 -3.79 -20.65
N LYS A 622 13.88 -4.49 -19.74
CA LYS A 622 13.24 -5.51 -18.93
C LYS A 622 12.32 -4.84 -17.93
N PRO A 623 11.06 -5.32 -17.81
CA PRO A 623 10.09 -4.81 -16.83
C PRO A 623 10.61 -4.52 -15.42
N GLU A 624 11.61 -5.27 -14.98
CA GLU A 624 12.21 -5.08 -13.65
C GLU A 624 13.02 -3.78 -13.58
N GLN A 625 13.49 -3.30 -14.74
CA GLN A 625 14.19 -2.01 -14.85
C GLN A 625 13.23 -0.88 -15.13
N ALA A 626 12.32 -1.09 -16.08
CA ALA A 626 11.24 -0.12 -16.40
C ALA A 626 10.47 0.37 -15.17
N MET A 627 10.31 -0.50 -14.19
CA MET A 627 9.70 -0.14 -12.93
C MET A 627 10.46 0.95 -12.17
N GLU A 628 11.79 0.92 -12.22
CA GLU A 628 12.59 2.02 -11.65
C GLU A 628 12.11 3.37 -12.21
N LEU A 629 11.79 3.40 -13.51
CA LEU A 629 11.32 4.60 -14.21
C LEU A 629 9.86 5.01 -13.91
N LEU A 630 9.19 4.32 -12.99
CA LEU A 630 7.98 4.83 -12.40
C LEU A 630 8.18 5.14 -10.90
N ASP A 631 9.42 5.19 -10.37
CA ASP A 631 9.62 5.63 -8.97
C ASP A 631 9.61 7.16 -8.88
N CYS A 632 9.79 7.70 -7.68
CA CYS A 632 9.69 9.15 -7.44
C CYS A 632 10.77 10.05 -8.08
N ASN A 633 11.87 9.47 -8.60
CA ASN A 633 12.95 10.21 -9.28
C ASN A 633 12.76 10.45 -10.77
N TYR A 634 11.77 9.80 -11.37
CA TYR A 634 11.50 9.94 -12.80
C TYR A 634 10.03 10.39 -12.99
N PRO A 635 9.78 11.72 -12.93
CA PRO A 635 8.46 12.29 -13.08
C PRO A 635 8.05 12.59 -14.52
N ASP A 636 9.01 12.61 -15.43
CA ASP A 636 8.73 13.15 -16.76
C ASP A 636 7.76 12.26 -17.53
N PRO A 637 6.71 12.84 -18.12
CA PRO A 637 5.68 11.99 -18.76
C PRO A 637 6.22 11.10 -19.85
N MET A 638 7.19 11.61 -20.61
CA MET A 638 7.74 10.84 -21.71
C MET A 638 8.50 9.64 -21.17
N VAL A 639 9.33 9.86 -20.17
CA VAL A 639 10.08 8.78 -19.51
C VAL A 639 9.09 7.71 -19.02
N ARG A 640 8.05 8.17 -18.33
CA ARG A 640 7.10 7.27 -17.71
C ARG A 640 6.27 6.53 -18.72
N GLY A 641 5.92 7.19 -19.82
CA GLY A 641 5.16 6.54 -20.90
C GLY A 641 5.92 5.39 -21.55
N PHE A 642 7.22 5.59 -21.72
CA PHE A 642 8.17 4.53 -22.11
C PHE A 642 8.05 3.34 -21.16
N ALA A 643 8.28 3.59 -19.88
CA ALA A 643 8.17 2.56 -18.84
C ALA A 643 6.87 1.77 -18.95
N VAL A 644 5.76 2.46 -19.19
CA VAL A 644 4.47 1.80 -19.37
C VAL A 644 4.49 0.92 -20.61
N ARG A 645 5.10 1.39 -21.69
CA ARG A 645 5.21 0.60 -22.93
C ARG A 645 6.13 -0.63 -22.81
N CYS A 646 7.20 -0.54 -22.02
CA CYS A 646 8.00 -1.72 -21.67
C CYS A 646 7.09 -2.77 -21.02
N LEU A 647 6.40 -2.37 -19.95
CA LEU A 647 5.46 -3.25 -19.25
C LEU A 647 4.30 -3.75 -20.12
N GLU A 648 3.87 -2.94 -21.09
CA GLU A 648 2.74 -3.31 -21.94
C GLU A 648 3.12 -4.47 -22.85
N LYS A 649 4.34 -4.42 -23.37
CA LYS A 649 4.88 -5.50 -24.19
C LYS A 649 5.33 -6.69 -23.35
N TYR A 650 6.19 -6.44 -22.36
CA TYR A 650 7.03 -7.48 -21.74
C TYR A 650 6.48 -8.11 -20.43
N LEU A 651 5.81 -7.35 -19.58
CA LEU A 651 5.33 -7.87 -18.27
C LEU A 651 4.13 -8.81 -18.42
N THR A 652 4.29 -10.07 -17.99
CA THR A 652 3.21 -11.07 -18.04
C THR A 652 2.20 -10.79 -16.96
N ASP A 653 0.97 -11.26 -17.15
CA ASP A 653 -0.07 -11.16 -16.11
C ASP A 653 0.37 -11.79 -14.78
N ASP A 654 1.23 -12.81 -14.82
CA ASP A 654 1.79 -13.41 -13.61
C ASP A 654 2.68 -12.43 -12.87
N LYS A 655 3.64 -11.87 -13.59
CA LYS A 655 4.59 -10.93 -12.99
C LYS A 655 3.96 -9.59 -12.60
N LEU A 656 2.87 -9.22 -13.27
CA LEU A 656 2.06 -8.07 -12.85
C LEU A 656 1.49 -8.29 -11.45
N SER A 657 0.80 -9.41 -11.25
CA SER A 657 0.15 -9.67 -9.96
C SER A 657 1.14 -9.96 -8.83
N GLN A 658 2.39 -10.25 -9.19
CA GLN A 658 3.50 -10.33 -8.22
C GLN A 658 3.84 -8.92 -7.74
N TYR A 659 3.97 -8.01 -8.71
CA TYR A 659 4.36 -6.62 -8.48
C TYR A 659 3.19 -5.61 -8.47
N LEU A 660 1.96 -6.08 -8.25
CA LEU A 660 0.79 -5.18 -8.27
C LEU A 660 0.83 -4.13 -7.16
N ILE A 661 1.41 -4.47 -6.01
CA ILE A 661 1.42 -3.56 -4.86
C ILE A 661 2.19 -2.31 -5.22
N GLN A 662 3.40 -2.49 -5.73
CA GLN A 662 4.27 -1.35 -6.04
C GLN A 662 3.68 -0.47 -7.12
N LEU A 663 3.08 -1.10 -8.13
CA LEU A 663 2.53 -0.37 -9.26
C LEU A 663 1.37 0.51 -8.85
N VAL A 664 0.62 0.06 -7.85
CA VAL A 664 -0.49 0.82 -7.27
C VAL A 664 0.03 1.99 -6.41
N GLN A 665 1.06 1.76 -5.60
CA GLN A 665 1.69 2.82 -4.80
C GLN A 665 2.41 3.86 -5.63
N VAL A 666 2.71 3.52 -6.88
CA VAL A 666 3.43 4.40 -7.79
C VAL A 666 2.47 5.35 -8.54
N LEU A 667 1.16 5.08 -8.47
CA LEU A 667 0.16 6.02 -8.98
C LEU A 667 0.18 7.32 -8.20
N LYS A 668 0.58 7.24 -6.93
CA LYS A 668 0.64 8.40 -6.03
C LYS A 668 1.61 9.47 -6.53
N TYR A 669 2.75 9.02 -7.05
CA TYR A 669 3.77 9.90 -7.64
C TYR A 669 3.45 10.43 -9.04
N GLU A 670 2.35 10.01 -9.66
CA GLU A 670 1.93 10.55 -10.96
C GLU A 670 1.39 11.95 -10.77
N GLN A 671 1.76 12.89 -11.65
CA GLN A 671 1.31 14.29 -11.54
C GLN A 671 -0.20 14.45 -11.59
N TYR A 672 -0.81 13.89 -12.63
CA TYR A 672 -2.22 14.12 -12.97
C TYR A 672 -3.03 12.82 -12.89
N LEU A 673 -4.35 12.95 -12.75
CA LEU A 673 -5.25 11.81 -12.53
C LEU A 673 -5.28 10.86 -13.71
N ASP A 674 -5.53 11.42 -14.89
CA ASP A 674 -5.51 10.68 -16.13
C ASP A 674 -4.04 10.59 -16.54
N ASN A 675 -3.59 9.37 -16.83
CA ASN A 675 -2.22 9.11 -17.23
C ASN A 675 -2.12 7.69 -17.75
N LEU A 676 -0.95 7.35 -18.29
CA LEU A 676 -0.75 6.08 -19.01
C LEU A 676 -0.73 4.87 -18.10
N LEU A 677 -0.02 5.02 -16.98
CA LEU A 677 0.03 3.98 -15.96
C LEU A 677 -1.32 3.61 -15.34
N VAL A 678 -2.23 4.57 -15.14
CA VAL A 678 -3.55 4.25 -14.56
C VAL A 678 -4.37 3.48 -15.61
N ARG A 679 -4.28 3.93 -16.86
CA ARG A 679 -4.96 3.26 -17.96
C ARG A 679 -4.45 1.84 -18.12
N PHE A 680 -3.14 1.67 -18.01
CA PHE A 680 -2.53 0.35 -18.08
C PHE A 680 -3.02 -0.59 -16.98
N LEU A 681 -3.07 -0.11 -15.74
CA LEU A 681 -3.55 -0.93 -14.63
C LEU A 681 -5.06 -1.17 -14.65
N LEU A 682 -5.82 -0.15 -15.03
CA LEU A 682 -7.26 -0.29 -15.03
C LEU A 682 -7.63 -1.34 -16.08
N LYS A 683 -6.87 -1.37 -17.17
CA LYS A 683 -7.15 -2.32 -18.25
C LYS A 683 -6.88 -3.74 -17.80
N LYS A 684 -5.69 -3.98 -17.23
CA LYS A 684 -5.36 -5.31 -16.74
C LYS A 684 -6.28 -5.76 -15.62
N ALA A 685 -6.76 -4.82 -14.82
CA ALA A 685 -7.74 -5.15 -13.77
C ALA A 685 -9.06 -5.60 -14.37
N LEU A 686 -9.43 -4.98 -15.49
CA LEU A 686 -10.67 -5.36 -16.21
C LEU A 686 -10.52 -6.53 -17.22
N THR A 687 -9.29 -6.80 -17.64
CA THR A 687 -8.90 -8.06 -18.29
C THR A 687 -9.01 -9.30 -17.37
N ASN A 688 -8.59 -9.16 -16.11
CA ASN A 688 -8.13 -10.31 -15.31
C ASN A 688 -8.63 -10.27 -13.86
N GLN A 689 -9.71 -10.97 -13.58
CA GLN A 689 -10.39 -10.84 -12.27
C GLN A 689 -9.53 -11.21 -11.06
N ARG A 690 -8.42 -11.92 -11.26
CA ARG A 690 -7.47 -12.17 -10.18
C ARG A 690 -6.72 -10.89 -9.87
N ILE A 691 -6.26 -10.21 -10.92
CA ILE A 691 -5.66 -8.88 -10.74
C ILE A 691 -6.73 -7.96 -10.17
N GLY A 692 -7.80 -7.78 -10.94
CA GLY A 692 -8.89 -6.93 -10.52
C GLY A 692 -9.15 -6.96 -9.02
N HIS A 693 -9.24 -8.16 -8.47
CA HIS A 693 -9.54 -8.36 -7.05
C HIS A 693 -8.52 -7.65 -6.13
N PHE A 694 -7.25 -7.92 -6.35
CA PHE A 694 -6.22 -7.26 -5.54
C PHE A 694 -6.01 -5.80 -5.88
N PHE A 695 -6.23 -5.43 -7.14
CA PHE A 695 -6.22 -4.02 -7.56
C PHE A 695 -7.33 -3.25 -6.82
N PHE A 696 -8.46 -3.92 -6.55
CA PHE A 696 -9.56 -3.29 -5.81
C PHE A 696 -9.20 -3.16 -4.37
N TRP A 697 -8.79 -4.26 -3.76
CA TRP A 697 -8.44 -4.23 -2.35
C TRP A 697 -7.27 -3.30 -2.04
N HIS A 698 -6.25 -3.31 -2.88
CA HIS A 698 -5.07 -2.48 -2.64
C HIS A 698 -5.39 -0.98 -2.64
N LEU A 699 -6.37 -0.57 -3.45
CA LEU A 699 -6.87 0.82 -3.43
C LEU A 699 -7.71 1.06 -2.20
N LYS A 700 -8.73 0.21 -2.03
CA LYS A 700 -9.64 0.29 -0.90
C LYS A 700 -8.89 0.37 0.44
N SER A 701 -7.79 -0.37 0.59
CA SER A 701 -7.08 -0.42 1.88
C SER A 701 -6.46 0.92 2.23
N GLU A 702 -6.05 1.67 1.20
CA GLU A 702 -5.48 3.00 1.38
C GLU A 702 -6.53 4.10 1.23
N MET A 703 -7.81 3.78 1.32
CA MET A 703 -8.84 4.75 0.98
C MET A 703 -8.97 5.84 2.04
N HIS A 704 -9.08 5.42 3.31
CA HIS A 704 -9.10 6.32 4.48
C HIS A 704 -7.99 7.40 4.47
N ASN A 705 -6.85 7.09 3.85
CA ASN A 705 -5.76 8.05 3.71
C ASN A 705 -6.11 9.19 2.75
N LYS A 706 -6.52 10.32 3.31
CA LYS A 706 -7.12 11.43 2.55
C LYS A 706 -6.24 12.02 1.44
N THR A 707 -4.92 11.81 1.50
CA THR A 707 -4.02 12.31 0.45
C THR A 707 -4.30 11.65 -0.90
N VAL A 708 -4.49 10.34 -0.88
CA VAL A 708 -4.78 9.58 -2.10
C VAL A 708 -6.27 9.34 -2.32
N SER A 709 -7.04 9.31 -1.23
CA SER A 709 -8.50 9.20 -1.27
C SER A 709 -9.21 9.58 -2.57
N GLN A 710 -8.95 10.75 -3.14
CA GLN A 710 -9.69 11.17 -4.34
C GLN A 710 -9.24 10.45 -5.60
N ARG A 711 -7.93 10.33 -5.80
CA ARG A 711 -7.38 9.65 -6.98
C ARG A 711 -7.87 8.21 -7.02
N PHE A 712 -7.70 7.54 -5.90
CA PHE A 712 -8.08 6.13 -5.71
C PHE A 712 -9.58 5.84 -5.77
N GLY A 713 -10.40 6.76 -5.28
CA GLY A 713 -11.85 6.57 -5.32
C GLY A 713 -12.37 6.57 -6.73
N LEU A 714 -11.96 7.60 -7.49
CA LEU A 714 -12.38 7.77 -8.88
C LEU A 714 -12.00 6.56 -9.73
N LEU A 715 -10.81 6.03 -9.42
CA LEU A 715 -10.29 4.81 -10.02
C LEU A 715 -11.10 3.61 -9.61
N LEU A 716 -11.38 3.50 -8.31
CA LEU A 716 -12.26 2.45 -7.82
C LEU A 716 -13.65 2.58 -8.47
N GLU A 717 -14.12 3.82 -8.63
CA GLU A 717 -15.42 4.04 -9.25
C GLU A 717 -15.43 3.57 -10.66
N SER A 718 -14.36 3.84 -11.39
CA SER A 718 -14.28 3.38 -12.76
C SER A 718 -14.21 1.85 -12.81
N TYR A 719 -13.40 1.22 -11.93
CA TYR A 719 -13.30 -0.26 -11.87
C TYR A 719 -14.65 -0.90 -11.53
N CYS A 720 -15.31 -0.39 -10.49
CA CYS A 720 -16.55 -1.00 -10.02
C CYS A 720 -17.66 -0.88 -11.06
N ARG A 721 -17.66 0.21 -11.80
CA ARG A 721 -18.62 0.41 -12.85
C ARG A 721 -18.46 -0.60 -14.00
N ALA A 722 -17.22 -1.04 -14.26
CA ALA A 722 -16.90 -1.84 -15.46
C ALA A 722 -16.63 -3.32 -15.24
N CYS A 723 -16.46 -3.77 -13.99
CA CYS A 723 -15.99 -5.15 -13.70
C CYS A 723 -17.08 -6.24 -13.75
N GLY A 724 -18.34 -5.85 -13.94
CA GLY A 724 -19.42 -6.83 -14.07
C GLY A 724 -19.88 -7.35 -12.73
N MET A 725 -20.33 -8.60 -12.68
CA MET A 725 -20.93 -9.13 -11.44
C MET A 725 -19.98 -9.24 -10.26
N TYR A 726 -18.66 -9.25 -10.51
CA TYR A 726 -17.70 -9.30 -9.40
C TYR A 726 -17.96 -8.23 -8.35
N LEU A 727 -18.41 -7.06 -8.79
CA LEU A 727 -18.84 -5.99 -7.88
C LEU A 727 -19.76 -6.51 -6.77
N LYS A 728 -20.65 -7.44 -7.09
CA LYS A 728 -21.52 -8.05 -6.09
C LYS A 728 -20.80 -9.02 -5.17
N HIS A 729 -19.78 -9.69 -5.68
CA HIS A 729 -18.91 -10.52 -4.86
C HIS A 729 -18.08 -9.69 -3.90
N LEU A 730 -17.52 -8.59 -4.41
CA LEU A 730 -16.78 -7.65 -3.57
C LEU A 730 -17.70 -7.09 -2.50
N ASN A 731 -18.90 -6.64 -2.88
CA ASN A 731 -19.83 -6.10 -1.91
C ASN A 731 -20.13 -7.08 -0.78
N ARG A 732 -20.08 -8.38 -1.04
CA ARG A 732 -20.20 -9.32 0.06
C ARG A 732 -18.96 -9.29 0.93
N GLN A 733 -17.80 -9.27 0.29
CA GLN A 733 -16.51 -9.23 1.00
C GLN A 733 -16.39 -7.97 1.87
N VAL A 734 -16.91 -6.86 1.36
CA VAL A 734 -16.80 -5.60 2.08
C VAL A 734 -17.74 -5.65 3.26
N GLU A 735 -18.99 -6.01 2.98
CA GLU A 735 -20.04 -6.17 3.99
C GLU A 735 -19.62 -7.11 5.12
N ALA A 736 -18.84 -8.14 4.78
CA ALA A 736 -18.30 -9.07 5.77
C ALA A 736 -17.25 -8.39 6.63
N MET A 737 -16.28 -7.77 5.99
CA MET A 737 -15.22 -7.03 6.70
C MET A 737 -15.75 -5.99 7.68
N GLU A 738 -16.77 -5.26 7.27
CA GLU A 738 -17.39 -4.27 8.15
C GLU A 738 -17.92 -4.92 9.40
N LYS A 739 -18.59 -6.06 9.28
CA LYS A 739 -19.10 -6.79 10.47
C LYS A 739 -17.98 -7.16 11.42
N LEU A 740 -16.90 -7.70 10.86
CA LEU A 740 -15.75 -8.10 11.63
C LEU A 740 -15.02 -6.92 12.24
N ILE A 741 -14.91 -5.82 11.50
CA ILE A 741 -14.36 -4.58 12.08
C ILE A 741 -15.22 -4.15 13.27
N ASN A 742 -16.53 -4.07 13.07
CA ASN A 742 -17.46 -3.66 14.10
C ASN A 742 -17.47 -4.57 15.33
N LEU A 743 -17.37 -5.87 15.11
CA LEU A 743 -17.35 -6.82 16.20
C LEU A 743 -16.10 -6.62 17.05
N THR A 744 -14.93 -6.58 16.39
CA THR A 744 -13.64 -6.43 17.08
C THR A 744 -13.47 -5.08 17.80
N ASP A 745 -14.12 -4.03 17.30
CA ASP A 745 -14.12 -2.73 17.98
C ASP A 745 -14.81 -2.85 19.33
N ILE A 746 -15.94 -3.52 19.35
CA ILE A 746 -16.66 -3.76 20.60
C ILE A 746 -15.78 -4.56 21.57
N LEU A 747 -15.02 -5.53 21.06
CA LEU A 747 -14.10 -6.30 21.91
C LEU A 747 -12.96 -5.49 22.46
N LYS A 748 -12.42 -4.57 21.66
CA LYS A 748 -11.20 -3.82 22.04
C LYS A 748 -11.46 -2.58 22.91
N GLN A 749 -12.71 -2.13 22.91
CA GLN A 749 -13.16 -1.05 23.79
C GLN A 749 -14.40 -1.62 24.45
N GLU A 750 -14.65 -1.30 25.71
CA GLU A 750 -15.83 -1.82 26.44
C GLU A 750 -15.64 -3.24 26.95
N LYS A 751 -15.61 -4.23 26.07
CA LYS A 751 -15.44 -5.63 26.49
C LYS A 751 -13.98 -6.02 26.77
N LYS A 752 -13.05 -5.06 26.65
CA LYS A 752 -11.75 -5.12 27.36
C LYS A 752 -11.99 -5.15 28.88
N ASP A 753 -11.01 -5.65 29.63
CA ASP A 753 -11.15 -5.86 31.09
C ASP A 753 -12.28 -6.84 31.47
N GLU A 754 -12.51 -7.83 30.61
CA GLU A 754 -13.45 -8.94 30.85
C GLU A 754 -12.72 -10.24 30.54
N THR A 755 -12.97 -11.29 31.33
CA THR A 755 -12.34 -12.59 31.08
C THR A 755 -12.56 -13.03 29.65
N GLN A 756 -11.61 -13.80 29.10
CA GLN A 756 -11.83 -14.40 27.78
C GLN A 756 -13.12 -15.21 27.77
N LYS A 757 -13.40 -15.93 28.84
CA LYS A 757 -14.65 -16.65 28.96
C LYS A 757 -15.88 -15.73 28.68
N VAL A 758 -15.87 -14.50 29.19
CA VAL A 758 -16.96 -13.53 28.96
C VAL A 758 -16.97 -13.08 27.52
N GLN A 759 -15.80 -12.64 27.04
CA GLN A 759 -15.63 -12.22 25.65
C GLN A 759 -16.12 -13.29 24.67
N MET A 760 -15.82 -14.56 24.96
CA MET A 760 -16.25 -15.66 24.09
C MET A 760 -17.76 -15.92 24.14
N LYS A 761 -18.41 -15.67 25.29
CA LYS A 761 -19.87 -15.75 25.35
C LYS A 761 -20.51 -14.67 24.52
N PHE A 762 -19.92 -13.48 24.52
CA PHE A 762 -20.34 -12.40 23.62
C PHE A 762 -20.08 -12.72 22.14
N LEU A 763 -18.92 -13.30 21.84
CA LEU A 763 -18.52 -13.58 20.44
C LEU A 763 -19.46 -14.54 19.75
N VAL A 764 -19.86 -15.59 20.46
CA VAL A 764 -20.73 -16.63 19.89
C VAL A 764 -22.16 -16.11 19.78
N GLU A 765 -22.67 -15.49 20.86
CA GLU A 765 -23.98 -14.85 20.82
C GLU A 765 -24.15 -14.00 19.57
N GLN A 766 -23.12 -13.19 19.28
CA GLN A 766 -23.16 -12.27 18.14
C GLN A 766 -23.08 -12.92 16.78
N MET A 767 -22.31 -13.99 16.63
CA MET A 767 -22.23 -14.68 15.35
C MET A 767 -23.49 -15.54 15.07
N ARG A 768 -24.20 -15.93 16.14
CA ARG A 768 -25.48 -16.61 16.00
C ARG A 768 -26.58 -15.69 15.53
N ARG A 769 -26.43 -14.38 15.74
CA ARG A 769 -27.42 -13.40 15.28
C ARG A 769 -27.60 -13.54 13.78
N PRO A 770 -28.79 -13.20 13.26
CA PRO A 770 -29.09 -13.53 11.85
C PRO A 770 -28.41 -12.60 10.82
N ASP A 771 -28.22 -11.33 11.18
CA ASP A 771 -27.45 -10.40 10.33
C ASP A 771 -25.98 -10.78 10.16
N PHE A 772 -25.40 -11.41 11.18
CA PHE A 772 -24.06 -12.00 11.11
C PHE A 772 -24.05 -13.21 10.22
N MET A 773 -25.00 -14.11 10.45
CA MET A 773 -25.14 -15.30 9.64
C MET A 773 -25.29 -14.91 8.16
N ASP A 774 -26.14 -13.93 7.86
CA ASP A 774 -26.27 -13.40 6.49
C ASP A 774 -24.92 -12.98 5.94
N ALA A 775 -24.24 -12.13 6.70
CA ALA A 775 -23.12 -11.36 6.21
C ALA A 775 -21.80 -12.11 6.18
N LEU A 776 -21.60 -13.05 7.11
CA LEU A 776 -20.33 -13.78 7.23
C LEU A 776 -20.31 -15.21 6.66
N GLN A 777 -21.29 -15.61 5.86
CA GLN A 777 -21.36 -17.01 5.40
C GLN A 777 -21.15 -17.27 3.92
N GLY A 778 -21.91 -16.65 3.03
CA GLY A 778 -21.75 -16.98 1.62
C GLY A 778 -20.79 -16.06 0.91
N PHE A 779 -19.47 -16.31 0.94
CA PHE A 779 -18.53 -15.37 0.25
C PHE A 779 -17.12 -15.90 -0.05
N LEU A 780 -16.36 -15.09 -0.80
CA LEU A 780 -15.02 -15.46 -1.22
C LEU A 780 -13.97 -14.85 -0.32
N SER A 781 -13.11 -15.68 0.24
CA SER A 781 -11.94 -15.23 0.99
C SER A 781 -11.21 -14.17 0.18
N PRO A 782 -11.08 -12.94 0.73
CA PRO A 782 -10.24 -11.93 0.06
C PRO A 782 -8.75 -12.33 -0.11
N LEU A 783 -8.21 -13.13 0.80
CA LEU A 783 -6.83 -13.64 0.68
C LEU A 783 -6.61 -14.47 -0.57
N ASN A 784 -7.66 -15.21 -0.95
CA ASN A 784 -7.67 -15.94 -2.21
C ASN A 784 -9.12 -16.16 -2.64
N PRO A 785 -9.60 -15.38 -3.64
CA PRO A 785 -11.00 -15.46 -4.02
C PRO A 785 -11.39 -16.85 -4.59
N ALA A 786 -10.39 -17.58 -5.08
CA ALA A 786 -10.50 -19.00 -5.43
C ALA A 786 -11.18 -19.82 -4.34
N HIS A 787 -10.74 -19.64 -3.10
CA HIS A 787 -11.31 -20.39 -1.99
C HIS A 787 -12.65 -19.78 -1.59
N GLN A 788 -13.72 -20.57 -1.66
CA GLN A 788 -15.04 -20.17 -1.15
C GLN A 788 -15.12 -20.34 0.35
N LEU A 789 -15.93 -19.50 0.96
CA LEU A 789 -16.24 -19.59 2.38
C LEU A 789 -17.74 -19.79 2.45
N GLY A 790 -18.15 -20.89 3.05
CA GLY A 790 -19.54 -21.27 3.13
C GLY A 790 -20.08 -21.01 4.51
N ASN A 791 -20.62 -22.03 5.16
CA ASN A 791 -21.20 -21.85 6.48
C ASN A 791 -20.13 -21.80 7.55
N LEU A 792 -20.37 -20.99 8.58
CA LEU A 792 -19.41 -20.79 9.67
C LEU A 792 -19.53 -21.98 10.60
N ARG A 793 -18.39 -22.59 10.92
CA ARG A 793 -18.36 -23.57 12.01
C ARG A 793 -18.00 -22.80 13.28
N LEU A 794 -19.03 -22.28 13.94
CA LEU A 794 -18.87 -21.50 15.17
C LEU A 794 -18.12 -22.28 16.22
N GLU A 795 -18.36 -23.59 16.26
CA GLU A 795 -17.58 -24.55 17.06
C GLU A 795 -16.08 -24.21 17.14
N GLU A 796 -15.50 -23.92 15.98
CA GLU A 796 -14.06 -23.71 15.81
C GLU A 796 -13.69 -22.24 15.54
N CYS A 797 -14.51 -21.31 16.00
CA CYS A 797 -14.21 -19.88 15.90
C CYS A 797 -13.91 -19.34 17.28
N ARG A 798 -12.94 -18.44 17.37
CA ARG A 798 -12.48 -17.98 18.67
C ARG A 798 -11.63 -16.72 18.61
N ILE A 799 -11.64 -15.97 19.72
CA ILE A 799 -10.82 -14.77 19.88
C ILE A 799 -9.47 -15.22 20.41
N MET A 800 -8.43 -14.93 19.66
CA MET A 800 -7.11 -15.41 20.03
C MET A 800 -6.59 -14.68 21.27
N SER A 801 -5.46 -15.15 21.77
CA SER A 801 -4.89 -14.64 23.03
C SER A 801 -4.34 -13.23 22.91
N SER A 802 -3.88 -12.83 21.74
CA SER A 802 -3.31 -11.48 21.55
C SER A 802 -4.24 -10.37 22.04
N ALA A 803 -3.63 -9.29 22.54
CA ALA A 803 -4.36 -8.18 23.13
C ALA A 803 -5.18 -7.38 22.12
N LYS A 804 -4.89 -7.54 20.84
CA LYS A 804 -5.61 -6.80 19.79
C LYS A 804 -6.92 -7.52 19.44
N ARG A 805 -7.14 -8.67 20.07
CA ARG A 805 -8.35 -9.46 19.96
C ARG A 805 -8.58 -9.87 18.52
N PRO A 806 -7.58 -10.55 17.92
CA PRO A 806 -7.81 -11.09 16.60
C PRO A 806 -8.79 -12.23 16.69
N LEU A 807 -9.61 -12.36 15.65
CA LEU A 807 -10.58 -13.43 15.52
C LEU A 807 -10.02 -14.50 14.61
N TRP A 808 -10.14 -15.73 15.07
CA TRP A 808 -9.79 -16.91 14.32
C TRP A 808 -11.12 -17.41 13.79
N LEU A 809 -11.27 -17.42 12.47
CA LEU A 809 -12.54 -17.81 11.87
C LEU A 809 -12.37 -19.10 11.07
N ASN A 810 -13.48 -19.82 10.89
CA ASN A 810 -13.47 -21.16 10.32
C ASN A 810 -14.76 -21.45 9.57
N TRP A 811 -14.65 -21.60 8.25
CA TRP A 811 -15.80 -21.81 7.36
C TRP A 811 -15.77 -23.19 6.70
N GLU A 812 -16.95 -23.74 6.41
CA GLU A 812 -17.07 -24.94 5.58
C GLU A 812 -16.66 -24.57 4.14
N ASN A 813 -15.85 -25.41 3.51
CA ASN A 813 -15.49 -25.28 2.08
C ASN A 813 -16.68 -25.84 1.30
N PRO A 814 -17.51 -24.97 0.68
CA PRO A 814 -18.75 -25.47 0.09
C PRO A 814 -18.57 -26.13 -1.28
N ASP A 815 -17.33 -26.24 -1.75
CA ASP A 815 -16.99 -26.98 -2.98
C ASP A 815 -17.55 -28.41 -2.95
N ILE A 816 -17.76 -28.97 -4.13
CA ILE A 816 -18.34 -30.30 -4.23
C ILE A 816 -17.27 -31.37 -3.92
N MET A 817 -16.00 -31.05 -4.18
CA MET A 817 -14.87 -31.92 -3.89
C MET A 817 -14.01 -31.41 -2.71
N SEP A 818 -14.67 -30.89 -1.67
CA SEP A 818 -13.96 -30.34 -0.49
CB SEP A 818 -14.92 -29.83 0.59
OG SEP A 818 -16.25 -30.35 0.45
C SEP A 818 -13.02 -31.33 0.15
O SEP A 818 -11.99 -30.95 0.70
P SEP A 818 -17.38 -30.28 1.62
O1P SEP A 818 -18.53 -29.52 0.99
O2P SEP A 818 -17.70 -31.73 1.90
O3P SEP A 818 -16.76 -29.57 2.80
N GLU A 819 -13.36 -32.62 0.05
CA GLU A 819 -12.58 -33.71 0.62
C GLU A 819 -11.14 -33.78 0.10
N LEU A 820 -10.90 -33.39 -1.15
CA LEU A 820 -9.58 -33.53 -1.75
C LEU A 820 -8.65 -32.31 -1.54
N LEU A 821 -9.13 -31.27 -0.84
CA LEU A 821 -8.29 -30.07 -0.54
C LEU A 821 -8.34 -29.66 0.94
N PHE A 822 -9.50 -29.21 1.40
CA PHE A 822 -9.67 -28.91 2.83
C PHE A 822 -11.14 -28.76 3.16
N GLN A 823 -11.64 -29.62 4.04
CA GLN A 823 -13.05 -29.59 4.49
C GLN A 823 -13.42 -28.27 5.19
N ASN A 824 -12.41 -27.61 5.76
CA ASN A 824 -12.60 -26.34 6.45
C ASN A 824 -11.49 -25.32 6.15
N ASN A 825 -11.89 -24.22 5.54
CA ASN A 825 -11.03 -23.07 5.33
C ASN A 825 -11.11 -22.16 6.56
N GLU A 826 -9.95 -21.77 7.08
CA GLU A 826 -9.88 -20.88 8.23
C GLU A 826 -8.81 -19.84 8.02
N ILE A 827 -9.10 -18.61 8.41
CA ILE A 827 -8.16 -17.50 8.28
C ILE A 827 -8.35 -16.53 9.48
N ILE A 828 -7.36 -15.67 9.72
CA ILE A 828 -7.37 -14.77 10.88
C ILE A 828 -7.67 -13.33 10.47
N PHE A 829 -8.58 -12.69 11.20
CA PHE A 829 -8.93 -11.29 10.99
C PHE A 829 -8.37 -10.50 12.16
N LYS A 830 -7.44 -9.57 11.91
CA LYS A 830 -6.80 -8.81 12.99
C LYS A 830 -7.03 -7.32 12.81
N ASN A 831 -7.92 -6.78 13.66
CA ASN A 831 -8.04 -5.33 13.81
C ASN A 831 -7.06 -4.82 14.87
N GLY A 832 -6.05 -4.08 14.42
CA GLY A 832 -5.13 -3.42 15.34
C GLY A 832 -3.75 -3.10 14.80
N ASP A 833 -3.06 -4.11 14.29
CA ASP A 833 -1.72 -3.92 13.73
C ASP A 833 -1.83 -3.41 12.31
N ASP A 834 -0.82 -2.63 11.91
CA ASP A 834 -0.63 -2.25 10.52
C ASP A 834 0.06 -3.41 9.81
N LEU A 835 -0.73 -4.15 9.04
CA LEU A 835 -0.25 -5.31 8.31
C LEU A 835 0.75 -4.96 7.21
N ARG A 836 0.52 -3.84 6.51
CA ARG A 836 1.20 -3.60 5.25
C ARG A 836 2.73 -3.62 5.24
N GLN A 837 3.37 -3.60 6.41
CA GLN A 837 4.80 -3.92 6.50
C GLN A 837 5.00 -5.41 6.24
N ASP A 838 4.36 -6.25 7.06
CA ASP A 838 4.34 -7.72 6.84
C ASP A 838 4.04 -8.02 5.37
N MET A 839 2.97 -7.42 4.86
CA MET A 839 2.54 -7.56 3.47
C MET A 839 3.71 -7.43 2.49
N LEU A 840 4.57 -6.43 2.71
CA LEU A 840 5.74 -6.27 1.87
C LEU A 840 6.82 -7.32 2.12
N THR A 841 7.14 -7.64 3.38
CA THR A 841 8.30 -8.53 3.66
C THR A 841 7.97 -9.93 3.11
N LEU A 842 6.73 -10.36 3.30
CA LEU A 842 6.21 -11.58 2.68
C LEU A 842 6.28 -11.55 1.15
N GLN A 843 5.94 -10.42 0.55
CA GLN A 843 6.14 -10.24 -0.90
C GLN A 843 7.60 -10.40 -1.33
N ILE A 844 8.51 -9.81 -0.57
CA ILE A 844 9.95 -9.89 -0.88
C ILE A 844 10.44 -11.34 -0.73
N ILE A 845 9.99 -12.00 0.33
CA ILE A 845 10.27 -13.42 0.62
C ILE A 845 9.84 -14.29 -0.55
N ARG A 846 8.63 -14.08 -1.05
CA ARG A 846 8.11 -14.85 -2.18
C ARG A 846 9.01 -14.66 -3.42
N ILE A 847 9.41 -13.41 -3.65
CA ILE A 847 10.26 -13.04 -4.78
C ILE A 847 11.66 -13.63 -4.66
N MET A 848 12.19 -13.72 -3.45
CA MET A 848 13.44 -14.46 -3.22
C MET A 848 13.22 -15.93 -3.56
N GLU A 849 12.22 -16.57 -2.96
CA GLU A 849 11.95 -17.99 -3.20
C GLU A 849 11.94 -18.29 -4.70
N ASN A 850 11.28 -17.44 -5.49
CA ASN A 850 11.20 -17.63 -6.94
C ASN A 850 12.52 -17.41 -7.68
N ILE A 851 13.31 -16.43 -7.25
CA ILE A 851 14.65 -16.22 -7.81
C ILE A 851 15.49 -17.46 -7.59
N TRP A 852 15.56 -17.89 -6.33
CA TRP A 852 16.28 -19.10 -5.93
C TRP A 852 15.83 -20.32 -6.72
N GLN A 853 14.53 -20.62 -6.65
CA GLN A 853 13.95 -21.81 -7.30
C GLN A 853 14.39 -21.97 -8.76
N ASN A 854 14.15 -20.96 -9.58
CA ASN A 854 14.47 -21.02 -11.01
C ASN A 854 15.97 -20.90 -11.31
N GLN A 855 16.77 -20.45 -10.33
CA GLN A 855 18.24 -20.48 -10.39
C GLN A 855 18.83 -21.76 -9.76
N GLY A 856 18.09 -22.87 -9.76
CA GLY A 856 18.57 -24.12 -9.18
C GLY A 856 18.32 -24.36 -7.70
N LEU A 857 18.52 -23.35 -6.84
CA LEU A 857 18.56 -23.54 -5.37
C LEU A 857 17.18 -23.71 -4.75
N ASP A 858 16.91 -24.89 -4.17
CA ASP A 858 15.63 -25.17 -3.51
C ASP A 858 15.71 -24.82 -2.01
N LEU A 859 15.19 -23.66 -1.65
CA LEU A 859 15.17 -23.18 -0.27
C LEU A 859 13.74 -22.83 0.08
N ARG A 860 13.03 -23.78 0.68
CA ARG A 860 11.59 -23.67 0.79
C ARG A 860 11.16 -22.70 1.91
N MET A 861 10.79 -21.51 1.47
CA MET A 861 10.22 -20.50 2.32
C MET A 861 8.72 -20.74 2.38
N LEU A 862 8.07 -20.12 3.37
CA LEU A 862 6.60 -20.16 3.49
C LEU A 862 6.07 -18.73 3.67
N PRO A 863 5.85 -18.01 2.56
CA PRO A 863 5.25 -16.69 2.61
C PRO A 863 3.75 -16.76 2.73
N TYR A 864 3.29 -17.03 3.95
CA TYR A 864 1.85 -17.13 4.24
C TYR A 864 1.10 -15.89 3.76
N GLY A 865 -0.18 -16.06 3.45
CA GLY A 865 -1.01 -14.96 2.94
C GLY A 865 -1.36 -13.90 3.98
N CYS A 866 -1.19 -12.64 3.60
CA CYS A 866 -1.53 -11.49 4.45
C CYS A 866 -2.10 -10.34 3.61
N LEU A 867 -3.15 -9.67 4.09
CA LEU A 867 -3.80 -8.62 3.28
C LEU A 867 -4.34 -7.48 4.14
N SER A 868 -3.75 -6.30 3.97
CA SER A 868 -4.26 -5.08 4.60
C SER A 868 -5.48 -4.66 3.80
N ILE A 869 -6.61 -4.49 4.51
CA ILE A 869 -7.91 -4.17 3.90
C ILE A 869 -8.51 -2.84 4.40
N GLY A 870 -7.66 -2.00 5.01
CA GLY A 870 -8.11 -0.79 5.71
C GLY A 870 -7.05 -0.32 6.69
N ASP A 871 -7.34 0.73 7.45
CA ASP A 871 -6.36 1.32 8.37
C ASP A 871 -6.10 0.41 9.54
N CYS A 872 -4.95 -0.27 9.51
CA CYS A 872 -4.59 -1.25 10.53
C CYS A 872 -5.71 -2.28 10.76
N VAL A 873 -6.09 -2.94 9.67
CA VAL A 873 -7.02 -4.07 9.68
C VAL A 873 -6.61 -5.00 8.57
N GLY A 874 -6.69 -6.30 8.80
CA GLY A 874 -6.35 -7.24 7.74
C GLY A 874 -6.69 -8.68 8.00
N LEU A 875 -6.26 -9.51 7.05
CA LEU A 875 -6.45 -10.93 7.10
C LEU A 875 -5.12 -11.64 6.99
N ILE A 876 -4.97 -12.69 7.79
CA ILE A 876 -3.76 -13.50 7.78
C ILE A 876 -4.14 -14.98 7.71
N GLU A 877 -3.67 -15.63 6.63
CA GLU A 877 -3.79 -17.08 6.40
C GLU A 877 -3.28 -17.88 7.59
N VAL A 878 -4.02 -18.90 8.02
CA VAL A 878 -3.44 -19.87 8.97
C VAL A 878 -2.75 -21.01 8.22
N VAL A 879 -1.76 -21.59 8.89
CA VAL A 879 -0.93 -22.65 8.35
C VAL A 879 -1.04 -23.82 9.34
N ARG A 880 -1.91 -24.79 9.01
CA ARG A 880 -2.25 -25.88 9.95
C ARG A 880 -1.01 -26.73 10.22
N ASN A 881 -1.02 -27.35 11.40
CA ASN A 881 0.06 -28.24 11.83
C ASN A 881 1.37 -27.47 11.89
N SER A 882 1.32 -26.29 12.50
CA SER A 882 2.51 -25.50 12.77
C SER A 882 2.42 -24.89 14.18
N HIS A 883 3.58 -24.80 14.83
CA HIS A 883 3.64 -24.31 16.20
C HIS A 883 4.97 -23.62 16.37
N THR A 884 4.99 -22.68 17.30
CA THR A 884 6.20 -21.94 17.63
C THR A 884 7.13 -22.82 18.41
N ILE A 885 8.41 -22.48 18.35
CA ILE A 885 9.42 -23.22 19.08
C ILE A 885 9.07 -23.25 20.57
N MET A 886 8.48 -22.16 21.09
CA MET A 886 7.99 -22.11 22.48
C MET A 886 7.01 -23.21 22.82
N GLN A 887 6.05 -23.46 21.92
CA GLN A 887 5.05 -24.51 22.14
C GLN A 887 5.68 -25.88 22.07
N ILE A 888 6.52 -26.10 21.06
CA ILE A 888 7.31 -27.32 20.96
C ILE A 888 7.95 -27.63 22.31
N GLN A 889 8.63 -26.62 22.88
CA GLN A 889 9.40 -26.81 24.11
C GLN A 889 8.57 -27.00 25.36
N CYS A 890 7.29 -26.59 25.32
CA CYS A 890 6.36 -26.86 26.42
C CYS A 890 5.74 -28.26 26.41
N LYS A 891 5.54 -28.86 25.22
CA LYS A 891 5.10 -30.26 25.13
C LYS A 891 6.18 -31.22 25.66
N GLY A 892 7.36 -31.16 25.04
CA GLY A 892 8.51 -31.97 25.43
C GLY A 892 9.14 -31.60 26.78
N GLY A 893 8.96 -30.36 27.21
CA GLY A 893 9.46 -29.85 28.49
C GLY A 893 9.07 -30.72 29.67
N LEU A 894 10.08 -31.30 30.31
CA LEU A 894 9.90 -32.28 31.39
C LEU A 894 9.06 -31.67 32.52
N LYS A 895 8.09 -32.43 33.03
CA LYS A 895 7.14 -31.95 34.07
C LYS A 895 7.76 -31.15 35.23
N GLY A 896 8.96 -31.53 35.68
CA GLY A 896 9.67 -30.80 36.74
C GLY A 896 10.26 -29.52 36.15
N ALA A 897 9.70 -28.38 36.54
CA ALA A 897 10.00 -27.08 35.92
C ALA A 897 11.38 -26.54 36.35
N LEU A 898 12.45 -27.10 35.78
CA LEU A 898 13.82 -26.68 36.06
C LEU A 898 14.40 -25.88 34.86
N GLN A 899 14.57 -26.55 33.71
CA GLN A 899 15.09 -25.93 32.47
C GLN A 899 14.60 -26.71 31.25
N PHE A 900 14.42 -26.03 30.11
CA PHE A 900 14.07 -26.70 28.85
C PHE A 900 15.33 -27.25 28.20
N ASN A 901 15.25 -28.50 27.75
CA ASN A 901 16.32 -29.14 26.98
C ASN A 901 16.25 -28.67 25.53
N SER A 902 17.40 -28.47 24.89
CA SER A 902 17.43 -28.00 23.49
C SER A 902 17.02 -29.11 22.49
N HIS A 903 17.24 -30.35 22.88
CA HIS A 903 16.89 -31.50 22.04
C HIS A 903 15.38 -31.69 21.84
N THR A 904 14.57 -31.17 22.76
CA THR A 904 13.10 -31.28 22.66
C THR A 904 12.57 -31.00 21.24
N LEU A 905 13.16 -30.03 20.54
CA LEU A 905 12.80 -29.73 19.14
C LEU A 905 13.15 -30.88 18.21
N HIS A 906 14.40 -31.32 18.30
CA HIS A 906 14.90 -32.44 17.53
C HIS A 906 14.11 -33.73 17.79
N GLN A 907 13.77 -33.97 19.06
CA GLN A 907 12.99 -35.16 19.43
C GLN A 907 11.55 -35.07 18.94
N TRP A 908 10.93 -33.91 19.14
CA TRP A 908 9.58 -33.63 18.61
C TRP A 908 9.51 -33.86 17.09
N LEU A 909 10.56 -33.49 16.39
CA LEU A 909 10.62 -33.61 14.95
C LEU A 909 10.77 -35.07 14.50
N LYS A 910 11.54 -35.85 15.26
CA LYS A 910 11.64 -37.30 15.04
C LYS A 910 10.33 -38.01 15.26
N ASP A 911 9.62 -37.64 16.33
CA ASP A 911 8.32 -38.23 16.67
C ASP A 911 7.26 -38.07 15.56
N LYS A 912 7.37 -37.01 14.75
CA LYS A 912 6.53 -36.87 13.55
C LYS A 912 7.12 -37.74 12.44
N ASN A 913 8.38 -37.50 12.14
CA ASN A 913 9.03 -38.00 10.96
C ASN A 913 9.91 -39.22 11.27
N LYS A 914 9.36 -40.41 11.00
CA LYS A 914 10.04 -41.68 11.30
C LYS A 914 10.29 -42.51 10.03
N GLY A 915 11.51 -43.03 9.89
CA GLY A 915 11.86 -43.93 8.79
C GLY A 915 12.59 -43.21 7.68
N GLU A 916 12.38 -43.64 6.44
CA GLU A 916 12.91 -42.95 5.24
C GLU A 916 12.48 -41.47 5.25
N ILE A 917 11.25 -41.25 5.73
CA ILE A 917 10.69 -39.93 6.02
C ILE A 917 11.73 -39.03 6.72
N TYR A 918 12.13 -39.41 7.93
CA TYR A 918 13.09 -38.63 8.76
C TYR A 918 14.17 -37.82 8.03
N ASP A 919 14.92 -38.45 7.13
CA ASP A 919 16.02 -37.76 6.44
C ASP A 919 15.52 -36.56 5.65
N ALA A 920 14.42 -36.77 4.92
CA ALA A 920 13.80 -35.71 4.14
C ALA A 920 13.28 -34.57 5.02
N ALA A 921 12.68 -34.92 6.15
CA ALA A 921 12.20 -33.91 7.10
C ALA A 921 13.32 -32.99 7.60
N ILE A 922 14.55 -33.53 7.71
CA ILE A 922 15.73 -32.71 8.03
C ILE A 922 16.13 -31.85 6.83
N ASP A 923 16.24 -32.50 5.67
CA ASP A 923 16.54 -31.80 4.43
C ASP A 923 15.68 -30.55 4.29
N LEU A 924 14.38 -30.70 4.56
CA LEU A 924 13.42 -29.58 4.50
C LEU A 924 13.76 -28.47 5.49
N PHE A 925 13.97 -28.87 6.73
CA PHE A 925 14.31 -27.96 7.80
C PHE A 925 15.58 -27.21 7.44
N THR A 926 16.62 -27.96 7.08
CA THR A 926 17.90 -27.39 6.75
C THR A 926 17.76 -26.40 5.59
N ARG A 927 17.08 -26.82 4.52
CA ARG A 927 16.81 -25.96 3.37
C ARG A 927 16.02 -24.69 3.76
N SER A 928 14.97 -24.87 4.57
CA SER A 928 14.12 -23.74 4.95
C SER A 928 14.82 -22.79 5.90
N CYS A 929 15.49 -23.36 6.90
CA CYS A 929 16.31 -22.58 7.84
C CYS A 929 17.31 -21.69 7.09
N ALA A 930 18.02 -22.27 6.12
CA ALA A 930 19.03 -21.55 5.34
C ALA A 930 18.42 -20.41 4.56
N GLY A 931 17.40 -20.71 3.77
CA GLY A 931 16.65 -19.70 3.05
C GLY A 931 16.29 -18.53 3.96
N TYR A 932 15.72 -18.84 5.13
CA TYR A 932 15.28 -17.81 6.06
C TYR A 932 16.43 -17.10 6.77
N CYS A 933 17.54 -17.81 6.99
CA CYS A 933 18.75 -17.19 7.57
C CYS A 933 19.22 -16.02 6.71
N VAL A 934 19.25 -16.25 5.40
CA VAL A 934 19.75 -15.29 4.42
C VAL A 934 18.83 -14.09 4.30
N ALA A 935 17.53 -14.35 4.15
CA ALA A 935 16.54 -13.31 3.93
C ALA A 935 16.44 -12.38 5.14
N THR A 936 16.35 -12.94 6.34
CA THR A 936 16.26 -12.11 7.56
C THR A 936 17.50 -11.26 7.81
N PHE A 937 18.68 -11.78 7.47
CA PHE A 937 19.88 -10.97 7.51
C PHE A 937 19.78 -9.81 6.54
N ILE A 938 19.46 -10.13 5.28
CA ILE A 938 19.42 -9.17 4.17
C ILE A 938 18.39 -8.06 4.43
N LEU A 939 17.16 -8.47 4.71
CA LEU A 939 16.09 -7.51 4.95
C LEU A 939 16.29 -6.78 6.28
N GLY A 940 16.96 -7.42 7.23
CA GLY A 940 17.25 -6.81 8.55
C GLY A 940 16.04 -6.75 9.46
N ILE A 941 15.12 -7.70 9.29
CA ILE A 941 13.86 -7.75 10.04
C ILE A 941 14.10 -7.95 11.55
N GLY A 942 13.05 -7.75 12.36
CA GLY A 942 13.14 -7.78 13.83
C GLY A 942 13.79 -9.04 14.38
N ASP A 943 14.43 -8.92 15.55
CA ASP A 943 15.16 -10.04 16.15
C ASP A 943 14.27 -11.27 16.24
N ARG A 944 14.78 -12.40 15.75
CA ARG A 944 14.09 -13.68 15.84
C ARG A 944 14.32 -14.29 17.21
N HIS A 945 13.25 -14.43 18.01
CA HIS A 945 13.27 -15.21 19.26
C HIS A 945 12.35 -16.45 19.12
N ASN A 946 12.06 -17.17 20.21
CA ASN A 946 11.32 -18.44 20.12
C ASN A 946 9.87 -18.35 19.67
N SER A 947 9.14 -17.32 20.11
CA SER A 947 7.77 -17.09 19.62
C SER A 947 7.66 -16.35 18.25
N ASN A 948 8.79 -16.10 17.58
CA ASN A 948 8.84 -15.58 16.20
C ASN A 948 8.96 -16.65 15.12
N ILE A 949 9.38 -17.85 15.53
CA ILE A 949 9.76 -18.91 14.61
C ILE A 949 8.82 -20.07 14.83
N MET A 950 8.36 -20.68 13.72
CA MET A 950 7.43 -21.80 13.79
C MET A 950 7.92 -22.98 12.96
N VAL A 951 7.55 -24.18 13.41
CA VAL A 951 7.95 -25.40 12.74
C VAL A 951 6.73 -26.26 12.46
N LYS A 952 6.64 -26.72 11.22
CA LYS A 952 5.58 -27.63 10.80
C LYS A 952 5.94 -29.07 11.11
N ASP A 953 4.90 -29.92 11.22
CA ASP A 953 5.07 -31.36 11.52
C ASP A 953 5.97 -32.04 10.49
N ASP A 954 5.79 -31.71 9.22
CA ASP A 954 6.68 -32.19 8.16
C ASP A 954 8.12 -31.64 8.20
N GLY A 955 8.37 -30.67 9.08
CA GLY A 955 9.72 -30.24 9.43
C GLY A 955 10.18 -28.95 8.76
N GLN A 956 9.23 -28.15 8.27
CA GLN A 956 9.55 -26.87 7.65
C GLN A 956 9.60 -25.80 8.73
N LEU A 957 10.58 -24.91 8.58
CA LEU A 957 10.73 -23.77 9.45
C LEU A 957 10.25 -22.54 8.68
N PHE A 958 9.55 -21.65 9.37
CA PHE A 958 9.18 -20.33 8.81
C PHE A 958 8.92 -19.25 9.87
N HIS A 959 9.17 -17.99 9.49
CA HIS A 959 9.07 -16.85 10.40
C HIS A 959 7.72 -16.15 10.26
N ILE A 960 7.22 -15.64 11.39
CA ILE A 960 5.98 -14.86 11.45
C ILE A 960 6.24 -13.52 12.13
N ASP A 961 5.26 -12.60 12.05
CA ASP A 961 5.35 -11.28 12.71
C ASP A 961 6.75 -10.65 12.61
N PHE A 962 7.04 -10.04 11.47
CA PHE A 962 8.39 -9.60 11.12
C PHE A 962 8.76 -8.25 11.76
N GLY A 963 7.75 -7.40 11.98
CA GLY A 963 7.93 -6.12 12.68
C GLY A 963 8.60 -5.09 11.80
N HIS A 964 9.60 -4.39 12.36
CA HIS A 964 10.29 -3.30 11.66
C HIS A 964 11.37 -3.85 10.78
N PHE A 965 11.24 -3.65 9.46
CA PHE A 965 12.01 -4.45 8.47
C PHE A 965 13.41 -3.97 8.08
N LEU A 966 13.63 -2.71 7.69
CA LEU A 966 14.99 -2.31 7.28
C LEU A 966 15.90 -1.86 8.44
N ASP A 967 15.60 -2.32 9.66
CA ASP A 967 16.29 -1.92 10.89
C ASP A 967 15.93 -0.48 11.27
N HIS A 968 14.65 -0.27 11.55
CA HIS A 968 14.15 0.96 12.20
C HIS A 968 14.66 1.05 13.66
N LYS A 969 14.93 -0.11 14.27
CA LYS A 969 15.35 -0.18 15.68
C LYS A 969 16.79 0.34 15.97
N LYS A 970 17.54 0.76 14.95
CA LYS A 970 18.80 1.48 15.14
C LYS A 970 18.64 3.00 15.41
N LYS A 971 17.44 3.56 15.21
CA LYS A 971 17.22 5.02 15.43
C LYS A 971 17.46 5.46 16.88
N LYS A 972 17.38 4.50 17.80
CA LYS A 972 18.02 4.59 19.11
C LYS A 972 19.32 3.79 18.99
N PHE A 973 20.46 4.43 19.25
CA PHE A 973 21.82 3.87 19.06
C PHE A 973 22.02 3.06 17.76
N ARG A 977 26.22 -1.08 12.42
CA ARG A 977 25.88 -2.17 13.32
C ARG A 977 25.69 -3.47 12.54
N GLU A 978 24.72 -3.48 11.61
CA GLU A 978 24.53 -4.56 10.62
C GLU A 978 24.29 -5.93 11.25
N ARG A 979 23.17 -6.06 11.96
CA ARG A 979 22.90 -7.26 12.80
C ARG A 979 22.29 -8.46 12.06
N VAL A 980 22.51 -9.64 12.64
CA VAL A 980 21.92 -10.89 12.21
C VAL A 980 20.70 -11.08 13.10
N PRO A 981 19.49 -10.94 12.54
CA PRO A 981 18.35 -11.16 13.42
C PRO A 981 18.03 -12.64 13.63
N PHE A 982 18.29 -13.50 12.64
CA PHE A 982 18.14 -14.95 12.83
C PHE A 982 19.46 -15.61 13.23
N VAL A 983 19.62 -15.72 14.54
CA VAL A 983 20.78 -16.33 15.20
C VAL A 983 20.41 -17.78 15.54
N LEU A 984 21.24 -18.72 15.11
CA LEU A 984 20.95 -20.14 15.20
C LEU A 984 21.34 -20.60 16.59
N THR A 985 20.35 -20.72 17.47
CA THR A 985 20.57 -21.33 18.79
C THR A 985 21.13 -22.75 18.62
N GLN A 986 21.55 -23.33 19.73
CA GLN A 986 22.01 -24.73 19.76
C GLN A 986 20.91 -25.65 19.19
N ASP A 987 19.68 -25.42 19.69
CA ASP A 987 18.45 -26.12 19.26
C ASP A 987 18.37 -26.45 17.77
N PHE A 988 18.51 -25.42 16.94
CA PHE A 988 18.38 -25.56 15.50
C PHE A 988 19.53 -26.36 14.95
N LEU A 989 20.73 -26.06 15.44
CA LEU A 989 21.96 -26.69 14.95
C LEU A 989 21.96 -28.20 15.10
N ILE A 990 21.36 -28.67 16.20
CA ILE A 990 21.19 -30.11 16.41
C ILE A 990 20.36 -30.64 15.24
N VAL A 991 19.13 -30.14 15.12
CA VAL A 991 18.20 -30.58 14.08
C VAL A 991 18.90 -30.59 12.71
N ILE A 992 19.68 -29.54 12.43
CA ILE A 992 20.45 -29.42 11.18
C ILE A 992 21.42 -30.60 10.99
N SER A 993 22.10 -30.97 12.07
CA SER A 993 23.17 -31.99 12.04
C SER A 993 22.78 -33.42 12.50
N LYS A 994 21.47 -33.71 12.55
CA LYS A 994 20.93 -34.89 13.24
C LYS A 994 21.43 -34.94 14.70
N GLY A 995 21.00 -35.93 15.49
CA GLY A 995 21.38 -35.99 16.92
C GLY A 995 22.89 -35.99 17.11
N ALA A 996 23.44 -34.87 17.58
CA ALA A 996 24.88 -34.60 17.44
C ALA A 996 25.57 -33.97 18.65
N GLN A 997 26.87 -34.28 18.77
CA GLN A 997 27.79 -33.64 19.69
C GLN A 997 28.81 -32.90 18.85
N GLU A 998 29.03 -31.62 19.17
CA GLU A 998 29.85 -30.71 18.36
C GLU A 998 29.28 -30.63 16.93
N CYS A 999 28.17 -29.90 16.83
CA CYS A 999 27.35 -29.86 15.60
C CYS A 999 27.84 -28.86 14.54
N THR A 1000 28.66 -27.88 14.93
CA THR A 1000 29.28 -26.94 13.98
C THR A 1000 30.41 -27.55 13.12
N LYS A 1001 30.89 -28.74 13.47
CA LYS A 1001 31.91 -29.46 12.67
C LYS A 1001 31.34 -30.46 11.66
N THR A 1002 30.04 -30.76 11.73
CA THR A 1002 29.45 -31.79 10.85
C THR A 1002 29.41 -31.37 9.37
N ARG A 1003 29.35 -32.36 8.50
CA ARG A 1003 29.20 -32.15 7.06
C ARG A 1003 27.78 -31.72 6.72
N GLU A 1004 26.83 -32.10 7.59
CA GLU A 1004 25.45 -31.65 7.49
C GLU A 1004 25.41 -30.12 7.54
N PHE A 1005 26.16 -29.57 8.48
CA PHE A 1005 26.31 -28.13 8.69
C PHE A 1005 27.10 -27.42 7.59
N GLU A 1006 28.04 -28.13 6.97
CA GLU A 1006 28.75 -27.60 5.80
C GLU A 1006 27.80 -27.37 4.63
N ARG A 1007 27.01 -28.39 4.31
CA ARG A 1007 26.08 -28.31 3.16
C ARG A 1007 25.02 -27.23 3.39
N PHE A 1008 24.61 -27.08 4.65
CA PHE A 1008 23.81 -25.92 5.10
C PHE A 1008 24.52 -24.60 4.83
N GLN A 1009 25.78 -24.49 5.28
CA GLN A 1009 26.60 -23.30 5.03
C GLN A 1009 26.70 -22.95 3.54
N GLU A 1010 26.85 -23.96 2.70
CA GLU A 1010 26.93 -23.73 1.25
C GLU A 1010 25.64 -23.19 0.65
N MET A 1011 24.50 -23.67 1.14
CA MET A 1011 23.21 -23.13 0.72
C MET A 1011 23.10 -21.64 1.03
N CYS A 1012 23.49 -21.25 2.24
CA CYS A 1012 23.54 -19.83 2.61
C CYS A 1012 24.45 -19.01 1.68
N TYR A 1013 25.61 -19.55 1.31
CA TYR A 1013 26.55 -18.85 0.43
C TYR A 1013 26.05 -18.75 -1.00
N LYS A 1014 25.42 -19.81 -1.50
CA LYS A 1014 24.81 -19.79 -2.83
C LYS A 1014 23.57 -18.91 -2.87
N ALA A 1015 22.79 -18.91 -1.78
CA ALA A 1015 21.55 -18.12 -1.68
C ALA A 1015 21.84 -16.64 -1.57
N TYR A 1016 22.63 -16.26 -0.56
CA TYR A 1016 23.09 -14.87 -0.40
C TYR A 1016 23.61 -14.24 -1.70
N LEU A 1017 24.45 -14.96 -2.44
CA LEU A 1017 24.91 -14.49 -3.75
C LEU A 1017 23.78 -14.36 -4.77
N ALA A 1018 22.89 -15.35 -4.81
CA ALA A 1018 21.80 -15.37 -5.80
C ALA A 1018 20.92 -14.11 -5.70
N ILE A 1019 20.56 -13.72 -4.49
CA ILE A 1019 19.77 -12.52 -4.24
C ILE A 1019 20.57 -11.28 -4.61
N ARG A 1020 21.86 -11.28 -4.26
CA ARG A 1020 22.77 -10.17 -4.57
C ARG A 1020 22.84 -9.93 -6.08
N GLN A 1021 22.91 -11.01 -6.86
CA GLN A 1021 22.97 -10.93 -8.33
C GLN A 1021 21.68 -10.37 -8.96
N HIS A 1022 20.57 -10.48 -8.24
CA HIS A 1022 19.33 -9.79 -8.60
C HIS A 1022 19.04 -8.59 -7.67
N ALA A 1023 20.08 -7.87 -7.23
CA ALA A 1023 19.93 -6.79 -6.23
C ALA A 1023 19.05 -5.64 -6.72
N ASN A 1024 19.21 -5.28 -8.00
CA ASN A 1024 18.44 -4.19 -8.62
C ASN A 1024 16.93 -4.21 -8.37
N LEU A 1025 16.31 -5.37 -8.55
CA LEU A 1025 14.87 -5.55 -8.31
C LEU A 1025 14.44 -5.14 -6.91
N PHE A 1026 15.18 -5.59 -5.91
CA PHE A 1026 14.82 -5.31 -4.53
C PHE A 1026 15.02 -3.83 -4.21
N ILE A 1027 16.12 -3.26 -4.71
CA ILE A 1027 16.40 -1.82 -4.54
C ILE A 1027 15.22 -1.01 -5.10
N ASN A 1028 14.80 -1.34 -6.32
CA ASN A 1028 13.65 -0.68 -6.95
C ASN A 1028 12.37 -0.96 -6.20
N LEU A 1029 12.09 -2.23 -5.93
CA LEU A 1029 10.86 -2.63 -5.23
C LEU A 1029 10.63 -1.82 -3.98
N PHE A 1030 11.69 -1.66 -3.17
CA PHE A 1030 11.61 -0.80 -1.99
C PHE A 1030 11.40 0.67 -2.33
N SER A 1031 12.13 1.19 -3.32
CA SER A 1031 12.00 2.59 -3.75
C SER A 1031 10.58 2.95 -4.14
N MET A 1032 9.94 2.08 -4.91
CA MET A 1032 8.55 2.25 -5.32
C MET A 1032 7.57 2.33 -4.15
N MET A 1033 7.94 1.71 -3.03
CA MET A 1033 7.13 1.71 -1.81
C MET A 1033 7.34 2.90 -0.85
N LEU A 1034 8.14 3.88 -1.27
CA LEU A 1034 8.19 5.18 -0.57
C LEU A 1034 6.86 5.95 -0.65
N GLY A 1035 6.05 5.67 -1.68
CA GLY A 1035 4.71 6.27 -1.84
C GLY A 1035 3.73 6.03 -0.69
N SER A 1036 3.78 4.84 -0.10
CA SER A 1036 2.95 4.49 1.07
C SER A 1036 3.45 5.23 2.28
N GLY A 1037 2.58 5.35 3.27
CA GLY A 1037 2.91 6.06 4.50
C GLY A 1037 3.75 5.33 5.54
N MET A 1038 4.47 4.28 5.15
CA MET A 1038 5.15 3.42 6.11
C MET A 1038 6.39 4.12 6.66
N PRO A 1039 6.50 4.19 8.00
CA PRO A 1039 7.61 4.90 8.64
C PRO A 1039 8.98 4.21 8.54
N GLU A 1040 9.02 3.01 7.96
CA GLU A 1040 10.27 2.30 7.72
C GLU A 1040 10.80 2.62 6.32
N LEU A 1041 9.99 3.28 5.49
CA LEU A 1041 10.41 3.74 4.17
C LEU A 1041 10.02 5.21 4.04
N GLN A 1042 10.80 6.08 4.67
CA GLN A 1042 10.59 7.52 4.56
C GLN A 1042 11.38 8.13 3.42
N SER A 1043 12.58 7.61 3.15
CA SER A 1043 13.46 8.14 2.11
C SER A 1043 14.50 7.14 1.67
N PHE A 1044 15.14 7.40 0.53
CA PHE A 1044 16.09 6.46 -0.07
C PHE A 1044 17.22 6.02 0.86
N ASP A 1045 17.59 6.88 1.81
CA ASP A 1045 18.58 6.52 2.83
C ASP A 1045 18.10 5.45 3.84
N ASP A 1046 16.77 5.28 3.99
CA ASP A 1046 16.25 4.15 4.77
C ASP A 1046 16.53 2.82 4.04
N ILE A 1047 16.42 2.82 2.71
CA ILE A 1047 16.72 1.64 1.88
C ILE A 1047 18.22 1.30 1.90
N ALA A 1048 19.07 2.31 2.04
CA ALA A 1048 20.53 2.12 2.06
C ALA A 1048 21.03 0.88 2.82
N TYR A 1049 20.43 0.58 3.98
CA TYR A 1049 20.76 -0.64 4.75
C TYR A 1049 20.93 -1.84 3.81
N ILE A 1050 19.92 -2.07 2.97
CA ILE A 1050 19.91 -3.22 2.05
C ILE A 1050 21.13 -3.26 1.11
N ARG A 1051 21.71 -2.09 0.82
CA ARG A 1051 22.94 -2.01 0.03
C ARG A 1051 24.13 -2.51 0.83
N LYS A 1052 24.21 -2.11 2.10
CA LYS A 1052 25.28 -2.52 3.01
C LYS A 1052 25.29 -4.03 3.14
N THR A 1053 24.14 -4.55 3.55
CA THR A 1053 23.99 -5.95 3.90
C THR A 1053 24.17 -6.92 2.70
N LEU A 1054 23.84 -6.47 1.49
CA LEU A 1054 24.21 -7.19 0.26
C LEU A 1054 25.62 -6.81 -0.22
N ALA A 1055 26.16 -5.70 0.28
CA ALA A 1055 27.53 -5.23 0.01
C ALA A 1055 27.79 -5.13 -1.48
N LEU A 1056 27.26 -4.06 -2.08
CA LEU A 1056 27.36 -3.82 -3.51
C LEU A 1056 28.52 -2.86 -3.85
N ASP A 1057 28.92 -2.01 -2.89
CA ASP A 1057 30.11 -1.16 -3.01
C ASP A 1057 31.42 -1.96 -2.92
N LYS A 1058 31.33 -3.23 -2.50
CA LYS A 1058 32.43 -4.19 -2.53
C LYS A 1058 32.25 -5.20 -3.68
N THR A 1059 33.24 -6.07 -3.89
CA THR A 1059 33.12 -7.16 -4.90
C THR A 1059 32.35 -8.32 -4.29
N GLU A 1060 31.96 -9.27 -5.13
CA GLU A 1060 31.17 -10.41 -4.66
C GLU A 1060 31.96 -11.38 -3.77
N GLN A 1061 33.26 -11.48 -4.02
CA GLN A 1061 34.13 -12.28 -3.16
C GLN A 1061 34.35 -11.58 -1.81
N GLU A 1062 34.37 -10.25 -1.80
CA GLU A 1062 34.41 -9.48 -0.53
C GLU A 1062 33.09 -9.58 0.24
N ALA A 1063 31.98 -9.52 -0.48
CA ALA A 1063 30.64 -9.59 0.11
C ALA A 1063 30.39 -10.93 0.79
N LEU A 1064 30.68 -12.02 0.07
CA LEU A 1064 30.70 -13.37 0.64
C LEU A 1064 31.42 -13.42 1.98
N GLU A 1065 32.64 -12.89 1.98
CA GLU A 1065 33.49 -12.85 3.17
C GLU A 1065 32.93 -11.90 4.23
N TYR A 1066 32.29 -10.82 3.80
CA TYR A 1066 31.50 -9.96 4.70
C TYR A 1066 30.32 -10.72 5.34
N PHE A 1067 29.61 -11.51 4.52
CA PHE A 1067 28.50 -12.34 5.00
C PHE A 1067 28.96 -13.40 6.00
N MET A 1068 30.03 -14.10 5.62
CA MET A 1068 30.69 -15.06 6.52
C MET A 1068 31.16 -14.41 7.81
N LYS A 1069 31.79 -13.23 7.69
CA LYS A 1069 32.22 -12.45 8.86
C LYS A 1069 31.06 -12.19 9.79
N GLN A 1070 30.01 -11.56 9.26
CA GLN A 1070 28.85 -11.19 10.05
C GLN A 1070 28.10 -12.40 10.60
N MET A 1071 28.11 -13.52 9.87
CA MET A 1071 27.56 -14.78 10.38
C MET A 1071 28.47 -15.40 11.46
N ASN A 1072 29.79 -15.30 11.28
CA ASN A 1072 30.73 -15.70 12.34
C ASN A 1072 30.52 -14.87 13.62
N ASP A 1073 30.37 -13.56 13.47
CA ASP A 1073 30.18 -12.63 14.62
C ASP A 1073 29.05 -13.03 15.58
N ALA A 1074 27.89 -13.34 14.99
CA ALA A 1074 26.66 -13.59 15.76
C ALA A 1074 26.66 -14.94 16.47
N HIS A 1075 27.10 -15.99 15.77
CA HIS A 1075 27.07 -17.36 16.31
C HIS A 1075 28.22 -17.68 17.29
N HIS A 1076 29.18 -16.76 17.44
CA HIS A 1076 30.45 -17.02 18.14
C HIS A 1076 31.16 -18.22 17.51
N GLY A 1077 31.77 -17.97 16.34
CA GLY A 1077 32.49 -19.00 15.60
C GLY A 1077 31.64 -19.83 14.67
N GLY A 1078 32.30 -20.70 13.92
CA GLY A 1078 31.66 -21.60 12.96
C GLY A 1078 32.01 -21.24 11.52
N TRP A 1079 31.95 -19.95 11.20
CA TRP A 1079 31.91 -19.48 9.80
C TRP A 1079 33.26 -19.00 9.23
N THR A 1080 34.20 -19.94 9.12
CA THR A 1080 35.51 -19.73 8.48
C THR A 1080 35.69 -20.80 7.40
N THR A 1081 35.49 -20.42 6.13
CA THR A 1081 35.48 -21.39 5.01
C THR A 1081 36.02 -20.76 3.72
N LYS A 1082 36.12 -21.56 2.66
CA LYS A 1082 36.55 -21.10 1.33
C LYS A 1082 35.80 -21.85 0.23
N MET A 1083 35.68 -21.23 -0.95
CA MET A 1083 34.96 -21.80 -2.10
C MET A 1083 35.93 -22.11 -3.25
N ASP A 1084 35.63 -23.19 -3.98
CA ASP A 1084 36.46 -23.62 -5.12
C ASP A 1084 36.10 -22.88 -6.43
N TRP A 1085 34.80 -22.68 -6.67
CA TRP A 1085 34.31 -22.04 -7.91
C TRP A 1085 34.17 -20.50 -7.84
N ILE A 1086 34.78 -19.81 -8.80
CA ILE A 1086 34.56 -18.37 -9.05
C ILE A 1086 34.34 -18.17 -10.54
N SER B 6 46.34 13.43 1.25
CA SER B 6 45.05 13.58 2.00
C SER B 6 45.23 14.13 3.42
N LEU B 7 46.38 13.88 4.05
CA LEU B 7 46.74 14.39 5.39
C LEU B 7 45.71 14.04 6.48
N GLN B 8 45.84 12.81 6.98
CA GLN B 8 44.91 12.23 7.97
C GLN B 8 44.63 13.15 9.17
N ASP B 9 45.65 13.91 9.61
CA ASP B 9 45.46 14.99 10.59
C ASP B 9 45.14 16.32 9.88
N ARG B 19 29.79 5.97 2.14
CA ARG B 19 28.83 6.78 1.40
C ARG B 19 27.54 7.01 2.18
N GLU B 20 27.03 5.96 2.82
CA GLU B 20 25.72 6.00 3.49
C GLU B 20 25.74 7.03 4.63
N GLU B 21 26.79 6.95 5.45
CA GLU B 21 26.98 7.87 6.59
C GLU B 21 27.43 9.27 6.18
N VAL B 22 28.11 9.40 5.03
CA VAL B 22 28.45 10.72 4.48
C VAL B 22 27.19 11.47 4.01
N ASN B 23 26.26 10.74 3.41
CA ASN B 23 24.95 11.31 3.02
C ASN B 23 24.09 11.68 4.23
N GLU B 24 24.08 10.80 5.25
CA GLU B 24 23.32 11.05 6.50
C GLU B 24 23.84 12.25 7.31
N LYS B 25 25.15 12.47 7.30
CA LYS B 25 25.75 13.63 7.98
C LYS B 25 25.62 14.93 7.18
N LEU B 26 25.46 14.81 5.86
CA LEU B 26 25.10 15.95 5.00
C LEU B 26 23.63 16.39 5.13
N ARG B 27 22.79 15.56 5.76
CA ARG B 27 21.39 15.91 6.05
C ARG B 27 21.33 17.13 6.98
N ASP B 28 20.44 18.07 6.65
CA ASP B 28 20.30 19.36 7.34
C ASP B 28 21.60 20.22 7.32
N THR B 29 22.09 20.48 6.09
CA THR B 29 23.16 21.46 5.82
C THR B 29 22.90 22.12 4.45
N ALA B 30 22.63 23.43 4.45
CA ALA B 30 22.17 24.16 3.25
C ALA B 30 23.29 24.47 2.27
N PHE B 34 30.57 21.02 2.36
CA PHE B 34 31.31 20.00 1.61
C PHE B 34 32.21 19.16 2.52
N LEU B 35 32.60 17.98 2.04
CA LEU B 35 33.56 17.11 2.73
C LEU B 35 34.18 16.05 1.81
N VAL B 36 35.33 15.51 2.22
CA VAL B 36 36.11 14.54 1.45
C VAL B 36 35.91 13.12 1.99
N ARG B 37 35.84 12.15 1.08
CA ARG B 37 35.48 10.76 1.40
C ARG B 37 36.33 9.78 0.56
N ASP B 38 36.43 8.53 1.02
CA ASP B 38 37.12 7.45 0.27
C ASP B 38 36.23 6.93 -0.89
N ALA B 39 36.80 6.12 -1.80
CA ALA B 39 36.08 5.66 -3.01
C ALA B 39 35.07 4.51 -2.79
N GLY B 45 39.32 6.51 -9.94
CA GLY B 45 39.46 7.41 -8.81
C GLY B 45 39.64 6.73 -7.46
N ASP B 46 40.21 7.47 -6.51
CA ASP B 46 40.51 6.97 -5.16
C ASP B 46 39.80 7.70 -3.99
N TYR B 47 39.32 8.92 -4.21
CA TYR B 47 38.59 9.70 -3.19
C TYR B 47 37.39 10.44 -3.82
N THR B 48 36.57 11.09 -2.98
CA THR B 48 35.35 11.79 -3.44
C THR B 48 34.99 13.00 -2.56
N LEU B 49 35.05 14.19 -3.15
CA LEU B 49 34.51 15.41 -2.56
C LEU B 49 32.99 15.39 -2.75
N THR B 50 32.23 15.55 -1.66
CA THR B 50 30.76 15.47 -1.70
C THR B 50 30.09 16.84 -1.68
N ASN B 57 22.86 16.15 -2.20
CA ASN B 57 24.17 15.57 -2.49
C ASN B 57 24.64 15.96 -3.89
N LYS B 58 25.88 16.45 -3.98
CA LYS B 58 26.54 16.71 -5.26
C LYS B 58 27.96 16.12 -5.25
N LEU B 59 28.12 14.96 -5.90
CA LEU B 59 29.35 14.13 -5.81
C LEU B 59 30.43 14.53 -6.81
N ILE B 60 31.62 14.85 -6.29
CA ILE B 60 32.78 15.28 -7.09
C ILE B 60 33.96 14.33 -6.83
N LYS B 61 34.27 13.48 -7.82
CA LYS B 61 35.45 12.61 -7.78
C LYS B 61 36.77 13.40 -7.71
N ILE B 62 37.75 12.86 -7.00
CA ILE B 62 39.11 13.45 -6.87
C ILE B 62 40.06 12.92 -7.98
N PHE B 63 39.58 12.01 -8.82
CA PHE B 63 40.23 11.68 -10.09
C PHE B 63 40.28 12.92 -11.04
N HIS B 64 39.23 13.74 -11.01
CA HIS B 64 39.14 15.03 -11.75
C HIS B 64 39.23 14.89 -13.28
N PRO B 74 45.74 10.55 -7.34
CA PRO B 74 46.90 11.41 -7.13
C PRO B 74 47.44 11.91 -8.49
N LEU B 75 48.75 12.16 -8.60
CA LEU B 75 49.42 12.48 -9.88
C LEU B 75 49.04 13.88 -10.44
N THR B 76 49.11 14.90 -9.58
CA THR B 76 48.85 16.30 -9.97
C THR B 76 49.55 17.32 -9.05
N PHE B 77 49.71 18.53 -9.58
CA PHE B 77 50.02 19.75 -8.80
C PHE B 77 49.34 19.83 -7.43
N SER B 78 50.06 20.39 -6.45
CA SER B 78 49.49 20.71 -5.14
C SER B 78 48.97 19.46 -4.41
N SER B 79 49.86 18.82 -3.64
CA SER B 79 49.67 17.44 -3.11
C SER B 79 48.35 17.19 -2.38
N VAL B 80 47.30 16.94 -3.15
CA VAL B 80 45.95 16.55 -2.66
C VAL B 80 45.25 17.64 -1.81
N VAL B 81 45.76 17.92 -0.62
CA VAL B 81 45.14 18.85 0.35
C VAL B 81 45.12 20.31 -0.12
N GLU B 82 46.14 20.75 -0.86
CA GLU B 82 46.22 22.14 -1.31
C GLU B 82 45.22 22.48 -2.43
N LEU B 83 44.75 21.46 -3.16
CA LEU B 83 43.64 21.61 -4.11
C LEU B 83 42.28 21.82 -3.43
N ILE B 84 42.15 21.35 -2.19
CA ILE B 84 40.90 21.48 -1.41
C ILE B 84 40.79 22.88 -0.81
N ASN B 85 41.87 23.37 -0.21
CA ASN B 85 41.96 24.76 0.27
C ASN B 85 41.66 25.79 -0.84
N HIS B 86 42.15 25.50 -2.04
CA HIS B 86 42.00 26.37 -3.23
C HIS B 86 40.54 26.81 -3.51
N TYR B 87 39.57 25.94 -3.25
CA TYR B 87 38.14 26.25 -3.41
C TYR B 87 37.40 26.24 -2.07
N LEU B 92 33.80 27.79 -8.03
CA LEU B 92 33.80 26.47 -8.66
C LEU B 92 33.38 26.48 -10.14
N ALA B 93 33.00 27.63 -10.68
CA ALA B 93 32.69 27.76 -12.11
C ALA B 93 33.92 27.56 -13.02
N GLN B 94 35.13 27.79 -12.49
CA GLN B 94 36.40 27.76 -13.26
C GLN B 94 36.67 26.59 -14.24
N TYR B 95 35.97 25.47 -14.11
CA TYR B 95 35.98 24.41 -15.15
C TYR B 95 34.59 23.93 -15.54
N ASN B 96 33.80 23.52 -14.55
CA ASN B 96 32.41 23.13 -14.78
C ASN B 96 31.51 24.35 -15.01
N PRO B 97 30.71 24.36 -16.09
CA PRO B 97 29.75 25.45 -16.32
C PRO B 97 28.80 25.69 -15.14
N LYS B 98 28.08 24.65 -14.71
CA LYS B 98 27.03 24.77 -13.69
C LYS B 98 27.60 24.54 -12.28
N LEU B 99 28.36 25.52 -11.79
CA LEU B 99 28.87 25.52 -10.41
C LEU B 99 29.10 26.95 -9.92
N LEU B 104 32.78 27.00 1.16
CA LEU B 104 32.81 27.91 2.30
C LEU B 104 32.61 27.22 3.65
N TYR B 105 31.95 26.06 3.66
CA TYR B 105 31.58 25.36 4.90
C TYR B 105 32.18 23.94 4.95
N PRO B 106 33.46 23.81 5.38
CA PRO B 106 34.01 22.47 5.63
C PRO B 106 33.55 21.94 6.97
N VAL B 107 33.32 20.62 7.05
CA VAL B 107 32.76 19.99 8.25
C VAL B 107 33.73 18.94 8.83
N SER B 108 34.52 19.37 9.81
CA SER B 108 35.37 18.47 10.60
C SER B 108 35.70 19.08 11.98
N LYS B 109 34.69 19.66 12.62
CA LYS B 109 34.82 20.26 13.95
C LYS B 109 35.06 19.13 14.96
N TYR B 110 36.11 19.27 15.76
CA TYR B 110 36.48 18.23 16.73
C TYR B 110 35.47 18.12 17.90
N GLN B 111 34.77 19.21 18.18
CA GLN B 111 33.63 19.26 19.14
C GLN B 111 34.03 19.10 20.60
N GLN B 112 35.08 19.84 20.98
CA GLN B 112 35.33 20.20 22.36
C GLN B 112 34.74 21.59 22.66
N ASP B 113 34.01 22.17 21.68
CA ASP B 113 33.49 23.54 21.76
C ASP B 113 32.67 23.82 23.02
N GLN B 114 31.88 22.82 23.44
CA GLN B 114 31.14 22.87 24.70
C GLN B 114 31.22 21.52 25.41
N ASP B 119 37.86 16.65 29.25
CA ASP B 119 38.95 15.69 29.03
C ASP B 119 38.93 14.62 30.13
N ASN B 120 38.44 13.43 29.79
CA ASN B 120 38.27 12.36 30.76
C ASN B 120 38.26 10.96 30.12
N ILE B 121 37.27 10.70 29.26
CA ILE B 121 36.93 9.37 28.69
C ILE B 121 35.85 8.67 29.54
N GLU B 122 36.08 8.56 30.85
CA GLU B 122 35.09 8.05 31.82
C GLU B 122 33.90 8.99 32.02
N ALA B 123 34.20 10.24 32.39
CA ALA B 123 33.16 11.25 32.69
C ALA B 123 32.34 11.72 31.48
N VAL B 124 32.97 11.75 30.31
CA VAL B 124 32.26 12.09 29.04
C VAL B 124 31.32 10.94 28.62
N GLY B 125 31.61 9.71 29.05
CA GLY B 125 30.74 8.55 28.82
C GLY B 125 29.34 8.65 29.40
N LYS B 126 29.20 9.30 30.56
CA LYS B 126 27.88 9.60 31.15
C LYS B 126 27.23 10.85 30.53
N LYS B 127 28.04 11.79 30.04
CA LYS B 127 27.52 12.98 29.30
C LYS B 127 26.81 12.62 27.98
N LEU B 128 26.97 11.37 27.53
CA LEU B 128 26.02 10.74 26.59
C LEU B 128 24.81 10.19 27.35
N HIS B 129 25.06 9.38 28.38
CA HIS B 129 24.00 8.73 29.18
C HIS B 129 22.96 9.69 29.81
N GLU B 130 23.36 10.95 30.08
CA GLU B 130 22.43 12.01 30.51
C GLU B 130 21.74 12.75 29.36
N TYR B 131 22.48 13.04 28.28
CA TYR B 131 21.91 13.73 27.11
C TYR B 131 21.02 12.81 26.28
N ASN B 132 21.39 11.53 26.21
CA ASN B 132 20.59 10.53 25.48
C ASN B 132 19.28 10.19 26.23
N THR B 133 19.30 10.23 27.56
CA THR B 133 18.07 10.08 28.37
C THR B 133 17.16 11.30 28.24
N GLN B 134 17.76 12.48 28.12
CA GLN B 134 17.01 13.70 27.77
C GLN B 134 16.45 13.57 26.36
N PHE B 135 17.32 13.24 25.40
CA PHE B 135 16.93 12.99 23.99
C PHE B 135 15.79 11.97 23.88
N GLN B 136 15.95 10.80 24.50
CA GLN B 136 14.94 9.74 24.42
C GLN B 136 13.66 10.05 25.21
N GLU B 137 13.78 10.71 26.36
CA GLU B 137 12.61 11.20 27.10
C GLU B 137 11.92 12.37 26.39
N LYS B 138 12.70 13.18 25.68
CA LYS B 138 12.15 14.23 24.81
C LYS B 138 11.49 13.59 23.58
N SER B 139 12.19 12.65 22.95
CA SER B 139 11.66 11.87 21.81
C SER B 139 10.36 11.15 22.16
N ARG B 140 10.36 10.47 23.31
CA ARG B 140 9.17 9.84 23.86
C ARG B 140 8.01 10.84 23.96
N GLU B 141 8.29 12.04 24.46
CA GLU B 141 7.27 13.09 24.59
C GLU B 141 6.87 13.69 23.24
N TYR B 142 7.83 13.79 22.32
CA TYR B 142 7.58 14.22 20.94
C TYR B 142 6.52 13.32 20.31
N ASP B 143 6.85 12.04 20.13
CA ASP B 143 5.93 11.08 19.50
C ASP B 143 4.70 10.69 20.35
N ARG B 144 4.72 10.99 21.66
CA ARG B 144 3.50 10.88 22.50
C ARG B 144 2.39 11.80 21.98
N LEU B 145 2.75 13.04 21.70
CA LEU B 145 1.79 14.04 21.23
C LEU B 145 1.31 13.79 19.80
N TYR B 146 2.11 13.10 18.97
CA TYR B 146 1.67 12.77 17.61
C TYR B 146 0.50 11.81 17.60
N GLU B 147 0.47 10.86 18.54
CA GLU B 147 -0.71 10.05 18.77
C GLU B 147 -1.92 10.94 19.07
N GLU B 148 -1.74 11.88 19.99
CA GLU B 148 -2.80 12.84 20.33
C GLU B 148 -3.14 13.74 19.13
N TYR B 149 -2.11 14.18 18.41
CA TYR B 149 -2.27 14.98 17.18
C TYR B 149 -3.10 14.21 16.13
N THR B 150 -2.78 12.91 15.97
CA THR B 150 -3.48 12.01 15.04
C THR B 150 -4.90 11.70 15.50
N ARG B 151 -5.01 11.24 16.74
CA ARG B 151 -6.32 10.88 17.31
C ARG B 151 -7.28 12.05 17.30
N THR B 152 -6.80 13.23 17.72
CA THR B 152 -7.64 14.42 17.75
C THR B 152 -8.09 14.83 16.35
N SER B 153 -7.18 14.80 15.37
CA SER B 153 -7.52 15.23 14.01
C SER B 153 -8.57 14.34 13.36
N GLN B 154 -8.43 13.02 13.54
CA GLN B 154 -9.46 12.08 13.10
C GLN B 154 -10.76 12.28 13.89
N GLU B 155 -10.64 12.52 15.20
CA GLU B 155 -11.81 12.86 16.03
C GLU B 155 -12.50 14.14 15.57
N ILE B 156 -11.70 15.13 15.16
CA ILE B 156 -12.21 16.41 14.65
C ILE B 156 -13.01 16.24 13.37
N GLN B 157 -12.43 15.55 12.40
CA GLN B 157 -13.10 15.35 11.12
C GLN B 157 -14.30 14.42 11.24
N MET B 158 -14.29 13.54 12.25
CA MET B 158 -15.50 12.77 12.62
C MET B 158 -16.65 13.69 13.07
N LYS B 159 -16.31 14.75 13.80
CA LYS B 159 -17.31 15.70 14.29
C LYS B 159 -17.98 16.54 13.20
N ARG B 160 -17.22 17.13 12.26
CA ARG B 160 -17.88 17.90 11.18
C ARG B 160 -18.74 17.02 10.27
N THR B 161 -18.24 15.82 9.95
CA THR B 161 -19.04 14.83 9.19
C THR B 161 -20.24 14.34 10.00
N ALA B 162 -20.10 14.33 11.34
CA ALA B 162 -21.24 14.12 12.23
C ALA B 162 -22.22 15.30 12.20
N ILE B 163 -21.66 16.52 12.21
CA ILE B 163 -22.46 17.75 12.12
C ILE B 163 -23.21 17.85 10.79
N GLU B 164 -22.58 17.41 9.70
CA GLU B 164 -23.26 17.39 8.39
C GLU B 164 -24.47 16.45 8.41
N ALA B 165 -24.34 15.32 9.12
CA ALA B 165 -25.45 14.41 9.34
C ALA B 165 -26.54 15.03 10.20
N PHE B 166 -26.13 15.75 11.27
CA PHE B 166 -27.08 16.53 12.08
C PHE B 166 -27.85 17.53 11.22
N ASN B 167 -27.11 18.48 10.62
CA ASN B 167 -27.69 19.51 9.76
C ASN B 167 -28.68 18.94 8.78
N GLU B 168 -28.27 17.86 8.11
CA GLU B 168 -29.10 17.22 7.11
C GLU B 168 -30.34 16.56 7.73
N THR B 169 -30.15 15.92 8.89
CA THR B 169 -31.26 15.28 9.62
C THR B 169 -32.30 16.32 10.02
N ILE B 170 -31.84 17.48 10.47
CA ILE B 170 -32.74 18.58 10.87
C ILE B 170 -33.62 18.99 9.69
N LYS B 171 -32.98 19.26 8.56
CA LYS B 171 -33.69 19.63 7.32
C LYS B 171 -34.82 18.66 6.91
N ILE B 172 -34.76 17.41 7.35
CA ILE B 172 -35.86 16.47 7.11
C ILE B 172 -36.96 16.68 8.14
N PHE B 173 -36.59 17.01 9.37
CA PHE B 173 -37.55 17.31 10.43
C PHE B 173 -38.24 18.68 10.32
N GLU B 174 -37.52 19.70 9.83
CA GLU B 174 -38.13 21.01 9.55
C GLU B 174 -39.14 20.85 8.40
N GLU B 175 -38.74 20.10 7.37
CA GLU B 175 -39.60 19.76 6.23
C GLU B 175 -40.85 18.93 6.61
N GLN B 176 -40.78 18.19 7.72
CA GLN B 176 -41.88 17.34 8.18
C GLN B 176 -43.00 18.09 8.94
N CYS B 177 -42.64 19.11 9.72
CA CYS B 177 -43.64 19.98 10.36
C CYS B 177 -44.41 20.79 9.32
N GLN B 178 -43.71 21.17 8.24
CA GLN B 178 -44.31 21.87 7.12
C GLN B 178 -45.07 20.92 6.17
N THR B 179 -44.87 19.61 6.30
CA THR B 179 -45.67 18.64 5.52
C THR B 179 -47.10 18.53 6.04
N GLN B 180 -47.29 18.56 7.36
CA GLN B 180 -48.64 18.47 7.95
C GLN B 180 -49.46 19.75 7.75
N GLU B 181 -48.86 20.92 7.97
CA GLU B 181 -49.57 22.20 7.80
C GLU B 181 -50.21 22.40 6.42
N ARG B 182 -49.69 21.71 5.40
CA ARG B 182 -50.43 21.54 4.14
C ARG B 182 -51.62 20.61 4.37
N TYR B 183 -51.32 19.37 4.75
CA TYR B 183 -52.32 18.28 4.79
C TYR B 183 -53.22 18.23 6.02
N SER B 184 -52.90 19.02 7.05
CA SER B 184 -53.71 19.16 8.26
C SER B 184 -54.73 20.30 8.11
N LYS B 185 -54.26 21.43 7.60
CA LYS B 185 -55.12 22.61 7.36
C LYS B 185 -55.77 22.65 5.98
N GLU B 186 -55.60 21.57 5.20
CA GLU B 186 -56.52 21.25 4.09
C GLU B 186 -57.79 20.58 4.63
N TYR B 187 -57.68 19.96 5.81
CA TYR B 187 -58.81 19.35 6.53
C TYR B 187 -59.11 20.00 7.91
N ILE B 188 -58.57 21.20 8.17
CA ILE B 188 -59.06 22.09 9.23
C ILE B 188 -60.31 22.86 8.74
N GLU B 189 -60.70 22.64 7.48
CA GLU B 189 -62.01 23.04 6.91
C GLU B 189 -63.24 22.96 7.84
N LYS B 190 -63.29 21.95 8.71
CA LYS B 190 -64.41 21.78 9.66
C LYS B 190 -64.28 22.66 10.93
N PHE B 191 -63.10 22.68 11.53
CA PHE B 191 -62.80 23.41 12.79
C PHE B 191 -63.53 22.89 14.05
N LYS B 192 -64.81 23.22 14.22
CA LYS B 192 -65.52 22.98 15.50
C LYS B 192 -66.50 21.79 15.52
N ARG B 193 -67.27 21.62 14.43
CA ARG B 193 -68.34 20.60 14.37
C ARG B 193 -67.81 19.23 13.88
N GLU B 194 -68.72 18.27 13.63
CA GLU B 194 -68.40 16.91 13.13
C GLU B 194 -67.94 16.01 14.29
N GLY B 195 -68.81 15.89 15.29
CA GLY B 195 -68.49 15.17 16.52
C GLY B 195 -67.44 15.85 17.36
N ASN B 196 -67.56 17.18 17.49
CA ASN B 196 -66.63 18.03 18.25
C ASN B 196 -65.18 18.05 17.69
N GLU B 197 -64.21 17.47 18.40
CA GLU B 197 -62.79 17.56 18.05
C GLU B 197 -62.11 16.20 18.14
N LYS B 198 -62.73 15.18 17.59
CA LYS B 198 -62.16 13.82 17.62
C LYS B 198 -60.90 13.76 16.75
N GLU B 199 -60.88 14.55 15.67
CA GLU B 199 -59.70 14.68 14.81
C GLU B 199 -58.65 15.61 15.42
N ILE B 200 -59.01 16.89 15.57
CA ILE B 200 -58.02 18.00 15.65
C ILE B 200 -57.26 18.11 17.00
N GLN B 201 -57.73 17.44 18.05
CA GLN B 201 -56.99 17.42 19.33
C GLN B 201 -55.70 16.60 19.24
N ARG B 202 -55.81 15.38 18.71
CA ARG B 202 -54.67 14.45 18.57
C ARG B 202 -53.68 14.82 17.44
N ILE B 203 -54.16 15.55 16.43
CA ILE B 203 -53.28 16.15 15.42
C ILE B 203 -52.31 17.14 16.07
N MET B 204 -52.78 17.93 17.03
CA MET B 204 -51.91 18.89 17.76
C MET B 204 -50.82 18.23 18.60
N HIS B 205 -51.07 17.00 19.10
CA HIS B 205 -50.09 16.24 19.88
C HIS B 205 -48.88 15.82 19.05
N ASN B 206 -49.14 15.33 17.85
CA ASN B 206 -48.10 15.05 16.84
C ASN B 206 -47.20 16.27 16.59
N TYR B 207 -47.85 17.40 16.30
CA TYR B 207 -47.19 18.69 16.08
C TYR B 207 -46.39 19.16 17.30
N ASP B 208 -46.90 18.89 18.50
CA ASP B 208 -46.21 19.24 19.75
C ASP B 208 -44.93 18.43 19.97
N LYS B 209 -44.97 17.12 19.71
CA LYS B 209 -43.80 16.24 19.87
C LYS B 209 -42.76 16.52 18.79
N LEU B 210 -43.23 16.58 17.54
CA LEU B 210 -42.39 16.93 16.40
C LEU B 210 -41.51 18.16 16.64
N LYS B 211 -42.12 19.23 17.13
CA LYS B 211 -41.40 20.48 17.42
C LYS B 211 -40.46 20.39 18.64
N SER B 212 -40.88 19.67 19.67
CA SER B 212 -40.04 19.45 20.84
C SER B 212 -38.91 18.43 20.57
N ARG B 213 -39.11 17.57 19.56
CA ARG B 213 -38.08 16.64 19.07
C ARG B 213 -36.97 17.42 18.37
N ILE B 214 -37.38 18.20 17.37
CA ILE B 214 -36.47 19.13 16.67
C ILE B 214 -35.65 19.93 17.66
N SER B 215 -36.33 20.49 18.65
CA SER B 215 -35.68 21.18 19.77
C SER B 215 -34.45 20.40 20.28
N GLU B 216 -34.63 19.12 20.62
CA GLU B 216 -33.56 18.26 21.18
C GLU B 216 -32.42 17.99 20.21
N ILE B 217 -32.74 17.89 18.92
CA ILE B 217 -31.75 17.62 17.86
C ILE B 217 -30.78 18.80 17.75
N ILE B 218 -31.37 19.99 17.71
CA ILE B 218 -30.61 21.24 17.57
C ILE B 218 -29.74 21.46 18.81
N ASP B 219 -30.24 21.06 19.98
CA ASP B 219 -29.44 21.04 21.21
C ASP B 219 -28.26 20.08 21.09
N SER B 220 -28.51 18.88 20.56
CA SER B 220 -27.46 17.87 20.42
C SER B 220 -26.32 18.35 19.51
N ARG B 221 -26.70 18.94 18.37
CA ARG B 221 -25.73 19.51 17.42
C ARG B 221 -24.93 20.63 18.07
N ARG B 222 -25.66 21.60 18.63
CA ARG B 222 -25.07 22.68 19.44
C ARG B 222 -24.00 22.12 20.37
N ARG B 223 -24.36 21.09 21.13
CA ARG B 223 -23.45 20.45 22.09
C ARG B 223 -22.18 19.95 21.40
N LEU B 224 -22.37 19.29 20.25
CA LEU B 224 -21.26 18.78 19.46
C LEU B 224 -20.40 19.92 18.89
N GLU B 225 -21.04 20.98 18.40
CA GLU B 225 -20.32 22.11 17.81
C GLU B 225 -19.36 22.78 18.79
N GLU B 226 -19.83 22.99 20.03
CA GLU B 226 -18.95 23.49 21.10
C GLU B 226 -17.93 22.44 21.56
N ASP B 227 -18.28 21.14 21.47
CA ASP B 227 -17.29 20.05 21.65
C ASP B 227 -16.15 20.17 20.64
N LEU B 228 -16.50 20.44 19.39
CA LEU B 228 -15.54 20.64 18.30
C LEU B 228 -14.61 21.83 18.54
N LYS B 229 -15.17 22.94 19.06
CA LYS B 229 -14.41 24.18 19.29
C LYS B 229 -13.23 23.99 20.21
N LYS B 230 -13.49 23.44 21.40
CA LYS B 230 -12.42 23.15 22.37
C LYS B 230 -11.44 22.16 21.77
N GLN B 231 -11.95 21.17 21.06
CA GLN B 231 -11.13 20.21 20.32
C GLN B 231 -10.22 20.87 19.26
N ALA B 232 -10.78 21.82 18.50
CA ALA B 232 -10.01 22.60 17.54
C ALA B 232 -8.88 23.35 18.26
N ALA B 233 -9.20 24.00 19.38
CA ALA B 233 -8.21 24.72 20.17
C ALA B 233 -7.15 23.80 20.79
N GLU B 234 -7.59 22.62 21.25
CA GLU B 234 -6.67 21.60 21.80
C GLU B 234 -5.73 21.05 20.72
N TYR B 235 -6.27 20.84 19.53
CA TYR B 235 -5.49 20.39 18.36
C TYR B 235 -4.39 21.40 18.09
N ARG B 236 -4.78 22.65 17.83
CA ARG B 236 -3.84 23.76 17.59
C ARG B 236 -2.76 23.85 18.68
N GLU B 237 -3.18 23.66 19.94
CA GLU B 237 -2.29 23.74 21.09
C GLU B 237 -1.26 22.61 21.16
N ILE B 238 -1.62 21.43 20.66
CA ILE B 238 -0.68 20.29 20.62
C ILE B 238 0.41 20.53 19.54
N ASP B 239 -0.03 20.98 18.37
CA ASP B 239 0.86 21.39 17.25
C ASP B 239 1.82 22.50 17.68
N LYS B 240 1.34 23.41 18.52
CA LYS B 240 2.10 24.56 19.04
C LYS B 240 3.32 24.11 19.84
N ARG B 241 3.11 23.16 20.75
CA ARG B 241 4.17 22.64 21.62
C ARG B 241 5.11 21.66 20.92
N MET B 242 4.63 20.99 19.88
CA MET B 242 5.49 20.20 18.98
C MET B 242 6.55 21.06 18.27
N ASN B 243 6.15 22.25 17.81
CA ASN B 243 7.06 23.16 17.09
C ASN B 243 8.14 23.80 17.97
N SER B 244 7.83 24.00 19.25
CA SER B 244 8.84 24.41 20.23
C SER B 244 9.76 23.26 20.66
N ILE B 245 9.22 22.05 20.68
CA ILE B 245 10.00 20.84 20.97
C ILE B 245 10.98 20.47 19.85
N LYS B 246 10.51 20.54 18.60
CA LYS B 246 11.32 20.18 17.41
C LYS B 246 12.80 20.60 17.45
N PRO B 247 13.08 21.93 17.52
CA PRO B 247 14.48 22.38 17.49
C PRO B 247 15.26 22.09 18.78
N ASP B 248 14.57 22.01 19.92
CA ASP B 248 15.17 21.47 21.16
C ASP B 248 15.58 20.02 20.91
N LEU B 249 14.68 19.24 20.32
CA LEU B 249 14.92 17.83 19.99
C LEU B 249 16.01 17.62 18.94
N ILE B 250 16.12 18.56 17.99
CA ILE B 250 17.18 18.55 16.96
C ILE B 250 18.55 18.92 17.55
N GLN B 251 18.59 19.99 18.35
CA GLN B 251 19.82 20.41 19.03
C GLN B 251 20.30 19.36 20.04
N LEU B 252 19.36 18.76 20.77
CA LEU B 252 19.68 17.64 21.68
C LEU B 252 20.23 16.41 20.96
N ARG B 253 19.69 16.12 19.78
CA ARG B 253 20.19 15.02 18.93
C ARG B 253 21.54 15.38 18.29
N LYS B 254 21.71 16.66 17.95
CA LYS B 254 23.00 17.18 17.46
C LYS B 254 24.08 17.17 18.56
N THR B 255 23.72 17.66 19.75
CA THR B 255 24.64 17.69 20.91
C THR B 255 24.91 16.29 21.49
N ARG B 256 23.99 15.35 21.26
CA ARG B 256 24.25 13.93 21.53
C ARG B 256 25.32 13.40 20.56
N ASP B 257 25.27 13.85 19.31
CA ASP B 257 26.32 13.52 18.32
C ASP B 257 27.67 14.17 18.65
N GLN B 258 27.67 15.32 19.32
CA GLN B 258 28.91 15.95 19.84
C GLN B 258 29.71 15.01 20.77
N TYR B 259 29.06 14.52 21.82
CA TYR B 259 29.70 13.62 22.80
C TYR B 259 29.93 12.18 22.29
N LEU B 260 29.23 11.80 21.22
CA LEU B 260 29.52 10.54 20.52
C LEU B 260 30.85 10.66 19.78
N MET B 261 30.92 11.64 18.86
CA MET B 261 32.03 11.73 17.90
C MET B 261 33.36 12.24 18.50
N TRP B 262 33.31 12.80 19.72
CA TRP B 262 34.53 13.06 20.48
C TRP B 262 35.16 11.75 20.94
N LEU B 263 34.34 10.88 21.55
CA LEU B 263 34.79 9.57 22.06
C LEU B 263 35.37 8.66 20.97
N THR B 264 34.83 8.74 19.75
CA THR B 264 35.39 8.03 18.60
C THR B 264 36.47 8.89 17.93
N GLU B 275 26.45 -0.05 26.14
CA GLU B 275 26.35 -0.38 27.57
C GLU B 275 25.16 0.35 28.20
N TRP B 276 25.18 1.67 28.08
CA TRP B 276 24.20 2.55 28.72
C TRP B 276 22.90 2.51 27.91
N LEU B 277 23.05 2.71 26.61
CA LEU B 277 21.97 3.04 25.70
C LEU B 277 21.53 1.81 24.92
F3 71N C . -3.28 -10.15 -25.82
F1 71N C . -4.28 -9.51 -24.02
F2 71N C . -2.34 -8.71 -24.53
C12 71N C . -1.79 -12.82 -23.21
C11 71N C . -1.49 -14.17 -23.05
C8 71N C . -0.52 -12.28 -21.20
C7 71N C . -1.31 -11.87 -22.29
C9 71N C . -0.23 -13.65 -21.04
C10 71N C . -0.71 -14.58 -21.96
C4 71N C . -2.43 -10.88 -23.78
C1 71N C . -3.10 -9.79 -24.56
N5 71N C . -1.73 -10.66 -22.67
N6 71N C . -2.51 -12.18 -24.16
N13 71N C . -0.40 -16.02 -21.79
#